data_1UG8
#
_entry.id   1UG8
#
_cell.length_a   1.000
_cell.length_b   1.000
_cell.length_c   1.000
_cell.angle_alpha   90.00
_cell.angle_beta   90.00
_cell.angle_gamma   90.00
#
_symmetry.space_group_name_H-M   'P 1'
#
_entity_poly.entity_id   1
_entity_poly.type   'polypeptide(L)'
_entity_poly.pdbx_seq_one_letter_code
;GSSGSSGDQKKFIDQVIEKIEDFLQSEEKRSLELDPCTGFQRKLIYQTLSWKYPKGIHVETLETDKKERHIVISKVDEEE
RSGPSSG
;
_entity_poly.pdbx_strand_id   A
#
# COMPACT_ATOMS: atom_id res chain seq x y z
N GLY A 1 20.86 7.47 -13.81
CA GLY A 1 20.95 6.04 -14.08
C GLY A 1 19.57 5.38 -14.02
N SER A 2 19.08 5.23 -12.80
CA SER A 2 17.77 4.61 -12.61
C SER A 2 17.75 3.23 -13.26
N SER A 3 18.25 2.24 -12.52
CA SER A 3 18.28 0.88 -13.02
C SER A 3 18.53 -0.09 -11.87
N GLY A 4 19.60 0.18 -11.13
CA GLY A 4 19.96 -0.66 -10.00
C GLY A 4 18.93 -0.52 -8.87
N SER A 5 18.80 0.70 -8.37
CA SER A 5 17.86 0.98 -7.29
C SER A 5 16.44 0.61 -7.74
N SER A 6 16.06 1.16 -8.88
CA SER A 6 14.73 0.92 -9.42
C SER A 6 14.44 -0.59 -9.42
N GLY A 7 15.33 -1.34 -10.06
CA GLY A 7 15.17 -2.78 -10.14
C GLY A 7 15.25 -3.41 -8.75
N ASP A 8 15.86 -2.67 -7.82
CA ASP A 8 16.01 -3.15 -6.46
C ASP A 8 14.68 -3.00 -5.72
N GLN A 9 14.08 -1.83 -5.88
CA GLN A 9 12.80 -1.55 -5.24
C GLN A 9 11.67 -2.25 -5.99
N LYS A 10 11.99 -2.73 -7.18
CA LYS A 10 11.02 -3.42 -8.00
C LYS A 10 10.68 -4.78 -7.36
N LYS A 11 11.73 -5.44 -6.91
CA LYS A 11 11.57 -6.74 -6.27
C LYS A 11 10.87 -6.57 -4.93
N PHE A 12 11.27 -5.51 -4.23
CA PHE A 12 10.69 -5.22 -2.93
C PHE A 12 9.20 -4.89 -3.05
N ILE A 13 8.91 -3.93 -3.90
CA ILE A 13 7.54 -3.50 -4.12
C ILE A 13 6.70 -4.71 -4.56
N ASP A 14 7.24 -5.43 -5.54
CA ASP A 14 6.56 -6.60 -6.06
C ASP A 14 6.18 -7.53 -4.90
N GLN A 15 7.18 -7.85 -4.09
CA GLN A 15 6.96 -8.72 -2.95
C GLN A 15 5.77 -8.23 -2.12
N VAL A 16 5.66 -6.91 -2.01
CA VAL A 16 4.56 -6.31 -1.27
C VAL A 16 3.25 -6.56 -2.00
N ILE A 17 3.25 -6.26 -3.29
CA ILE A 17 2.07 -6.45 -4.11
C ILE A 17 1.40 -7.76 -3.71
N GLU A 18 2.17 -8.84 -3.80
CA GLU A 18 1.66 -10.15 -3.46
C GLU A 18 0.81 -10.08 -2.19
N LYS A 19 1.38 -9.50 -1.15
CA LYS A 19 0.69 -9.37 0.11
C LYS A 19 -0.66 -8.67 -0.12
N ILE A 20 -0.60 -7.60 -0.92
CA ILE A 20 -1.80 -6.85 -1.23
C ILE A 20 -2.81 -7.75 -1.92
N GLU A 21 -2.37 -8.33 -3.03
CA GLU A 21 -3.23 -9.23 -3.80
C GLU A 21 -3.98 -10.18 -2.86
N ASP A 22 -3.21 -10.92 -2.08
CA ASP A 22 -3.77 -11.86 -1.14
C ASP A 22 -4.83 -11.16 -0.28
N PHE A 23 -4.42 -10.05 0.31
CA PHE A 23 -5.32 -9.28 1.15
C PHE A 23 -6.59 -8.90 0.39
N LEU A 24 -6.40 -8.55 -0.87
CA LEU A 24 -7.52 -8.17 -1.71
C LEU A 24 -8.41 -9.39 -1.96
N GLN A 25 -7.76 -10.53 -2.14
CA GLN A 25 -8.47 -11.77 -2.39
C GLN A 25 -9.43 -12.07 -1.23
N SER A 26 -8.85 -12.19 -0.04
CA SER A 26 -9.63 -12.48 1.14
C SER A 26 -10.83 -11.52 1.22
N GLU A 27 -11.92 -12.05 1.76
CA GLU A 27 -13.14 -11.25 1.90
C GLU A 27 -13.18 -10.58 3.27
N GLU A 28 -13.16 -11.41 4.30
CA GLU A 28 -13.19 -10.92 5.66
C GLU A 28 -12.19 -9.77 5.83
N LYS A 29 -10.98 -10.00 5.36
CA LYS A 29 -9.93 -9.00 5.45
C LYS A 29 -10.52 -7.62 5.15
N ARG A 30 -10.30 -6.71 6.09
CA ARG A 30 -10.80 -5.35 5.93
C ARG A 30 -9.65 -4.37 5.78
N SER A 31 -8.55 -4.68 6.46
CA SER A 31 -7.36 -3.84 6.40
C SER A 31 -6.11 -4.70 6.50
N LEU A 32 -5.14 -4.36 5.66
CA LEU A 32 -3.88 -5.10 5.65
C LEU A 32 -2.80 -4.27 6.36
N GLU A 33 -1.82 -4.98 6.90
CA GLU A 33 -0.74 -4.33 7.61
C GLU A 33 0.61 -4.73 7.01
N LEU A 34 1.32 -3.73 6.50
CA LEU A 34 2.62 -3.96 5.90
C LEU A 34 3.72 -3.71 6.94
N ASP A 35 4.95 -4.01 6.53
CA ASP A 35 6.08 -3.82 7.41
C ASP A 35 6.45 -2.33 7.45
N PRO A 36 7.04 -1.91 8.60
CA PRO A 36 7.45 -0.53 8.78
C PRO A 36 8.71 -0.21 7.98
N CYS A 37 8.53 0.64 6.98
CA CYS A 37 9.65 1.04 6.13
C CYS A 37 10.56 1.96 6.93
N THR A 38 11.76 2.15 6.42
CA THR A 38 12.74 3.02 7.06
C THR A 38 12.55 4.47 6.63
N GLY A 39 12.13 4.63 5.39
CA GLY A 39 11.90 5.95 4.83
C GLY A 39 11.69 5.88 3.32
N PHE A 40 12.79 5.74 2.60
CA PHE A 40 12.72 5.65 1.14
C PHE A 40 11.68 4.63 0.70
N GLN A 41 11.93 3.39 1.06
CA GLN A 41 11.02 2.30 0.70
C GLN A 41 9.56 2.74 0.92
N ARG A 42 9.32 3.30 2.09
CA ARG A 42 7.98 3.76 2.44
C ARG A 42 7.40 4.59 1.29
N LYS A 43 8.17 5.57 0.85
CA LYS A 43 7.75 6.43 -0.24
C LYS A 43 7.45 5.58 -1.47
N LEU A 44 8.29 4.58 -1.69
CA LEU A 44 8.13 3.69 -2.82
C LEU A 44 6.73 3.07 -2.78
N ILE A 45 6.46 2.37 -1.71
CA ILE A 45 5.16 1.72 -1.53
C ILE A 45 4.06 2.69 -1.97
N TYR A 46 3.98 3.80 -1.25
CA TYR A 46 2.98 4.81 -1.56
C TYR A 46 3.02 5.20 -3.03
N GLN A 47 4.23 5.37 -3.54
CA GLN A 47 4.42 5.74 -4.94
C GLN A 47 3.75 4.71 -5.84
N THR A 48 4.12 3.44 -5.64
CA THR A 48 3.56 2.36 -6.43
C THR A 48 2.05 2.32 -6.29
N LEU A 49 1.60 2.09 -5.06
CA LEU A 49 0.18 2.02 -4.79
C LEU A 49 -0.52 3.25 -5.38
N SER A 50 0.27 4.29 -5.56
CA SER A 50 -0.25 5.54 -6.11
C SER A 50 -0.95 5.26 -7.45
N TRP A 51 -0.32 4.41 -8.25
CA TRP A 51 -0.87 4.06 -9.54
C TRP A 51 -1.32 2.60 -9.48
N LYS A 52 -0.61 1.82 -8.68
CA LYS A 52 -0.94 0.41 -8.51
C LYS A 52 -2.36 0.28 -7.97
N TYR A 53 -2.70 1.17 -7.05
CA TYR A 53 -4.02 1.17 -6.45
C TYR A 53 -4.41 2.57 -5.98
N PRO A 54 -4.86 3.40 -6.96
CA PRO A 54 -5.28 4.76 -6.66
C PRO A 54 -6.64 4.78 -5.97
N LYS A 55 -7.58 4.06 -6.57
CA LYS A 55 -8.92 3.98 -6.02
C LYS A 55 -9.30 2.51 -5.78
N GLY A 56 -9.60 2.21 -4.54
CA GLY A 56 -9.98 0.85 -4.17
C GLY A 56 -9.51 0.52 -2.75
N ILE A 57 -8.34 1.04 -2.41
CA ILE A 57 -7.77 0.80 -1.09
C ILE A 57 -7.36 2.13 -0.48
N HIS A 58 -7.12 2.10 0.82
CA HIS A 58 -6.72 3.30 1.55
C HIS A 58 -5.44 3.01 2.35
N VAL A 59 -4.36 3.64 1.92
CA VAL A 59 -3.08 3.47 2.59
C VAL A 59 -2.95 4.50 3.71
N GLU A 60 -2.56 4.00 4.89
CA GLU A 60 -2.39 4.87 6.04
C GLU A 60 -1.18 4.42 6.87
N THR A 61 -0.55 5.40 7.51
CA THR A 61 0.61 5.12 8.33
C THR A 61 0.25 5.21 9.82
N LEU A 62 0.13 4.04 10.44
CA LEU A 62 -0.20 3.98 11.84
C LEU A 62 1.06 3.70 12.66
N GLU A 63 1.13 4.34 13.82
CA GLU A 63 2.28 4.18 14.70
C GLU A 63 1.83 3.70 16.08
N THR A 64 2.51 2.67 16.58
CA THR A 64 2.19 2.13 17.88
C THR A 64 3.43 2.13 18.78
N ASP A 65 3.49 1.14 19.66
CA ASP A 65 4.61 1.01 20.57
C ASP A 65 5.70 0.16 19.93
N LYS A 66 5.35 -1.08 19.65
CA LYS A 66 6.28 -2.01 19.04
C LYS A 66 6.09 -2.00 17.52
N LYS A 67 4.83 -1.88 17.13
CA LYS A 67 4.49 -1.86 15.71
C LYS A 67 5.04 -0.57 15.09
N GLU A 68 5.17 0.44 15.91
CA GLU A 68 5.68 1.73 15.45
C GLU A 68 5.01 2.12 14.14
N ARG A 69 5.57 3.15 13.51
CA ARG A 69 5.03 3.64 12.25
C ARG A 69 5.14 2.55 11.18
N HIS A 70 4.00 1.97 10.86
CA HIS A 70 3.95 0.92 9.85
C HIS A 70 2.82 1.22 8.86
N ILE A 71 3.07 0.85 7.62
CA ILE A 71 2.09 1.07 6.56
C ILE A 71 0.90 0.13 6.77
N VAL A 72 -0.29 0.67 6.57
CA VAL A 72 -1.51 -0.10 6.74
C VAL A 72 -2.47 0.23 5.60
N ILE A 73 -3.05 -0.81 5.03
CA ILE A 73 -3.99 -0.66 3.94
C ILE A 73 -5.41 -0.96 4.44
N SER A 74 -6.39 -0.40 3.76
CA SER A 74 -7.78 -0.60 4.12
C SER A 74 -8.62 -0.83 2.87
N LYS A 75 -9.80 -1.39 3.07
CA LYS A 75 -10.71 -1.66 1.97
C LYS A 75 -11.51 -0.40 1.65
N VAL A 76 -11.40 0.04 0.41
CA VAL A 76 -12.11 1.23 -0.03
C VAL A 76 -12.99 0.87 -1.24
N ASP A 77 -13.93 1.76 -1.52
CA ASP A 77 -14.84 1.55 -2.63
C ASP A 77 -14.95 2.84 -3.45
N GLU A 78 -15.36 2.68 -4.70
CA GLU A 78 -15.50 3.82 -5.58
C GLU A 78 -16.74 4.64 -5.20
N GLU A 79 -17.87 3.95 -5.15
CA GLU A 79 -19.13 4.60 -4.79
C GLU A 79 -18.95 5.46 -3.54
N GLU A 80 -18.56 4.80 -2.46
CA GLU A 80 -18.35 5.48 -1.20
C GLU A 80 -17.66 6.83 -1.44
N ARG A 81 -16.46 6.75 -2.01
CA ARG A 81 -15.69 7.94 -2.29
C ARG A 81 -16.54 8.95 -3.08
N SER A 82 -16.54 10.18 -2.58
CA SER A 82 -17.30 11.24 -3.23
C SER A 82 -16.74 11.52 -4.62
N GLY A 83 -15.42 11.69 -4.66
CA GLY A 83 -14.74 11.96 -5.92
C GLY A 83 -13.55 12.91 -5.70
N PRO A 84 -13.32 13.78 -6.72
CA PRO A 84 -12.23 14.74 -6.64
C PRO A 84 -12.55 15.88 -5.68
N SER A 85 -11.55 16.27 -4.92
CA SER A 85 -11.72 17.34 -3.95
C SER A 85 -11.90 18.67 -4.68
N SER A 86 -10.88 19.03 -5.45
CA SER A 86 -10.91 20.27 -6.20
C SER A 86 -12.31 20.50 -6.77
N GLY A 87 -12.72 19.58 -7.63
CA GLY A 87 -14.03 19.67 -8.24
C GLY A 87 -13.98 20.50 -9.53
N GLY A 1 13.66 -1.79 -19.31
CA GLY A 1 14.94 -1.28 -19.75
C GLY A 1 16.08 -1.80 -18.86
N SER A 2 16.79 -0.85 -18.26
CA SER A 2 17.90 -1.20 -17.38
C SER A 2 17.97 -0.21 -16.21
N SER A 3 17.38 -0.61 -15.10
CA SER A 3 17.38 0.23 -13.91
C SER A 3 17.98 -0.52 -12.73
N GLY A 4 18.78 0.19 -11.96
CA GLY A 4 19.42 -0.40 -10.80
C GLY A 4 18.51 -0.34 -9.57
N SER A 5 18.26 0.88 -9.12
CA SER A 5 17.41 1.09 -7.97
C SER A 5 15.99 0.61 -8.27
N SER A 6 15.40 1.21 -9.29
CA SER A 6 14.04 0.85 -9.69
C SER A 6 13.87 -0.66 -9.65
N GLY A 7 14.72 -1.35 -10.42
CA GLY A 7 14.66 -2.79 -10.48
C GLY A 7 14.83 -3.41 -9.08
N ASP A 8 15.59 -2.71 -8.25
CA ASP A 8 15.83 -3.18 -6.90
C ASP A 8 14.54 -3.11 -6.10
N GLN A 9 13.96 -1.92 -6.06
CA GLN A 9 12.71 -1.72 -5.34
C GLN A 9 11.58 -2.51 -6.00
N LYS A 10 11.77 -2.80 -7.27
CA LYS A 10 10.77 -3.55 -8.02
C LYS A 10 10.53 -4.89 -7.33
N LYS A 11 11.62 -5.52 -6.92
CA LYS A 11 11.54 -6.81 -6.26
C LYS A 11 10.86 -6.63 -4.90
N PHE A 12 11.26 -5.58 -4.20
CA PHE A 12 10.71 -5.29 -2.89
C PHE A 12 9.20 -4.98 -2.99
N ILE A 13 8.90 -3.98 -3.82
CA ILE A 13 7.52 -3.58 -4.01
C ILE A 13 6.70 -4.80 -4.46
N ASP A 14 7.16 -5.43 -5.51
CA ASP A 14 6.48 -6.60 -6.05
C ASP A 14 6.10 -7.53 -4.90
N GLN A 15 7.09 -7.88 -4.10
CA GLN A 15 6.88 -8.76 -2.96
C GLN A 15 5.69 -8.26 -2.13
N VAL A 16 5.62 -6.95 -1.98
CA VAL A 16 4.54 -6.35 -1.21
C VAL A 16 3.22 -6.54 -1.97
N ILE A 17 3.25 -6.21 -3.25
CA ILE A 17 2.07 -6.34 -4.08
C ILE A 17 1.36 -7.66 -3.75
N GLU A 18 2.14 -8.71 -3.63
CA GLU A 18 1.60 -10.02 -3.31
C GLU A 18 0.73 -9.94 -2.05
N LYS A 19 1.26 -9.23 -1.05
CA LYS A 19 0.54 -9.07 0.20
C LYS A 19 -0.82 -8.40 -0.07
N ILE A 20 -0.77 -7.33 -0.84
CA ILE A 20 -1.97 -6.60 -1.18
C ILE A 20 -2.94 -7.52 -1.92
N GLU A 21 -2.47 -8.04 -3.05
CA GLU A 21 -3.28 -8.93 -3.85
C GLU A 21 -3.96 -9.97 -2.96
N ASP A 22 -3.13 -10.75 -2.28
CA ASP A 22 -3.64 -11.78 -1.39
C ASP A 22 -4.68 -11.18 -0.44
N PHE A 23 -4.29 -10.07 0.18
CA PHE A 23 -5.18 -9.38 1.11
C PHE A 23 -6.51 -9.02 0.43
N LEU A 24 -6.40 -8.63 -0.83
CA LEU A 24 -7.59 -8.26 -1.60
C LEU A 24 -8.42 -9.51 -1.89
N GLN A 25 -7.72 -10.60 -2.16
CA GLN A 25 -8.37 -11.85 -2.46
C GLN A 25 -9.26 -12.27 -1.29
N SER A 26 -8.70 -12.20 -0.09
CA SER A 26 -9.44 -12.57 1.11
C SER A 26 -10.65 -11.66 1.27
N GLU A 27 -11.72 -12.24 1.80
CA GLU A 27 -12.95 -11.49 2.02
C GLU A 27 -12.97 -10.91 3.43
N GLU A 28 -12.88 -11.80 4.41
CA GLU A 28 -12.89 -11.39 5.81
C GLU A 28 -11.93 -10.21 6.01
N LYS A 29 -10.79 -10.29 5.35
CA LYS A 29 -9.78 -9.25 5.45
C LYS A 29 -10.42 -7.90 5.14
N ARG A 30 -10.24 -6.96 6.05
CA ARG A 30 -10.78 -5.62 5.89
C ARG A 30 -9.66 -4.60 5.78
N SER A 31 -8.59 -4.87 6.49
CA SER A 31 -7.43 -3.97 6.49
C SER A 31 -6.15 -4.78 6.62
N LEU A 32 -5.21 -4.51 5.73
CA LEU A 32 -3.93 -5.20 5.74
C LEU A 32 -2.90 -4.34 6.46
N GLU A 33 -1.92 -5.01 7.05
CA GLU A 33 -0.86 -4.31 7.77
C GLU A 33 0.51 -4.71 7.22
N LEU A 34 1.26 -3.71 6.81
CA LEU A 34 2.59 -3.93 6.26
C LEU A 34 3.63 -3.68 7.35
N ASP A 35 4.88 -3.94 7.00
CA ASP A 35 5.98 -3.74 7.93
C ASP A 35 6.49 -2.31 7.80
N PRO A 36 7.05 -1.79 8.93
CA PRO A 36 7.58 -0.45 8.96
C PRO A 36 8.92 -0.36 8.23
N CYS A 37 8.95 0.48 7.21
CA CYS A 37 10.16 0.67 6.42
C CYS A 37 11.02 1.73 7.10
N THR A 38 12.18 1.97 6.50
CA THR A 38 13.10 2.97 7.03
C THR A 38 12.74 4.36 6.54
N GLY A 39 12.04 4.39 5.41
CA GLY A 39 11.61 5.65 4.82
C GLY A 39 11.56 5.55 3.29
N PHE A 40 12.74 5.39 2.71
CA PHE A 40 12.84 5.27 1.25
C PHE A 40 11.75 4.36 0.70
N GLN A 41 11.81 3.11 1.10
CA GLN A 41 10.85 2.13 0.64
C GLN A 41 9.42 2.65 0.86
N ARG A 42 9.20 3.20 2.04
CA ARG A 42 7.90 3.74 2.39
C ARG A 42 7.34 4.57 1.23
N LYS A 43 8.20 5.44 0.70
CA LYS A 43 7.81 6.29 -0.41
C LYS A 43 7.57 5.42 -1.66
N LEU A 44 8.39 4.38 -1.77
CA LEU A 44 8.28 3.48 -2.90
C LEU A 44 6.91 2.82 -2.90
N ILE A 45 6.47 2.42 -1.71
CA ILE A 45 5.18 1.79 -1.57
C ILE A 45 4.08 2.75 -2.02
N TYR A 46 4.15 3.97 -1.51
CA TYR A 46 3.17 4.99 -1.86
C TYR A 46 3.21 5.28 -3.36
N GLN A 47 4.41 5.52 -3.86
CA GLN A 47 4.59 5.81 -5.27
C GLN A 47 3.86 4.77 -6.13
N THR A 48 4.16 3.51 -5.86
CA THR A 48 3.55 2.41 -6.59
C THR A 48 2.03 2.47 -6.45
N LEU A 49 1.57 2.24 -5.22
CA LEU A 49 0.14 2.25 -4.94
C LEU A 49 -0.47 3.52 -5.54
N SER A 50 0.37 4.53 -5.72
CA SER A 50 -0.09 5.78 -6.29
C SER A 50 -0.82 5.53 -7.61
N TRP A 51 -0.23 4.65 -8.41
CA TRP A 51 -0.81 4.31 -9.70
C TRP A 51 -1.33 2.88 -9.62
N LYS A 52 -0.63 2.07 -8.83
CA LYS A 52 -1.01 0.68 -8.65
C LYS A 52 -2.44 0.60 -8.12
N TYR A 53 -2.67 1.31 -7.03
CA TYR A 53 -3.99 1.33 -6.41
C TYR A 53 -4.34 2.73 -5.92
N PRO A 54 -4.70 3.62 -6.89
CA PRO A 54 -5.06 4.98 -6.56
C PRO A 54 -6.46 5.05 -5.94
N LYS A 55 -7.37 4.29 -6.53
CA LYS A 55 -8.74 4.26 -6.05
C LYS A 55 -9.18 2.81 -5.88
N GLY A 56 -9.54 2.46 -4.65
CA GLY A 56 -9.98 1.11 -4.34
C GLY A 56 -9.57 0.70 -2.92
N ILE A 57 -8.41 1.20 -2.51
CA ILE A 57 -7.90 0.90 -1.19
C ILE A 57 -7.50 2.20 -0.49
N HIS A 58 -7.33 2.11 0.82
CA HIS A 58 -6.96 3.27 1.60
C HIS A 58 -5.70 2.96 2.42
N VAL A 59 -4.62 3.63 2.06
CA VAL A 59 -3.35 3.43 2.73
C VAL A 59 -3.20 4.48 3.84
N GLU A 60 -2.78 4.01 5.01
CA GLU A 60 -2.59 4.89 6.15
C GLU A 60 -1.39 4.45 6.97
N THR A 61 -0.70 5.44 7.53
CA THR A 61 0.47 5.17 8.34
C THR A 61 0.13 5.27 9.83
N LEU A 62 0.05 4.11 10.46
CA LEU A 62 -0.27 4.05 11.89
C LEU A 62 1.01 3.77 12.68
N GLU A 63 1.10 4.41 13.83
CA GLU A 63 2.26 4.24 14.69
C GLU A 63 1.83 3.78 16.09
N THR A 64 2.48 2.73 16.56
CA THR A 64 2.17 2.18 17.87
C THR A 64 3.41 2.22 18.76
N ASP A 65 3.51 1.22 19.62
CA ASP A 65 4.63 1.13 20.54
C ASP A 65 5.73 0.26 19.90
N LYS A 66 5.39 -0.99 19.67
CA LYS A 66 6.33 -1.92 19.06
C LYS A 66 6.14 -1.91 17.54
N LYS A 67 4.89 -1.85 17.12
CA LYS A 67 4.57 -1.83 15.71
C LYS A 67 5.25 -0.64 15.05
N GLU A 68 5.11 0.51 15.71
CA GLU A 68 5.70 1.74 15.19
C GLU A 68 5.05 2.14 13.87
N ARG A 69 5.44 3.29 13.38
CA ARG A 69 4.91 3.81 12.13
C ARG A 69 5.00 2.73 11.04
N HIS A 70 3.89 2.04 10.83
CA HIS A 70 3.83 0.99 9.84
C HIS A 70 2.70 1.29 8.85
N ILE A 71 2.96 0.95 7.58
CA ILE A 71 1.97 1.16 6.54
C ILE A 71 0.81 0.19 6.73
N VAL A 72 -0.40 0.74 6.64
CA VAL A 72 -1.60 -0.05 6.80
C VAL A 72 -2.56 0.23 5.64
N ILE A 73 -3.14 -0.84 5.11
CA ILE A 73 -4.07 -0.73 4.00
C ILE A 73 -5.47 -1.09 4.48
N SER A 74 -6.46 -0.51 3.80
CA SER A 74 -7.85 -0.76 4.15
C SER A 74 -8.67 -0.99 2.87
N LYS A 75 -9.83 -1.60 3.07
CA LYS A 75 -10.72 -1.87 1.94
C LYS A 75 -11.55 -0.63 1.64
N VAL A 76 -11.48 -0.19 0.39
CA VAL A 76 -12.22 0.98 -0.04
C VAL A 76 -13.07 0.62 -1.27
N ASP A 77 -14.02 1.48 -1.56
CA ASP A 77 -14.90 1.27 -2.71
C ASP A 77 -15.18 2.62 -3.38
N GLU A 78 -15.44 2.55 -4.68
CA GLU A 78 -15.72 3.74 -5.45
C GLU A 78 -16.73 4.62 -4.71
N GLU A 79 -17.95 4.10 -4.60
CA GLU A 79 -19.01 4.83 -3.92
C GLU A 79 -18.47 5.49 -2.66
N GLU A 80 -17.89 4.66 -1.80
CA GLU A 80 -17.33 5.15 -0.55
C GLU A 80 -16.66 6.51 -0.76
N ARG A 81 -15.69 6.52 -1.66
CA ARG A 81 -14.97 7.74 -1.97
C ARG A 81 -15.94 8.86 -2.35
N SER A 82 -15.60 10.07 -1.93
CA SER A 82 -16.43 11.22 -2.23
C SER A 82 -15.87 11.97 -3.44
N GLY A 83 -14.56 12.16 -3.43
CA GLY A 83 -13.89 12.87 -4.51
C GLY A 83 -14.12 12.15 -5.84
N PRO A 84 -12.98 11.77 -6.49
CA PRO A 84 -13.04 11.08 -7.77
C PRO A 84 -13.46 9.63 -7.58
N SER A 85 -14.77 9.43 -7.45
CA SER A 85 -15.31 8.10 -7.26
C SER A 85 -15.41 7.39 -8.62
N SER A 86 -16.14 8.00 -9.53
CA SER A 86 -16.31 7.44 -10.86
C SER A 86 -14.96 7.03 -11.43
N GLY A 87 -14.08 8.01 -11.53
CA GLY A 87 -12.75 7.76 -12.06
C GLY A 87 -12.58 8.41 -13.44
N GLY A 1 23.55 1.36 -18.28
CA GLY A 1 22.38 0.58 -17.94
C GLY A 1 22.48 0.02 -16.53
N SER A 2 22.59 -1.29 -16.44
CA SER A 2 22.69 -1.95 -15.15
C SER A 2 21.67 -1.37 -14.18
N SER A 3 20.50 -2.01 -14.14
CA SER A 3 19.43 -1.57 -13.26
C SER A 3 19.34 -2.50 -12.06
N GLY A 4 20.22 -2.27 -11.09
CA GLY A 4 20.24 -3.08 -9.89
C GLY A 4 19.39 -2.45 -8.79
N SER A 5 19.81 -1.27 -8.36
CA SER A 5 19.09 -0.55 -7.32
C SER A 5 17.58 -0.67 -7.55
N SER A 6 17.13 -0.06 -8.63
CA SER A 6 15.71 -0.10 -8.98
C SER A 6 15.15 -1.50 -8.70
N GLY A 7 15.81 -2.49 -9.25
CA GLY A 7 15.39 -3.87 -9.07
C GLY A 7 15.11 -4.17 -7.60
N ASP A 8 15.98 -3.66 -6.74
CA ASP A 8 15.83 -3.86 -5.31
C ASP A 8 14.46 -3.36 -4.87
N GLN A 9 14.09 -2.20 -5.40
CA GLN A 9 12.80 -1.60 -5.06
C GLN A 9 11.69 -2.25 -5.88
N LYS A 10 12.09 -2.99 -6.89
CA LYS A 10 11.14 -3.67 -7.77
C LYS A 10 10.74 -5.00 -7.13
N LYS A 11 11.76 -5.74 -6.70
CA LYS A 11 11.54 -7.03 -6.07
C LYS A 11 10.81 -6.82 -4.74
N PHE A 12 11.16 -5.74 -4.08
CA PHE A 12 10.55 -5.41 -2.80
C PHE A 12 9.08 -5.03 -2.96
N ILE A 13 8.86 -4.05 -3.82
CA ILE A 13 7.51 -3.58 -4.07
C ILE A 13 6.64 -4.76 -4.55
N ASP A 14 7.19 -5.49 -5.51
CA ASP A 14 6.48 -6.63 -6.06
C ASP A 14 6.02 -7.54 -4.93
N GLN A 15 6.98 -7.93 -4.09
CA GLN A 15 6.67 -8.78 -2.96
C GLN A 15 5.46 -8.26 -2.19
N VAL A 16 5.41 -6.94 -2.05
CA VAL A 16 4.32 -6.30 -1.35
C VAL A 16 3.02 -6.50 -2.14
N ILE A 17 3.10 -6.19 -3.42
CA ILE A 17 1.94 -6.34 -4.30
C ILE A 17 1.20 -7.63 -3.94
N GLU A 18 1.95 -8.72 -3.92
CA GLU A 18 1.38 -10.02 -3.60
C GLU A 18 0.57 -9.94 -2.31
N LYS A 19 1.21 -9.43 -1.27
CA LYS A 19 0.57 -9.30 0.02
C LYS A 19 -0.75 -8.54 -0.16
N ILE A 20 -0.72 -7.54 -1.03
CA ILE A 20 -1.90 -6.74 -1.29
C ILE A 20 -2.94 -7.59 -2.01
N GLU A 21 -2.58 -8.05 -3.19
CA GLU A 21 -3.47 -8.89 -3.99
C GLU A 21 -4.16 -9.92 -3.10
N ASP A 22 -3.34 -10.72 -2.43
CA ASP A 22 -3.85 -11.76 -1.55
C ASP A 22 -4.85 -11.13 -0.57
N PHE A 23 -4.39 -10.08 0.10
CA PHE A 23 -5.23 -9.39 1.07
C PHE A 23 -6.55 -8.95 0.42
N LEU A 24 -6.45 -8.50 -0.82
CA LEU A 24 -7.62 -8.05 -1.54
C LEU A 24 -8.51 -9.24 -1.87
N GLN A 25 -7.86 -10.36 -2.21
CA GLN A 25 -8.58 -11.57 -2.54
C GLN A 25 -9.44 -12.02 -1.36
N SER A 26 -8.85 -11.94 -0.17
CA SER A 26 -9.55 -12.33 1.04
C SER A 26 -10.78 -11.44 1.25
N GLU A 27 -11.82 -12.04 1.81
CA GLU A 27 -13.05 -11.32 2.07
C GLU A 27 -13.04 -10.73 3.48
N GLU A 28 -13.00 -11.63 4.45
CA GLU A 28 -12.98 -11.22 5.84
C GLU A 28 -12.01 -10.06 6.05
N LYS A 29 -10.82 -10.21 5.50
CA LYS A 29 -9.80 -9.19 5.60
C LYS A 29 -10.44 -7.82 5.43
N ARG A 30 -10.12 -6.92 6.36
CA ARG A 30 -10.66 -5.57 6.32
C ARG A 30 -9.54 -4.56 6.15
N SER A 31 -8.41 -4.85 6.79
CA SER A 31 -7.26 -3.97 6.71
C SER A 31 -5.97 -4.79 6.75
N LEU A 32 -5.04 -4.41 5.89
CA LEU A 32 -3.76 -5.10 5.81
C LEU A 32 -2.69 -4.27 6.49
N GLU A 33 -1.68 -4.95 7.01
CA GLU A 33 -0.59 -4.29 7.70
C GLU A 33 0.75 -4.68 7.07
N LEU A 34 1.44 -3.68 6.56
CA LEU A 34 2.73 -3.89 5.93
C LEU A 34 3.85 -3.60 6.93
N ASP A 35 5.06 -3.89 6.51
CA ASP A 35 6.23 -3.66 7.36
C ASP A 35 6.50 -2.16 7.45
N PRO A 36 7.01 -1.73 8.64
CA PRO A 36 7.32 -0.33 8.86
C PRO A 36 8.60 0.07 8.13
N CYS A 37 8.41 0.78 7.03
CA CYS A 37 9.55 1.24 6.23
C CYS A 37 10.38 2.20 7.08
N THR A 38 11.58 2.49 6.59
CA THR A 38 12.47 3.40 7.29
C THR A 38 12.31 4.83 6.77
N GLY A 39 11.64 4.94 5.63
CA GLY A 39 11.40 6.23 5.01
C GLY A 39 11.26 6.10 3.50
N PHE A 40 12.40 5.86 2.85
CA PHE A 40 12.40 5.71 1.40
C PHE A 40 11.47 4.58 0.96
N GLN A 41 11.78 3.39 1.42
CA GLN A 41 10.98 2.23 1.08
C GLN A 41 9.49 2.54 1.20
N ARG A 42 9.19 3.46 2.12
CA ARG A 42 7.81 3.87 2.34
C ARG A 42 7.27 4.62 1.13
N LYS A 43 8.03 5.63 0.71
CA LYS A 43 7.63 6.44 -0.44
C LYS A 43 7.49 5.53 -1.66
N LEU A 44 8.25 4.44 -1.65
CA LEU A 44 8.20 3.49 -2.74
C LEU A 44 6.82 2.84 -2.81
N ILE A 45 6.40 2.32 -1.67
CA ILE A 45 5.10 1.67 -1.57
C ILE A 45 4.02 2.64 -2.06
N TYR A 46 4.03 3.82 -1.48
CA TYR A 46 3.06 4.84 -1.83
C TYR A 46 3.11 5.15 -3.33
N GLN A 47 4.32 5.37 -3.82
CA GLN A 47 4.51 5.68 -5.22
C GLN A 47 3.85 4.60 -6.09
N THR A 48 4.19 3.36 -5.81
CA THR A 48 3.64 2.24 -6.56
C THR A 48 2.12 2.23 -6.44
N LEU A 49 1.65 2.07 -5.21
CA LEU A 49 0.23 2.04 -4.95
C LEU A 49 -0.43 3.28 -5.57
N SER A 50 0.39 4.29 -5.80
CA SER A 50 -0.09 5.53 -6.37
C SER A 50 -0.79 5.24 -7.71
N TRP A 51 -0.18 4.35 -8.47
CA TRP A 51 -0.73 3.98 -9.77
C TRP A 51 -1.24 2.54 -9.68
N LYS A 52 -0.56 1.76 -8.84
CA LYS A 52 -0.93 0.37 -8.66
C LYS A 52 -2.34 0.30 -8.08
N TYR A 53 -2.70 1.33 -7.34
CA TYR A 53 -4.02 1.40 -6.73
C TYR A 53 -4.38 2.83 -6.34
N PRO A 54 -4.88 3.60 -7.35
CA PRO A 54 -5.26 4.98 -7.12
C PRO A 54 -6.57 5.07 -6.35
N LYS A 55 -7.50 4.20 -6.73
CA LYS A 55 -8.80 4.17 -6.08
C LYS A 55 -9.25 2.71 -5.90
N GLY A 56 -9.30 2.29 -4.65
CA GLY A 56 -9.70 0.94 -4.33
C GLY A 56 -9.29 0.56 -2.91
N ILE A 57 -8.12 1.05 -2.51
CA ILE A 57 -7.61 0.78 -1.18
C ILE A 57 -7.24 2.10 -0.51
N HIS A 58 -7.03 2.01 0.80
CA HIS A 58 -6.67 3.19 1.58
C HIS A 58 -5.43 2.89 2.41
N VAL A 59 -4.35 3.60 2.09
CA VAL A 59 -3.09 3.42 2.80
C VAL A 59 -3.01 4.44 3.93
N GLU A 60 -2.57 3.96 5.09
CA GLU A 60 -2.43 4.81 6.25
C GLU A 60 -1.21 4.39 7.07
N THR A 61 -0.58 5.39 7.67
CA THR A 61 0.59 5.14 8.50
C THR A 61 0.23 5.17 9.98
N LEU A 62 0.17 3.98 10.57
CA LEU A 62 -0.16 3.85 11.97
C LEU A 62 1.12 3.64 12.78
N GLU A 63 1.15 4.27 13.95
CA GLU A 63 2.30 4.16 14.83
C GLU A 63 1.88 3.65 16.21
N THR A 64 2.57 2.61 16.65
CA THR A 64 2.27 2.02 17.95
C THR A 64 3.52 2.03 18.84
N ASP A 65 3.62 1.02 19.68
CA ASP A 65 4.75 0.91 20.59
C ASP A 65 5.85 0.07 19.92
N LYS A 66 5.50 -1.19 19.66
CA LYS A 66 6.44 -2.11 19.04
C LYS A 66 6.27 -2.05 17.52
N LYS A 67 5.01 -1.99 17.10
CA LYS A 67 4.70 -1.92 15.67
C LYS A 67 5.37 -0.71 15.06
N GLU A 68 5.20 0.43 15.72
CA GLU A 68 5.79 1.67 15.25
C GLU A 68 5.18 2.07 13.90
N ARG A 69 5.55 3.25 13.45
CA ARG A 69 5.06 3.76 12.18
C ARG A 69 5.15 2.68 11.10
N HIS A 70 4.02 2.06 10.83
CA HIS A 70 3.95 1.02 9.83
C HIS A 70 2.82 1.30 8.84
N ILE A 71 3.06 0.95 7.59
CA ILE A 71 2.07 1.17 6.55
C ILE A 71 0.91 0.19 6.75
N VAL A 72 -0.30 0.72 6.60
CA VAL A 72 -1.49 -0.10 6.75
C VAL A 72 -2.45 0.20 5.61
N ILE A 73 -3.03 -0.87 5.07
CA ILE A 73 -3.96 -0.74 3.96
C ILE A 73 -5.37 -1.10 4.45
N SER A 74 -6.35 -0.52 3.79
CA SER A 74 -7.74 -0.76 4.15
C SER A 74 -8.59 -0.96 2.89
N LYS A 75 -9.75 -1.55 3.07
CA LYS A 75 -10.65 -1.81 1.96
C LYS A 75 -11.43 -0.53 1.65
N VAL A 76 -11.35 -0.13 0.38
CA VAL A 76 -12.04 1.07 -0.06
C VAL A 76 -12.94 0.73 -1.25
N ASP A 77 -13.87 1.63 -1.54
CA ASP A 77 -14.79 1.43 -2.64
C ASP A 77 -14.97 2.76 -3.39
N GLU A 78 -15.34 2.64 -4.66
CA GLU A 78 -15.55 3.81 -5.49
C GLU A 78 -16.54 4.76 -4.82
N GLU A 79 -17.70 4.20 -4.47
CA GLU A 79 -18.74 4.99 -3.83
C GLU A 79 -18.22 5.58 -2.51
N GLU A 80 -17.31 4.86 -1.89
CA GLU A 80 -16.73 5.29 -0.64
C GLU A 80 -16.16 6.71 -0.78
N ARG A 81 -15.18 6.83 -1.65
CA ARG A 81 -14.55 8.13 -1.88
C ARG A 81 -15.59 9.15 -2.36
N SER A 82 -15.42 10.37 -1.91
CA SER A 82 -16.33 11.44 -2.28
C SER A 82 -15.93 12.01 -3.64
N GLY A 83 -14.65 12.28 -3.79
CA GLY A 83 -14.13 12.83 -5.03
C GLY A 83 -14.62 14.26 -5.25
N PRO A 84 -13.86 15.02 -6.08
CA PRO A 84 -14.21 16.39 -6.37
C PRO A 84 -15.39 16.46 -7.35
N SER A 85 -15.77 17.68 -7.69
CA SER A 85 -16.88 17.89 -8.61
C SER A 85 -16.38 17.80 -10.06
N SER A 86 -15.40 18.62 -10.37
CA SER A 86 -14.82 18.63 -11.70
C SER A 86 -13.79 17.51 -11.84
N GLY A 87 -12.80 17.54 -10.96
CA GLY A 87 -11.75 16.55 -10.97
C GLY A 87 -10.57 16.98 -10.11
N GLY A 1 10.95 1.50 -18.20
CA GLY A 1 12.21 0.89 -18.58
C GLY A 1 12.89 0.22 -17.38
N SER A 2 13.32 -1.01 -17.59
CA SER A 2 13.98 -1.76 -16.54
C SER A 2 15.28 -1.07 -16.14
N SER A 3 15.43 -0.88 -14.84
CA SER A 3 16.62 -0.23 -14.31
C SER A 3 17.15 -1.01 -13.10
N GLY A 4 18.42 -1.35 -13.17
CA GLY A 4 19.07 -2.09 -12.10
C GLY A 4 18.63 -1.56 -10.73
N SER A 5 19.03 -0.33 -10.45
CA SER A 5 18.69 0.29 -9.19
C SER A 5 17.25 -0.06 -8.81
N SER A 6 16.31 0.43 -9.61
CA SER A 6 14.90 0.18 -9.37
C SER A 6 14.68 -1.30 -9.07
N GLY A 7 15.25 -2.14 -9.93
CA GLY A 7 15.12 -3.57 -9.76
C GLY A 7 15.18 -3.97 -8.28
N ASP A 8 15.93 -3.19 -7.53
CA ASP A 8 16.08 -3.44 -6.10
C ASP A 8 14.72 -3.32 -5.43
N GLN A 9 14.17 -2.11 -5.48
CA GLN A 9 12.87 -1.85 -4.87
C GLN A 9 11.77 -2.59 -5.64
N LYS A 10 11.99 -2.71 -6.94
CA LYS A 10 11.03 -3.40 -7.80
C LYS A 10 10.69 -4.76 -7.20
N LYS A 11 11.73 -5.43 -6.71
CA LYS A 11 11.55 -6.74 -6.11
C LYS A 11 10.82 -6.59 -4.78
N PHE A 12 11.19 -5.55 -4.05
CA PHE A 12 10.58 -5.28 -2.76
C PHE A 12 9.08 -4.95 -2.91
N ILE A 13 8.82 -3.96 -3.74
CA ILE A 13 7.45 -3.53 -3.98
C ILE A 13 6.63 -4.74 -4.46
N ASP A 14 7.17 -5.43 -5.46
CA ASP A 14 6.50 -6.59 -6.01
C ASP A 14 6.08 -7.52 -4.87
N GLN A 15 7.06 -7.90 -4.07
CA GLN A 15 6.81 -8.78 -2.94
C GLN A 15 5.59 -8.31 -2.16
N VAL A 16 5.50 -6.99 -2.00
CA VAL A 16 4.39 -6.40 -1.28
C VAL A 16 3.09 -6.61 -2.06
N ILE A 17 3.16 -6.28 -3.35
CA ILE A 17 2.02 -6.44 -4.22
C ILE A 17 1.29 -7.74 -3.90
N GLU A 18 2.08 -8.82 -3.83
CA GLU A 18 1.52 -10.13 -3.53
C GLU A 18 0.70 -10.07 -2.25
N LYS A 19 1.33 -9.56 -1.19
CA LYS A 19 0.67 -9.46 0.10
C LYS A 19 -0.68 -8.74 -0.09
N ILE A 20 -0.66 -7.70 -0.91
CA ILE A 20 -1.85 -6.93 -1.18
C ILE A 20 -2.87 -7.82 -1.89
N GLU A 21 -2.46 -8.33 -3.04
CA GLU A 21 -3.33 -9.20 -3.83
C GLU A 21 -4.18 -10.07 -2.90
N ASP A 22 -3.51 -10.94 -2.17
CA ASP A 22 -4.19 -11.83 -1.25
C ASP A 22 -5.20 -11.04 -0.43
N PHE A 23 -4.68 -10.05 0.29
CA PHE A 23 -5.53 -9.22 1.12
C PHE A 23 -6.74 -8.71 0.34
N LEU A 24 -6.60 -8.71 -0.98
CA LEU A 24 -7.68 -8.26 -1.85
C LEU A 24 -8.52 -9.46 -2.28
N GLN A 25 -7.85 -10.60 -2.41
CA GLN A 25 -8.52 -11.82 -2.80
C GLN A 25 -9.29 -12.42 -1.62
N SER A 26 -9.00 -11.88 -0.45
CA SER A 26 -9.65 -12.35 0.77
C SER A 26 -10.90 -11.51 1.04
N GLU A 27 -11.87 -12.15 1.69
CA GLU A 27 -13.12 -11.48 2.02
C GLU A 27 -13.03 -10.86 3.41
N GLU A 28 -12.94 -11.73 4.42
CA GLU A 28 -12.85 -11.28 5.79
C GLU A 28 -11.90 -10.10 5.91
N LYS A 29 -10.71 -10.28 5.36
CA LYS A 29 -9.70 -9.24 5.39
C LYS A 29 -10.36 -7.89 5.13
N ARG A 30 -10.14 -6.97 6.05
CA ARG A 30 -10.69 -5.64 5.92
C ARG A 30 -9.58 -4.59 5.81
N SER A 31 -8.49 -4.86 6.52
CA SER A 31 -7.35 -3.95 6.50
C SER A 31 -6.06 -4.75 6.63
N LEU A 32 -5.15 -4.51 5.69
CA LEU A 32 -3.88 -5.20 5.69
C LEU A 32 -2.84 -4.35 6.43
N GLU A 33 -1.88 -5.03 7.04
CA GLU A 33 -0.84 -4.36 7.79
C GLU A 33 0.54 -4.81 7.29
N LEU A 34 1.29 -3.85 6.77
CA LEU A 34 2.62 -4.14 6.27
C LEU A 34 3.64 -3.86 7.36
N ASP A 35 4.91 -4.14 7.05
CA ASP A 35 5.99 -3.93 7.99
C ASP A 35 6.42 -2.46 7.93
N PRO A 36 6.98 -1.99 9.08
CA PRO A 36 7.44 -0.61 9.17
C PRO A 36 8.76 -0.42 8.42
N CYS A 37 8.71 0.44 7.42
CA CYS A 37 9.89 0.72 6.61
C CYS A 37 10.66 1.86 7.28
N THR A 38 11.86 2.10 6.77
CA THR A 38 12.71 3.16 7.29
C THR A 38 12.20 4.52 6.84
N GLY A 39 12.00 4.65 5.53
CA GLY A 39 11.51 5.89 4.97
C GLY A 39 11.46 5.81 3.44
N PHE A 40 12.61 5.50 2.85
CA PHE A 40 12.71 5.39 1.41
C PHE A 40 11.66 4.41 0.86
N GLN A 41 11.79 3.16 1.29
CA GLN A 41 10.87 2.12 0.85
C GLN A 41 9.43 2.59 1.02
N ARG A 42 9.15 3.12 2.19
CA ARG A 42 7.81 3.61 2.50
C ARG A 42 7.29 4.48 1.34
N LYS A 43 8.14 5.38 0.89
CA LYS A 43 7.78 6.27 -0.21
C LYS A 43 7.50 5.43 -1.46
N LEU A 44 8.29 4.37 -1.62
CA LEU A 44 8.13 3.49 -2.76
C LEU A 44 6.73 2.92 -2.78
N ILE A 45 6.34 2.34 -1.64
CA ILE A 45 5.02 1.76 -1.50
C ILE A 45 3.96 2.76 -1.96
N TYR A 46 4.05 3.95 -1.38
CA TYR A 46 3.11 5.02 -1.71
C TYR A 46 3.24 5.42 -3.18
N GLN A 47 4.47 5.38 -3.67
CA GLN A 47 4.74 5.74 -5.05
C GLN A 47 4.10 4.72 -5.99
N THR A 48 4.17 3.47 -5.59
CA THR A 48 3.59 2.40 -6.40
C THR A 48 2.07 2.38 -6.27
N LEU A 49 1.61 2.08 -5.06
CA LEU A 49 0.19 2.04 -4.79
C LEU A 49 -0.48 3.31 -5.32
N SER A 50 0.34 4.35 -5.45
CA SER A 50 -0.15 5.63 -5.94
C SER A 50 -0.84 5.43 -7.28
N TRP A 51 -0.23 4.60 -8.11
CA TRP A 51 -0.77 4.32 -9.44
C TRP A 51 -1.26 2.88 -9.45
N LYS A 52 -0.58 2.04 -8.67
CA LYS A 52 -0.95 0.64 -8.59
C LYS A 52 -2.39 0.51 -8.09
N TYR A 53 -2.74 1.40 -7.17
CA TYR A 53 -4.08 1.40 -6.61
C TYR A 53 -4.45 2.80 -6.09
N PRO A 54 -4.87 3.67 -7.04
CA PRO A 54 -5.26 5.02 -6.69
C PRO A 54 -6.64 5.05 -6.01
N LYS A 55 -7.60 4.43 -6.67
CA LYS A 55 -8.95 4.36 -6.15
C LYS A 55 -9.37 2.89 -6.01
N GLY A 56 -9.49 2.46 -4.77
CA GLY A 56 -9.89 1.09 -4.48
C GLY A 56 -9.50 0.69 -3.06
N ILE A 57 -8.36 1.20 -2.63
CA ILE A 57 -7.86 0.90 -1.29
C ILE A 57 -7.47 2.21 -0.60
N HIS A 58 -7.31 2.12 0.72
CA HIS A 58 -6.93 3.28 1.50
C HIS A 58 -5.69 2.95 2.34
N VAL A 59 -4.59 3.62 1.99
CA VAL A 59 -3.34 3.41 2.69
C VAL A 59 -3.21 4.44 3.82
N GLU A 60 -2.81 3.94 4.98
CA GLU A 60 -2.65 4.79 6.15
C GLU A 60 -1.46 4.32 6.99
N THR A 61 -0.78 5.30 7.58
CA THR A 61 0.38 4.99 8.41
C THR A 61 0.01 5.08 9.88
N LEU A 62 -0.14 3.90 10.49
CA LEU A 62 -0.50 3.84 11.90
C LEU A 62 0.78 3.82 12.75
N GLU A 63 0.67 4.37 13.94
CA GLU A 63 1.79 4.42 14.85
C GLU A 63 1.64 3.38 15.97
N THR A 64 2.77 2.86 16.41
CA THR A 64 2.77 1.86 17.47
C THR A 64 4.16 1.78 18.12
N ASP A 65 4.15 1.43 19.40
CA ASP A 65 5.39 1.30 20.14
C ASP A 65 6.05 -0.04 19.81
N LYS A 66 5.28 -0.89 19.15
CA LYS A 66 5.78 -2.20 18.76
C LYS A 66 6.30 -2.15 17.32
N LYS A 67 5.58 -1.39 16.50
CA LYS A 67 5.95 -1.24 15.10
C LYS A 67 6.67 0.09 14.90
N GLU A 68 5.92 1.16 15.14
CA GLU A 68 6.47 2.50 15.00
C GLU A 68 6.31 2.98 13.55
N ARG A 69 5.21 3.69 13.31
CA ARG A 69 4.94 4.21 11.99
C ARG A 69 5.01 3.09 10.95
N HIS A 70 3.91 2.35 10.85
CA HIS A 70 3.84 1.25 9.90
C HIS A 70 2.72 1.51 8.88
N ILE A 71 2.95 1.06 7.68
CA ILE A 71 1.97 1.23 6.60
C ILE A 71 0.84 0.23 6.79
N VAL A 72 -0.38 0.71 6.56
CA VAL A 72 -1.55 -0.13 6.70
C VAL A 72 -2.50 0.15 5.53
N ILE A 73 -3.06 -0.92 4.99
CA ILE A 73 -3.98 -0.82 3.88
C ILE A 73 -5.39 -1.15 4.36
N SER A 74 -6.37 -0.59 3.67
CA SER A 74 -7.77 -0.81 4.02
C SER A 74 -8.59 -1.04 2.75
N LYS A 75 -9.74 -1.66 2.94
CA LYS A 75 -10.63 -1.96 1.82
C LYS A 75 -11.51 -0.72 1.54
N VAL A 76 -11.43 -0.25 0.31
CA VAL A 76 -12.21 0.90 -0.10
C VAL A 76 -13.10 0.53 -1.29
N ASP A 77 -14.08 1.37 -1.55
CA ASP A 77 -15.00 1.13 -2.65
C ASP A 77 -15.22 2.44 -3.41
N GLU A 78 -15.49 2.31 -4.69
CA GLU A 78 -15.72 3.47 -5.54
C GLU A 78 -16.90 4.29 -5.00
N GLU A 79 -18.05 3.63 -4.92
CA GLU A 79 -19.24 4.28 -4.43
C GLU A 79 -18.94 5.09 -3.18
N GLU A 80 -18.32 4.43 -2.21
CA GLU A 80 -17.97 5.07 -0.97
C GLU A 80 -17.42 6.48 -1.23
N ARG A 81 -16.27 6.51 -1.88
CA ARG A 81 -15.63 7.78 -2.21
C ARG A 81 -16.60 8.68 -2.97
N SER A 82 -16.48 9.98 -2.70
CA SER A 82 -17.35 10.95 -3.35
C SER A 82 -16.73 11.38 -4.69
N GLY A 83 -15.44 11.65 -4.66
CA GLY A 83 -14.74 12.07 -5.86
C GLY A 83 -14.90 11.05 -6.98
N PRO A 84 -15.68 11.45 -8.02
CA PRO A 84 -15.93 10.58 -9.15
C PRO A 84 -14.71 10.49 -10.06
N SER A 85 -14.81 9.62 -11.05
CA SER A 85 -13.71 9.42 -11.99
C SER A 85 -13.85 10.40 -13.16
N SER A 86 -14.99 10.30 -13.84
CA SER A 86 -15.25 11.17 -14.98
C SER A 86 -15.05 12.64 -14.58
N GLY A 87 -15.85 13.06 -13.60
CA GLY A 87 -15.78 14.42 -13.12
C GLY A 87 -16.68 15.35 -13.96
N GLY A 1 15.32 6.62 -17.44
CA GLY A 1 15.94 5.30 -17.53
C GLY A 1 15.20 4.28 -16.66
N SER A 2 15.44 4.37 -15.36
CA SER A 2 14.82 3.47 -14.41
C SER A 2 14.82 2.05 -14.97
N SER A 3 15.87 1.32 -14.62
CA SER A 3 16.00 -0.05 -15.08
C SER A 3 16.56 -0.92 -13.95
N GLY A 4 17.70 -0.49 -13.42
CA GLY A 4 18.36 -1.21 -12.35
C GLY A 4 17.89 -0.70 -10.98
N SER A 5 18.26 0.53 -10.69
CA SER A 5 17.89 1.15 -9.43
C SER A 5 16.45 0.78 -9.07
N SER A 6 15.60 0.79 -10.08
CA SER A 6 14.20 0.47 -9.90
C SER A 6 14.04 -1.04 -9.66
N GLY A 7 14.59 -1.81 -10.59
CA GLY A 7 14.52 -3.26 -10.50
C GLY A 7 14.69 -3.73 -9.05
N ASP A 8 15.58 -3.04 -8.34
CA ASP A 8 15.85 -3.38 -6.96
C ASP A 8 14.55 -3.29 -6.15
N GLN A 9 14.01 -2.08 -6.10
CA GLN A 9 12.77 -1.85 -5.38
C GLN A 9 11.60 -2.56 -6.07
N LYS A 10 11.80 -2.84 -7.36
CA LYS A 10 10.78 -3.51 -8.14
C LYS A 10 10.43 -4.84 -7.49
N LYS A 11 11.48 -5.55 -7.09
CA LYS A 11 11.31 -6.85 -6.46
C LYS A 11 10.66 -6.66 -5.08
N PHE A 12 11.14 -5.66 -4.37
CA PHE A 12 10.62 -5.36 -3.05
C PHE A 12 9.14 -4.96 -3.13
N ILE A 13 8.88 -3.94 -3.93
CA ILE A 13 7.52 -3.46 -4.10
C ILE A 13 6.61 -4.62 -4.52
N ASP A 14 7.08 -5.35 -5.53
CA ASP A 14 6.33 -6.48 -6.03
C ASP A 14 5.95 -7.40 -4.87
N GLN A 15 6.96 -7.81 -4.12
CA GLN A 15 6.75 -8.69 -2.98
C GLN A 15 5.58 -8.18 -2.13
N VAL A 16 5.53 -6.86 -2.01
CA VAL A 16 4.48 -6.22 -1.22
C VAL A 16 3.14 -6.40 -1.93
N ILE A 17 3.16 -6.11 -3.23
CA ILE A 17 1.95 -6.22 -4.04
C ILE A 17 1.22 -7.52 -3.68
N GLU A 18 1.97 -8.61 -3.73
CA GLU A 18 1.40 -9.91 -3.40
C GLU A 18 0.61 -9.84 -2.09
N LYS A 19 1.28 -9.35 -1.06
CA LYS A 19 0.66 -9.22 0.24
C LYS A 19 -0.70 -8.52 0.08
N ILE A 20 -0.69 -7.46 -0.71
CA ILE A 20 -1.90 -6.69 -0.94
C ILE A 20 -2.91 -7.57 -1.69
N GLU A 21 -2.52 -8.01 -2.87
CA GLU A 21 -3.38 -8.84 -3.68
C GLU A 21 -4.13 -9.84 -2.80
N ASP A 22 -3.37 -10.62 -2.06
CA ASP A 22 -3.95 -11.62 -1.18
C ASP A 22 -5.00 -10.95 -0.28
N PHE A 23 -4.57 -9.88 0.37
CA PHE A 23 -5.46 -9.14 1.26
C PHE A 23 -6.68 -8.64 0.50
N LEU A 24 -6.51 -8.45 -0.79
CA LEU A 24 -7.59 -7.97 -1.64
C LEU A 24 -8.45 -9.16 -2.08
N GLN A 25 -7.90 -10.35 -1.89
CA GLN A 25 -8.60 -11.56 -2.27
C GLN A 25 -9.34 -12.14 -1.08
N SER A 26 -8.97 -11.66 0.10
CA SER A 26 -9.58 -12.12 1.34
C SER A 26 -10.88 -11.35 1.59
N GLU A 27 -11.97 -12.08 1.61
CA GLU A 27 -13.28 -11.48 1.84
C GLU A 27 -13.39 -11.01 3.29
N GLU A 28 -12.80 -11.79 4.18
CA GLU A 28 -12.83 -11.47 5.59
C GLU A 28 -11.92 -10.27 5.88
N LYS A 29 -10.67 -10.41 5.47
CA LYS A 29 -9.69 -9.35 5.68
C LYS A 29 -10.30 -8.00 5.26
N ARG A 30 -10.16 -7.03 6.13
CA ARG A 30 -10.68 -5.70 5.86
C ARG A 30 -9.54 -4.69 5.70
N SER A 31 -8.43 -5.01 6.34
CA SER A 31 -7.26 -4.15 6.28
C SER A 31 -5.98 -4.99 6.31
N LEU A 32 -4.91 -4.40 5.83
CA LEU A 32 -3.62 -5.08 5.80
C LEU A 32 -2.60 -4.26 6.58
N GLU A 33 -1.51 -4.93 6.95
CA GLU A 33 -0.46 -4.27 7.71
C GLU A 33 0.91 -4.60 7.10
N LEU A 34 1.59 -3.56 6.64
CA LEU A 34 2.90 -3.73 6.04
C LEU A 34 3.98 -3.44 7.08
N ASP A 35 5.19 -3.88 6.77
CA ASP A 35 6.31 -3.69 7.68
C ASP A 35 6.71 -2.21 7.68
N PRO A 36 7.22 -1.75 8.86
CA PRO A 36 7.64 -0.37 9.01
C PRO A 36 8.97 -0.13 8.28
N CYS A 37 8.86 0.44 7.09
CA CYS A 37 10.04 0.75 6.29
C CYS A 37 10.86 1.81 7.02
N THR A 38 11.96 2.20 6.40
CA THR A 38 12.84 3.19 6.98
C THR A 38 12.40 4.60 6.55
N GLY A 39 12.23 4.77 5.24
CA GLY A 39 11.82 6.04 4.69
C GLY A 39 11.67 5.96 3.17
N PHE A 40 12.78 5.66 2.52
CA PHE A 40 12.80 5.56 1.06
C PHE A 40 11.81 4.49 0.59
N GLN A 41 12.09 3.25 0.97
CA GLN A 41 11.24 2.14 0.59
C GLN A 41 9.78 2.47 0.87
N ARG A 42 9.58 3.33 1.86
CA ARG A 42 8.23 3.74 2.23
C ARG A 42 7.58 4.52 1.10
N LYS A 43 8.31 5.51 0.60
CA LYS A 43 7.82 6.35 -0.47
C LYS A 43 7.54 5.47 -1.70
N LEU A 44 8.31 4.40 -1.80
CA LEU A 44 8.16 3.47 -2.91
C LEU A 44 6.79 2.80 -2.84
N ILE A 45 6.46 2.33 -1.65
CA ILE A 45 5.18 1.67 -1.43
C ILE A 45 4.05 2.62 -1.84
N TYR A 46 4.15 3.84 -1.36
CA TYR A 46 3.15 4.85 -1.66
C TYR A 46 3.12 5.17 -3.16
N GLN A 47 4.29 5.52 -3.67
CA GLN A 47 4.42 5.84 -5.08
C GLN A 47 3.77 4.76 -5.94
N THR A 48 4.16 3.52 -5.68
CA THR A 48 3.62 2.39 -6.43
C THR A 48 2.10 2.36 -6.31
N LEU A 49 1.64 2.08 -5.10
CA LEU A 49 0.21 2.02 -4.83
C LEU A 49 -0.47 3.26 -5.41
N SER A 50 0.32 4.31 -5.57
CA SER A 50 -0.20 5.56 -6.12
C SER A 50 -0.87 5.29 -7.46
N TRP A 51 -0.22 4.44 -8.25
CA TRP A 51 -0.75 4.11 -9.57
C TRP A 51 -1.21 2.65 -9.53
N LYS A 52 -0.53 1.86 -8.71
CA LYS A 52 -0.86 0.46 -8.57
C LYS A 52 -2.29 0.33 -8.04
N TYR A 53 -2.65 1.28 -7.19
CA TYR A 53 -3.99 1.28 -6.60
C TYR A 53 -4.40 2.69 -6.19
N PRO A 54 -4.87 3.48 -7.20
CA PRO A 54 -5.31 4.84 -6.96
C PRO A 54 -6.66 4.86 -6.25
N LYS A 55 -7.52 3.94 -6.64
CA LYS A 55 -8.84 3.85 -6.06
C LYS A 55 -9.18 2.38 -5.80
N GLY A 56 -9.38 2.06 -4.53
CA GLY A 56 -9.71 0.70 -4.13
C GLY A 56 -9.23 0.42 -2.71
N ILE A 57 -8.08 0.99 -2.38
CA ILE A 57 -7.51 0.80 -1.05
C ILE A 57 -7.11 2.16 -0.47
N HIS A 58 -6.89 2.17 0.83
CA HIS A 58 -6.52 3.40 1.51
C HIS A 58 -5.28 3.14 2.39
N VAL A 59 -4.15 3.63 1.91
CA VAL A 59 -2.90 3.45 2.63
C VAL A 59 -2.85 4.43 3.79
N GLU A 60 -2.64 3.89 4.98
CA GLU A 60 -2.57 4.71 6.18
C GLU A 60 -1.36 4.32 7.02
N THR A 61 -0.82 5.30 7.73
CA THR A 61 0.33 5.07 8.58
C THR A 61 -0.07 5.10 10.05
N LEU A 62 -0.10 3.91 10.65
CA LEU A 62 -0.47 3.78 12.04
C LEU A 62 0.80 3.60 12.89
N GLU A 63 0.78 4.22 14.06
CA GLU A 63 1.91 4.13 14.97
C GLU A 63 1.46 3.59 16.33
N THR A 64 2.21 2.60 16.81
CA THR A 64 1.90 2.00 18.10
C THR A 64 3.15 1.95 18.98
N ASP A 65 3.29 0.86 19.70
CA ASP A 65 4.42 0.68 20.59
C ASP A 65 5.53 -0.08 19.85
N LYS A 66 5.20 -1.31 19.47
CA LYS A 66 6.15 -2.15 18.76
C LYS A 66 5.94 -1.99 17.25
N LYS A 67 4.67 -1.90 16.87
CA LYS A 67 4.31 -1.74 15.48
C LYS A 67 4.93 -0.45 14.94
N GLU A 68 4.77 0.61 15.71
CA GLU A 68 5.31 1.90 15.31
C GLU A 68 4.78 2.31 13.94
N ARG A 69 5.21 3.48 13.49
CA ARG A 69 4.79 3.99 12.21
C ARG A 69 4.89 2.90 11.14
N HIS A 70 3.78 2.20 10.94
CA HIS A 70 3.73 1.13 9.96
C HIS A 70 2.64 1.43 8.93
N ILE A 71 2.90 1.01 7.70
CA ILE A 71 1.94 1.22 6.62
C ILE A 71 0.80 0.21 6.75
N VAL A 72 -0.40 0.68 6.44
CA VAL A 72 -1.58 -0.16 6.51
C VAL A 72 -2.46 0.11 5.30
N ILE A 73 -2.98 -0.98 4.73
CA ILE A 73 -3.85 -0.89 3.58
C ILE A 73 -5.28 -1.27 3.97
N SER A 74 -6.16 -0.29 3.92
CA SER A 74 -7.56 -0.51 4.27
C SER A 74 -8.38 -0.72 3.00
N LYS A 75 -9.47 -1.46 3.16
CA LYS A 75 -10.36 -1.76 2.04
C LYS A 75 -11.19 -0.52 1.73
N VAL A 76 -11.20 -0.16 0.45
CA VAL A 76 -11.97 1.00 0.01
C VAL A 76 -12.84 0.60 -1.18
N ASP A 77 -13.99 1.25 -1.27
CA ASP A 77 -14.91 0.98 -2.36
C ASP A 77 -15.37 2.30 -2.99
N GLU A 78 -15.64 2.24 -4.29
CA GLU A 78 -16.07 3.41 -5.01
C GLU A 78 -17.32 4.01 -4.36
N GLU A 79 -18.38 3.22 -4.36
CA GLU A 79 -19.64 3.65 -3.78
C GLU A 79 -19.39 4.39 -2.46
N GLU A 80 -18.78 3.67 -1.53
CA GLU A 80 -18.48 4.24 -0.22
C GLU A 80 -17.77 5.59 -0.39
N ARG A 81 -16.56 5.51 -0.92
CA ARG A 81 -15.76 6.72 -1.14
C ARG A 81 -15.83 7.14 -2.60
N SER A 82 -16.49 8.26 -2.84
CA SER A 82 -16.64 8.78 -4.19
C SER A 82 -15.48 9.74 -4.50
N GLY A 83 -15.22 10.63 -3.56
CA GLY A 83 -14.15 11.59 -3.73
C GLY A 83 -14.69 12.94 -4.20
N PRO A 84 -13.85 13.65 -5.02
CA PRO A 84 -14.24 14.94 -5.54
C PRO A 84 -15.28 14.80 -6.67
N SER A 85 -16.42 15.42 -6.46
CA SER A 85 -17.50 15.37 -7.44
C SER A 85 -16.97 15.83 -8.80
N SER A 86 -15.87 16.56 -8.77
CA SER A 86 -15.26 17.08 -9.98
C SER A 86 -14.48 15.96 -10.68
N GLY A 87 -13.42 15.53 -10.01
CA GLY A 87 -12.59 14.47 -10.56
C GLY A 87 -11.51 15.04 -11.49
N GLY A 1 15.41 5.31 -17.27
CA GLY A 1 14.92 4.39 -16.26
C GLY A 1 15.59 3.02 -16.40
N SER A 2 14.90 2.01 -15.91
CA SER A 2 15.40 0.65 -15.97
C SER A 2 16.83 0.60 -15.42
N SER A 3 16.91 0.33 -14.12
CA SER A 3 18.20 0.26 -13.45
C SER A 3 18.11 -0.69 -12.27
N GLY A 4 19.27 -1.16 -11.84
CA GLY A 4 19.35 -2.08 -10.70
C GLY A 4 18.73 -1.46 -9.45
N SER A 5 19.17 -0.25 -9.14
CA SER A 5 18.67 0.46 -7.98
C SER A 5 17.16 0.35 -7.91
N SER A 6 16.52 0.61 -9.04
CA SER A 6 15.07 0.53 -9.13
C SER A 6 14.61 -0.92 -9.04
N GLY A 7 15.43 -1.80 -9.62
CA GLY A 7 15.11 -3.23 -9.61
C GLY A 7 15.00 -3.75 -8.18
N ASP A 8 15.96 -3.35 -7.35
CA ASP A 8 15.97 -3.78 -5.97
C ASP A 8 14.62 -3.45 -5.32
N GLN A 9 14.13 -2.25 -5.63
CA GLN A 9 12.86 -1.80 -5.09
C GLN A 9 11.70 -2.46 -5.83
N LYS A 10 11.96 -2.78 -7.09
CA LYS A 10 10.95 -3.42 -7.92
C LYS A 10 10.56 -4.75 -7.29
N LYS A 11 11.57 -5.51 -6.90
CA LYS A 11 11.33 -6.81 -6.29
C LYS A 11 10.59 -6.62 -4.96
N PHE A 12 11.10 -5.68 -4.17
CA PHE A 12 10.48 -5.40 -2.88
C PHE A 12 9.02 -5.00 -3.04
N ILE A 13 8.81 -3.91 -3.75
CA ILE A 13 7.47 -3.40 -3.99
C ILE A 13 6.57 -4.55 -4.45
N ASP A 14 7.13 -5.36 -5.34
CA ASP A 14 6.40 -6.50 -5.88
C ASP A 14 6.03 -7.45 -4.74
N GLN A 15 7.05 -7.83 -3.98
CA GLN A 15 6.85 -8.72 -2.86
C GLN A 15 5.70 -8.22 -1.97
N VAL A 16 5.47 -6.92 -2.05
CA VAL A 16 4.42 -6.30 -1.26
C VAL A 16 3.08 -6.46 -2.00
N ILE A 17 3.12 -6.22 -3.30
CA ILE A 17 1.93 -6.33 -4.11
C ILE A 17 1.21 -7.64 -3.79
N GLU A 18 1.94 -8.73 -3.98
CA GLU A 18 1.38 -10.05 -3.71
C GLU A 18 0.59 -10.04 -2.41
N LYS A 19 1.24 -9.57 -1.36
CA LYS A 19 0.62 -9.50 -0.05
C LYS A 19 -0.71 -8.74 -0.17
N ILE A 20 -0.69 -7.68 -0.94
CA ILE A 20 -1.88 -6.87 -1.15
C ILE A 20 -2.92 -7.70 -1.90
N GLU A 21 -2.55 -8.06 -3.13
CA GLU A 21 -3.44 -8.85 -3.97
C GLU A 21 -4.10 -9.95 -3.15
N ASP A 22 -3.28 -10.68 -2.41
CA ASP A 22 -3.77 -11.77 -1.58
C ASP A 22 -4.83 -11.23 -0.62
N PHE A 23 -4.48 -10.14 0.04
CA PHE A 23 -5.38 -9.52 0.99
C PHE A 23 -6.67 -9.07 0.30
N LEU A 24 -6.52 -8.55 -0.91
CA LEU A 24 -7.65 -8.08 -1.68
C LEU A 24 -8.46 -9.28 -2.17
N GLN A 25 -7.79 -10.42 -2.23
CA GLN A 25 -8.43 -11.64 -2.68
C GLN A 25 -9.35 -12.19 -1.59
N SER A 26 -8.86 -12.17 -0.37
CA SER A 26 -9.63 -12.66 0.77
C SER A 26 -10.87 -11.79 0.96
N GLU A 27 -11.92 -12.43 1.47
CA GLU A 27 -13.17 -11.73 1.72
C GLU A 27 -13.20 -11.18 3.15
N GLU A 28 -13.07 -12.09 4.10
CA GLU A 28 -13.08 -11.70 5.50
C GLU A 28 -12.15 -10.50 5.73
N LYS A 29 -10.92 -10.66 5.29
CA LYS A 29 -9.93 -9.60 5.45
C LYS A 29 -10.59 -8.24 5.15
N ARG A 30 -10.29 -7.29 6.01
CA ARG A 30 -10.84 -5.95 5.86
C ARG A 30 -9.72 -4.93 5.64
N SER A 31 -8.62 -5.13 6.37
CA SER A 31 -7.49 -4.24 6.26
C SER A 31 -6.18 -5.02 6.46
N LEU A 32 -5.21 -4.70 5.63
CA LEU A 32 -3.92 -5.37 5.71
C LEU A 32 -2.90 -4.45 6.39
N GLU A 33 -1.89 -5.06 6.96
CA GLU A 33 -0.85 -4.30 7.65
C GLU A 33 0.54 -4.77 7.19
N LEU A 34 1.27 -3.84 6.59
CA LEU A 34 2.61 -4.15 6.10
C LEU A 34 3.63 -3.89 7.22
N ASP A 35 4.87 -4.20 6.93
CA ASP A 35 5.94 -4.02 7.90
C ASP A 35 6.41 -2.56 7.86
N PRO A 36 6.97 -2.11 9.00
CA PRO A 36 7.45 -0.73 9.12
C PRO A 36 8.77 -0.56 8.35
N CYS A 37 8.71 0.26 7.31
CA CYS A 37 9.88 0.53 6.50
C CYS A 37 10.74 1.57 7.20
N THR A 38 11.96 1.73 6.71
CA THR A 38 12.88 2.69 7.30
C THR A 38 12.50 4.12 6.88
N GLY A 39 12.03 4.22 5.64
CA GLY A 39 11.63 5.52 5.11
C GLY A 39 11.54 5.48 3.59
N PHE A 40 12.69 5.27 2.97
CA PHE A 40 12.76 5.21 1.51
C PHE A 40 11.68 4.29 0.95
N GLN A 41 11.78 3.02 1.32
CA GLN A 41 10.81 2.03 0.86
C GLN A 41 9.39 2.50 1.14
N ARG A 42 9.23 3.20 2.26
CA ARG A 42 7.93 3.72 2.65
C ARG A 42 7.33 4.55 1.51
N LYS A 43 8.16 5.44 0.99
CA LYS A 43 7.72 6.30 -0.11
C LYS A 43 7.48 5.46 -1.36
N LEU A 44 8.24 4.37 -1.45
CA LEU A 44 8.12 3.48 -2.59
C LEU A 44 6.73 2.83 -2.58
N ILE A 45 6.38 2.26 -1.44
CA ILE A 45 5.09 1.61 -1.29
C ILE A 45 3.98 2.58 -1.69
N TYR A 46 4.09 3.80 -1.19
CA TYR A 46 3.11 4.82 -1.50
C TYR A 46 3.12 5.17 -2.98
N GLN A 47 4.30 5.53 -3.46
CA GLN A 47 4.46 5.89 -4.86
C GLN A 47 3.81 4.84 -5.76
N THR A 48 4.19 3.58 -5.53
CA THR A 48 3.66 2.49 -6.31
C THR A 48 2.13 2.45 -6.20
N LEU A 49 1.66 2.15 -5.00
CA LEU A 49 0.22 2.09 -4.75
C LEU A 49 -0.45 3.34 -5.32
N SER A 50 0.36 4.40 -5.43
CA SER A 50 -0.15 5.66 -5.96
C SER A 50 -0.78 5.44 -7.33
N TRP A 51 -0.14 4.59 -8.12
CA TRP A 51 -0.63 4.29 -9.45
C TRP A 51 -1.14 2.84 -9.44
N LYS A 52 -0.49 2.02 -8.63
CA LYS A 52 -0.86 0.62 -8.53
C LYS A 52 -2.30 0.51 -8.01
N TYR A 53 -2.66 1.45 -7.15
CA TYR A 53 -3.99 1.47 -6.58
C TYR A 53 -4.37 2.88 -6.12
N PRO A 54 -4.81 3.70 -7.11
CA PRO A 54 -5.21 5.08 -6.83
C PRO A 54 -6.56 5.12 -6.13
N LYS A 55 -7.50 4.35 -6.67
CA LYS A 55 -8.84 4.30 -6.13
C LYS A 55 -9.24 2.83 -5.91
N GLY A 56 -9.53 2.50 -4.67
CA GLY A 56 -9.93 1.14 -4.33
C GLY A 56 -9.48 0.79 -2.91
N ILE A 57 -8.34 1.32 -2.52
CA ILE A 57 -7.79 1.07 -1.20
C ILE A 57 -7.38 2.40 -0.56
N HIS A 58 -7.11 2.34 0.74
CA HIS A 58 -6.70 3.53 1.47
C HIS A 58 -5.46 3.21 2.30
N VAL A 59 -4.32 3.70 1.82
CA VAL A 59 -3.06 3.48 2.50
C VAL A 59 -2.95 4.43 3.69
N GLU A 60 -2.98 3.86 4.89
CA GLU A 60 -2.89 4.66 6.09
C GLU A 60 -1.59 4.33 6.84
N THR A 61 -1.09 5.33 7.56
CA THR A 61 0.14 5.18 8.31
C THR A 61 -0.13 5.31 9.81
N LEU A 62 -0.13 4.17 10.48
CA LEU A 62 -0.38 4.15 11.92
C LEU A 62 0.96 4.02 12.66
N GLU A 63 0.98 4.56 13.87
CA GLU A 63 2.17 4.52 14.69
C GLU A 63 1.87 3.87 16.04
N THR A 64 2.67 2.88 16.38
CA THR A 64 2.50 2.17 17.64
C THR A 64 3.65 2.48 18.59
N ASP A 65 3.98 1.50 19.42
CA ASP A 65 5.06 1.66 20.38
C ASP A 65 6.37 1.16 19.76
N LYS A 66 6.40 -0.14 19.49
CA LYS A 66 7.57 -0.75 18.91
C LYS A 66 7.38 -0.87 17.39
N LYS A 67 6.14 -1.17 17.00
CA LYS A 67 5.82 -1.31 15.60
C LYS A 67 6.10 0.00 14.87
N GLU A 68 5.93 1.09 15.60
CA GLU A 68 6.16 2.42 15.05
C GLU A 68 5.35 2.60 13.76
N ARG A 69 5.74 3.62 13.01
CA ARG A 69 5.06 3.92 11.75
C ARG A 69 4.97 2.66 10.89
N HIS A 70 3.75 2.17 10.75
CA HIS A 70 3.51 0.97 9.95
C HIS A 70 2.41 1.25 8.92
N ILE A 71 2.72 0.93 7.67
CA ILE A 71 1.77 1.14 6.60
C ILE A 71 0.62 0.14 6.73
N VAL A 72 -0.59 0.65 6.54
CA VAL A 72 -1.77 -0.19 6.64
C VAL A 72 -2.67 0.05 5.42
N ILE A 73 -3.23 -1.03 4.90
CA ILE A 73 -4.10 -0.95 3.74
C ILE A 73 -5.52 -1.30 4.17
N SER A 74 -6.43 -0.36 3.94
CA SER A 74 -7.82 -0.56 4.29
C SER A 74 -8.66 -0.72 3.02
N LYS A 75 -9.73 -1.49 3.14
CA LYS A 75 -10.62 -1.72 2.02
C LYS A 75 -11.44 -0.46 1.75
N VAL A 76 -11.43 -0.04 0.49
CA VAL A 76 -12.15 1.15 0.08
C VAL A 76 -13.06 0.80 -1.10
N ASP A 77 -14.02 1.68 -1.36
CA ASP A 77 -14.96 1.49 -2.45
C ASP A 77 -15.34 2.85 -3.03
N GLU A 78 -15.65 2.84 -4.32
CA GLU A 78 -16.04 4.06 -5.00
C GLU A 78 -17.38 4.56 -4.47
N GLU A 79 -18.37 3.68 -4.50
CA GLU A 79 -19.70 4.02 -4.02
C GLU A 79 -19.68 4.25 -2.51
N GLU A 80 -19.49 3.16 -1.78
CA GLU A 80 -19.46 3.23 -0.33
C GLU A 80 -18.63 4.44 0.12
N ARG A 81 -17.37 4.44 -0.27
CA ARG A 81 -16.46 5.52 0.08
C ARG A 81 -16.39 6.53 -1.05
N SER A 82 -16.82 7.75 -0.76
CA SER A 82 -16.81 8.82 -1.75
C SER A 82 -15.70 9.81 -1.41
N GLY A 83 -15.66 10.21 -0.16
CA GLY A 83 -14.66 11.17 0.30
C GLY A 83 -15.31 12.45 0.80
N PRO A 84 -14.92 12.86 2.04
CA PRO A 84 -15.46 14.06 2.64
C PRO A 84 -14.85 15.32 2.00
N SER A 85 -15.66 16.37 1.95
CA SER A 85 -15.21 17.62 1.37
C SER A 85 -14.65 18.53 2.46
N SER A 86 -15.33 18.53 3.59
CA SER A 86 -14.92 19.35 4.72
C SER A 86 -13.74 18.69 5.44
N GLY A 87 -13.80 17.37 5.53
CA GLY A 87 -12.75 16.61 6.19
C GLY A 87 -13.21 16.10 7.56
N GLY A 1 22.06 5.17 -10.35
CA GLY A 1 21.19 4.08 -10.77
C GLY A 1 20.48 4.41 -12.09
N SER A 2 20.10 3.36 -12.80
CA SER A 2 19.41 3.54 -14.08
C SER A 2 18.33 2.47 -14.24
N SER A 3 18.78 1.22 -14.19
CA SER A 3 17.86 0.10 -14.33
C SER A 3 17.99 -0.84 -13.13
N GLY A 4 19.18 -1.41 -13.01
CA GLY A 4 19.45 -2.34 -11.91
C GLY A 4 18.80 -1.86 -10.62
N SER A 5 19.18 -0.65 -10.21
CA SER A 5 18.65 -0.07 -8.98
C SER A 5 17.13 -0.29 -8.93
N SER A 6 16.44 0.35 -9.85
CA SER A 6 14.98 0.24 -9.91
C SER A 6 14.56 -1.20 -9.62
N GLY A 7 15.13 -2.11 -10.41
CA GLY A 7 14.81 -3.53 -10.25
C GLY A 7 14.72 -3.90 -8.77
N ASP A 8 15.77 -3.55 -8.03
CA ASP A 8 15.82 -3.85 -6.61
C ASP A 8 14.49 -3.45 -5.97
N GLN A 9 14.08 -2.22 -6.24
CA GLN A 9 12.84 -1.71 -5.70
C GLN A 9 11.64 -2.44 -6.32
N LYS A 10 11.73 -2.65 -7.63
CA LYS A 10 10.67 -3.34 -8.36
C LYS A 10 10.42 -4.70 -7.71
N LYS A 11 11.49 -5.27 -7.17
CA LYS A 11 11.39 -6.58 -6.53
C LYS A 11 10.67 -6.42 -5.19
N PHE A 12 11.27 -5.61 -4.32
CA PHE A 12 10.69 -5.37 -3.01
C PHE A 12 9.21 -5.00 -3.12
N ILE A 13 8.94 -3.99 -3.94
CA ILE A 13 7.57 -3.54 -4.14
C ILE A 13 6.70 -4.72 -4.58
N ASP A 14 7.17 -5.42 -5.61
CA ASP A 14 6.45 -6.56 -6.13
C ASP A 14 6.08 -7.49 -4.98
N GLN A 15 7.09 -7.90 -4.23
CA GLN A 15 6.88 -8.79 -3.10
C GLN A 15 5.70 -8.31 -2.26
N VAL A 16 5.63 -7.00 -2.09
CA VAL A 16 4.55 -6.40 -1.32
C VAL A 16 3.23 -6.58 -2.07
N ILE A 17 3.26 -6.22 -3.35
CA ILE A 17 2.07 -6.34 -4.18
C ILE A 17 1.36 -7.65 -3.86
N GLU A 18 2.14 -8.70 -3.70
CA GLU A 18 1.59 -10.01 -3.38
C GLU A 18 0.79 -9.94 -2.08
N LYS A 19 1.40 -9.33 -1.08
CA LYS A 19 0.75 -9.20 0.22
C LYS A 19 -0.60 -8.52 0.05
N ILE A 20 -0.62 -7.52 -0.83
CA ILE A 20 -1.83 -6.78 -1.10
C ILE A 20 -2.81 -7.68 -1.86
N GLU A 21 -2.40 -8.07 -3.05
CA GLU A 21 -3.22 -8.92 -3.89
C GLU A 21 -3.95 -9.97 -3.04
N ASP A 22 -3.17 -10.74 -2.30
CA ASP A 22 -3.73 -11.77 -1.44
C ASP A 22 -4.77 -11.14 -0.51
N PHE A 23 -4.34 -10.08 0.16
CA PHE A 23 -5.22 -9.37 1.08
C PHE A 23 -6.49 -8.90 0.38
N LEU A 24 -6.36 -8.67 -0.92
CA LEU A 24 -7.49 -8.22 -1.72
C LEU A 24 -8.30 -9.44 -2.18
N GLN A 25 -7.68 -10.60 -2.08
CA GLN A 25 -8.33 -11.83 -2.48
C GLN A 25 -9.26 -12.32 -1.37
N SER A 26 -8.84 -12.10 -0.14
CA SER A 26 -9.62 -12.52 1.02
C SER A 26 -10.85 -11.61 1.17
N GLU A 27 -11.93 -12.21 1.62
CA GLU A 27 -13.17 -11.47 1.82
C GLU A 27 -13.25 -10.96 3.25
N GLU A 28 -12.75 -11.78 4.18
CA GLU A 28 -12.77 -11.42 5.58
C GLU A 28 -11.84 -10.23 5.84
N LYS A 29 -10.63 -10.34 5.32
CA LYS A 29 -9.64 -9.29 5.49
C LYS A 29 -10.26 -7.95 5.10
N ARG A 30 -10.11 -6.98 6.00
CA ARG A 30 -10.65 -5.66 5.77
C ARG A 30 -9.52 -4.64 5.66
N SER A 31 -8.46 -4.88 6.43
CA SER A 31 -7.31 -4.00 6.42
C SER A 31 -6.03 -4.80 6.63
N LEU A 32 -5.07 -4.56 5.75
CA LEU A 32 -3.80 -5.26 5.82
C LEU A 32 -2.77 -4.38 6.56
N GLU A 33 -1.72 -5.02 7.02
CA GLU A 33 -0.67 -4.31 7.74
C GLU A 33 0.71 -4.63 7.14
N LEU A 34 1.31 -3.61 6.56
CA LEU A 34 2.63 -3.76 5.95
C LEU A 34 3.71 -3.53 7.01
N ASP A 35 4.90 -4.01 6.70
CA ASP A 35 6.03 -3.85 7.61
C ASP A 35 6.49 -2.39 7.58
N PRO A 36 7.07 -1.96 8.74
CA PRO A 36 7.56 -0.59 8.87
C PRO A 36 8.87 -0.41 8.11
N CYS A 37 8.79 0.34 7.02
CA CYS A 37 9.95 0.60 6.18
C CYS A 37 10.84 1.61 6.92
N THR A 38 12.05 1.75 6.41
CA THR A 38 13.01 2.68 7.01
C THR A 38 12.70 4.11 6.57
N GLY A 39 12.43 4.27 5.28
CA GLY A 39 12.11 5.58 4.74
C GLY A 39 11.84 5.49 3.24
N PHE A 40 12.85 5.08 2.50
CA PHE A 40 12.72 4.95 1.06
C PHE A 40 11.58 4.00 0.69
N GLN A 41 11.76 2.75 1.04
CA GLN A 41 10.75 1.73 0.76
C GLN A 41 9.35 2.27 1.06
N ARG A 42 9.25 2.97 2.18
CA ARG A 42 7.98 3.55 2.58
C ARG A 42 7.40 4.40 1.46
N LYS A 43 8.22 5.31 0.95
CA LYS A 43 7.81 6.18 -0.13
C LYS A 43 7.58 5.35 -1.40
N LEU A 44 8.32 4.25 -1.48
CA LEU A 44 8.21 3.37 -2.64
C LEU A 44 6.81 2.75 -2.66
N ILE A 45 6.45 2.13 -1.54
CA ILE A 45 5.16 1.49 -1.42
C ILE A 45 4.06 2.47 -1.85
N TYR A 46 4.10 3.66 -1.26
CA TYR A 46 3.13 4.69 -1.57
C TYR A 46 3.18 5.06 -3.06
N GLN A 47 4.40 5.32 -3.53
CA GLN A 47 4.60 5.69 -4.92
C GLN A 47 3.89 4.68 -5.84
N THR A 48 4.19 3.42 -5.61
CA THR A 48 3.59 2.36 -6.41
C THR A 48 2.07 2.37 -6.25
N LEU A 49 1.63 2.10 -5.03
CA LEU A 49 0.21 2.07 -4.73
C LEU A 49 -0.45 3.33 -5.30
N SER A 50 0.37 4.36 -5.47
CA SER A 50 -0.12 5.62 -5.99
C SER A 50 -0.84 5.38 -7.32
N TRP A 51 -0.24 4.52 -8.13
CA TRP A 51 -0.79 4.21 -9.43
C TRP A 51 -1.30 2.76 -9.39
N LYS A 52 -0.62 1.95 -8.60
CA LYS A 52 -0.98 0.55 -8.46
C LYS A 52 -2.43 0.45 -7.97
N TYR A 53 -2.75 1.32 -7.01
CA TYR A 53 -4.09 1.34 -6.45
C TYR A 53 -4.45 2.73 -5.94
N PRO A 54 -4.85 3.62 -6.90
CA PRO A 54 -5.21 4.98 -6.56
C PRO A 54 -6.60 5.02 -5.91
N LYS A 55 -7.52 4.26 -6.48
CA LYS A 55 -8.87 4.20 -5.96
C LYS A 55 -9.27 2.74 -5.76
N GLY A 56 -9.36 2.36 -4.50
CA GLY A 56 -9.75 1.00 -4.15
C GLY A 56 -9.32 0.66 -2.72
N ILE A 57 -8.19 1.23 -2.32
CA ILE A 57 -7.66 0.99 -0.99
C ILE A 57 -7.25 2.33 -0.36
N HIS A 58 -7.07 2.30 0.95
CA HIS A 58 -6.67 3.50 1.67
C HIS A 58 -5.45 3.19 2.54
N VAL A 59 -4.31 3.63 2.05
CA VAL A 59 -3.05 3.42 2.76
C VAL A 59 -2.94 4.42 3.90
N GLU A 60 -3.03 3.90 5.13
CA GLU A 60 -2.93 4.75 6.30
C GLU A 60 -1.66 4.42 7.09
N THR A 61 -1.19 5.40 7.84
CA THR A 61 0.00 5.24 8.65
C THR A 61 -0.37 5.18 10.13
N LEU A 62 -0.31 3.98 10.69
CA LEU A 62 -0.63 3.79 12.09
C LEU A 62 0.67 3.75 12.90
N GLU A 63 0.60 4.34 14.08
CA GLU A 63 1.76 4.38 14.97
C GLU A 63 1.41 3.76 16.32
N THR A 64 2.28 2.85 16.76
CA THR A 64 2.08 2.18 18.03
C THR A 64 3.35 2.27 18.89
N ASP A 65 3.57 1.23 19.69
CA ASP A 65 4.73 1.19 20.55
C ASP A 65 5.87 0.47 19.83
N LYS A 66 5.63 -0.81 19.53
CA LYS A 66 6.62 -1.61 18.85
C LYS A 66 6.43 -1.48 17.34
N LYS A 67 5.17 -1.49 16.93
CA LYS A 67 4.83 -1.38 15.52
C LYS A 67 5.38 -0.07 14.98
N GLU A 68 4.93 1.02 15.59
CA GLU A 68 5.36 2.35 15.18
C GLU A 68 4.75 2.71 13.82
N ARG A 69 5.18 3.85 13.30
CA ARG A 69 4.68 4.32 12.03
C ARG A 69 4.77 3.20 10.98
N HIS A 70 3.67 2.47 10.86
CA HIS A 70 3.61 1.37 9.91
C HIS A 70 2.48 1.63 8.90
N ILE A 71 2.72 1.19 7.67
CA ILE A 71 1.74 1.36 6.62
C ILE A 71 0.61 0.33 6.79
N VAL A 72 -0.60 0.78 6.49
CA VAL A 72 -1.76 -0.08 6.60
C VAL A 72 -2.67 0.13 5.40
N ILE A 73 -3.06 -0.98 4.78
CA ILE A 73 -3.93 -0.94 3.63
C ILE A 73 -5.36 -1.29 4.05
N SER A 74 -6.23 -0.30 3.97
CA SER A 74 -7.62 -0.49 4.35
C SER A 74 -8.50 -0.40 3.11
N LYS A 75 -9.38 -1.39 2.97
CA LYS A 75 -10.30 -1.44 1.84
C LYS A 75 -11.05 -0.11 1.75
N VAL A 76 -11.28 0.31 0.51
CA VAL A 76 -11.98 1.56 0.27
C VAL A 76 -13.20 1.29 -0.62
N ASP A 77 -14.10 2.25 -0.65
CA ASP A 77 -15.31 2.12 -1.46
C ASP A 77 -15.73 3.51 -1.94
N GLU A 78 -16.58 3.51 -2.95
CA GLU A 78 -17.08 4.76 -3.51
C GLU A 78 -18.31 5.25 -2.73
N GLU A 79 -19.10 4.28 -2.29
CA GLU A 79 -20.30 4.60 -1.53
C GLU A 79 -19.94 5.25 -0.20
N GLU A 80 -18.73 4.94 0.27
CA GLU A 80 -18.24 5.49 1.52
C GLU A 80 -18.22 7.01 1.46
N ARG A 81 -17.48 7.52 0.50
CA ARG A 81 -17.37 8.97 0.32
C ARG A 81 -18.76 9.60 0.24
N SER A 82 -19.09 10.35 1.28
CA SER A 82 -20.38 11.02 1.33
C SER A 82 -20.44 12.15 0.30
N GLY A 83 -19.31 12.83 0.14
CA GLY A 83 -19.21 13.93 -0.80
C GLY A 83 -18.79 13.42 -2.18
N PRO A 84 -18.70 14.38 -3.14
CA PRO A 84 -18.31 14.04 -4.50
C PRO A 84 -16.81 13.77 -4.59
N SER A 85 -16.43 13.02 -5.62
CA SER A 85 -15.03 12.68 -5.82
C SER A 85 -14.32 13.81 -6.55
N SER A 86 -14.80 14.12 -7.75
CA SER A 86 -14.22 15.18 -8.55
C SER A 86 -14.23 16.49 -7.76
N GLY A 87 -15.42 16.88 -7.33
CA GLY A 87 -15.58 18.11 -6.56
C GLY A 87 -15.90 17.81 -5.10
N GLY A 1 11.48 -2.74 -18.87
CA GLY A 1 12.19 -3.84 -19.51
C GLY A 1 13.38 -4.28 -18.65
N SER A 2 14.46 -3.51 -18.73
CA SER A 2 15.66 -3.82 -17.98
C SER A 2 16.07 -2.61 -17.14
N SER A 3 16.07 -2.81 -15.83
CA SER A 3 16.43 -1.75 -14.91
C SER A 3 16.90 -2.35 -13.58
N GLY A 4 18.19 -2.16 -13.31
CA GLY A 4 18.77 -2.68 -12.08
C GLY A 4 18.34 -1.83 -10.88
N SER A 5 18.67 -0.55 -10.95
CA SER A 5 18.34 0.37 -9.88
C SER A 5 16.93 0.09 -9.36
N SER A 6 15.95 0.36 -10.22
CA SER A 6 14.56 0.13 -9.87
C SER A 6 14.35 -1.34 -9.50
N GLY A 7 14.85 -2.21 -10.36
CA GLY A 7 14.72 -3.64 -10.14
C GLY A 7 14.89 -3.99 -8.66
N ASP A 8 15.76 -3.23 -8.01
CA ASP A 8 16.02 -3.44 -6.60
C ASP A 8 14.71 -3.35 -5.81
N GLN A 9 14.12 -2.16 -5.84
CA GLN A 9 12.87 -1.94 -5.14
C GLN A 9 11.73 -2.68 -5.85
N LYS A 10 11.92 -2.87 -7.14
CA LYS A 10 10.91 -3.56 -7.94
C LYS A 10 10.58 -4.91 -7.29
N LYS A 11 11.63 -5.58 -6.83
CA LYS A 11 11.46 -6.87 -6.19
C LYS A 11 10.75 -6.69 -4.85
N PHE A 12 11.12 -5.61 -4.17
CA PHE A 12 10.53 -5.31 -2.87
C PHE A 12 9.04 -4.98 -3.01
N ILE A 13 8.77 -4.00 -3.86
CA ILE A 13 7.40 -3.58 -4.10
C ILE A 13 6.57 -4.78 -4.54
N ASP A 14 7.10 -5.49 -5.53
CA ASP A 14 6.43 -6.67 -6.06
C ASP A 14 6.01 -7.58 -4.90
N GLN A 15 7.00 -7.94 -4.09
CA GLN A 15 6.76 -8.80 -2.95
C GLN A 15 5.55 -8.31 -2.16
N VAL A 16 5.45 -7.00 -2.03
CA VAL A 16 4.35 -6.39 -1.31
C VAL A 16 3.05 -6.62 -2.07
N ILE A 17 3.10 -6.31 -3.37
CA ILE A 17 1.94 -6.49 -4.22
C ILE A 17 1.24 -7.80 -3.87
N GLU A 18 2.03 -8.86 -3.79
CA GLU A 18 1.50 -10.17 -3.47
C GLU A 18 0.67 -10.10 -2.18
N LYS A 19 1.27 -9.52 -1.15
CA LYS A 19 0.60 -9.39 0.13
C LYS A 19 -0.72 -8.66 -0.07
N ILE A 20 -0.70 -7.67 -0.95
CA ILE A 20 -1.89 -6.90 -1.24
C ILE A 20 -2.92 -7.79 -1.94
N GLU A 21 -2.52 -8.34 -3.07
CA GLU A 21 -3.39 -9.21 -3.83
C GLU A 21 -4.25 -10.06 -2.89
N ASP A 22 -3.58 -10.92 -2.14
CA ASP A 22 -4.26 -11.79 -1.20
C ASP A 22 -5.28 -10.96 -0.39
N PHE A 23 -4.76 -9.96 0.29
CA PHE A 23 -5.60 -9.10 1.10
C PHE A 23 -6.80 -8.60 0.30
N LEU A 24 -6.66 -8.63 -1.01
CA LEU A 24 -7.72 -8.19 -1.91
C LEU A 24 -8.57 -9.40 -2.31
N GLN A 25 -7.92 -10.56 -2.33
CA GLN A 25 -8.61 -11.80 -2.69
C GLN A 25 -9.34 -12.37 -1.48
N SER A 26 -9.00 -11.84 -0.32
CA SER A 26 -9.62 -12.30 0.92
C SER A 26 -10.88 -11.47 1.21
N GLU A 27 -11.90 -12.16 1.70
CA GLU A 27 -13.15 -11.50 2.03
C GLU A 27 -13.12 -10.99 3.47
N GLU A 28 -12.51 -11.79 4.33
CA GLU A 28 -12.41 -11.43 5.73
C GLU A 28 -11.50 -10.21 5.92
N LYS A 29 -10.30 -10.34 5.39
CA LYS A 29 -9.32 -9.26 5.47
C LYS A 29 -10.04 -7.92 5.26
N ARG A 30 -9.83 -7.01 6.20
CA ARG A 30 -10.44 -5.70 6.12
C ARG A 30 -9.37 -4.62 6.00
N SER A 31 -8.24 -4.89 6.64
CA SER A 31 -7.12 -3.95 6.61
C SER A 31 -5.80 -4.71 6.64
N LEU A 32 -4.98 -4.44 5.62
CA LEU A 32 -3.69 -5.09 5.51
C LEU A 32 -2.65 -4.25 6.26
N GLU A 33 -1.67 -4.95 6.82
CA GLU A 33 -0.61 -4.30 7.57
C GLU A 33 0.75 -4.69 7.00
N LEU A 34 1.47 -3.69 6.50
CA LEU A 34 2.78 -3.92 5.92
C LEU A 34 3.85 -3.62 6.98
N ASP A 35 5.09 -3.90 6.61
CA ASP A 35 6.21 -3.66 7.51
C ASP A 35 6.63 -2.19 7.42
N PRO A 36 7.16 -1.67 8.56
CA PRO A 36 7.60 -0.29 8.63
C PRO A 36 8.93 -0.11 7.88
N CYS A 37 8.91 0.80 6.92
CA CYS A 37 10.10 1.08 6.13
C CYS A 37 10.89 2.19 6.82
N THR A 38 12.18 2.23 6.53
CA THR A 38 13.04 3.24 7.11
C THR A 38 12.65 4.64 6.62
N GLY A 39 12.04 4.67 5.45
CA GLY A 39 11.61 5.92 4.86
C GLY A 39 11.59 5.84 3.33
N PHE A 40 12.70 5.34 2.79
CA PHE A 40 12.83 5.21 1.35
C PHE A 40 11.77 4.25 0.79
N GLN A 41 11.87 3.00 1.21
CA GLN A 41 10.93 1.98 0.76
C GLN A 41 9.49 2.46 0.97
N ARG A 42 9.32 3.26 1.99
CA ARG A 42 8.00 3.81 2.31
C ARG A 42 7.46 4.62 1.13
N LYS A 43 8.29 5.56 0.67
CA LYS A 43 7.90 6.40 -0.44
C LYS A 43 7.59 5.54 -1.66
N LEU A 44 8.35 4.44 -1.78
CA LEU A 44 8.17 3.53 -2.88
C LEU A 44 6.74 2.98 -2.86
N ILE A 45 6.41 2.30 -1.77
CA ILE A 45 5.08 1.73 -1.61
C ILE A 45 4.03 2.75 -2.07
N TYR A 46 4.11 3.94 -1.47
CA TYR A 46 3.17 4.99 -1.81
C TYR A 46 3.30 5.40 -3.28
N GLN A 47 4.53 5.33 -3.77
CA GLN A 47 4.81 5.68 -5.15
C GLN A 47 4.15 4.67 -6.10
N THR A 48 4.15 3.42 -5.67
CA THR A 48 3.56 2.36 -6.46
C THR A 48 2.04 2.36 -6.31
N LEU A 49 1.59 2.08 -5.10
CA LEU A 49 0.17 2.05 -4.81
C LEU A 49 -0.49 3.33 -5.37
N SER A 50 0.33 4.36 -5.51
CA SER A 50 -0.15 5.62 -6.03
C SER A 50 -0.86 5.41 -7.37
N TRP A 51 -0.26 4.56 -8.20
CA TRP A 51 -0.82 4.26 -9.50
C TRP A 51 -1.32 2.82 -9.47
N LYS A 52 -0.64 1.99 -8.69
CA LYS A 52 -1.00 0.59 -8.57
C LYS A 52 -2.43 0.48 -8.05
N TYR A 53 -2.77 1.38 -7.13
CA TYR A 53 -4.09 1.39 -6.55
C TYR A 53 -4.47 2.81 -6.08
N PRO A 54 -4.90 3.64 -7.05
CA PRO A 54 -5.29 5.01 -6.75
C PRO A 54 -6.66 5.05 -6.06
N LYS A 55 -7.57 4.22 -6.57
CA LYS A 55 -8.91 4.14 -6.02
C LYS A 55 -9.31 2.68 -5.84
N GLY A 56 -9.45 2.28 -4.58
CA GLY A 56 -9.83 0.92 -4.27
C GLY A 56 -9.40 0.54 -2.85
N ILE A 57 -8.29 1.12 -2.43
CA ILE A 57 -7.75 0.86 -1.11
C ILE A 57 -7.41 2.19 -0.43
N HIS A 58 -7.18 2.11 0.88
CA HIS A 58 -6.83 3.29 1.65
C HIS A 58 -5.56 3.03 2.45
N VAL A 59 -4.50 3.72 2.07
CA VAL A 59 -3.22 3.56 2.75
C VAL A 59 -3.12 4.59 3.88
N GLU A 60 -2.73 4.10 5.04
CA GLU A 60 -2.60 4.96 6.20
C GLU A 60 -1.37 4.55 7.03
N THR A 61 -0.80 5.53 7.71
CA THR A 61 0.37 5.28 8.54
C THR A 61 -0.02 5.23 10.02
N LEU A 62 -0.05 4.03 10.56
CA LEU A 62 -0.40 3.83 11.95
C LEU A 62 0.88 3.66 12.78
N GLU A 63 0.87 4.28 13.95
CA GLU A 63 2.02 4.20 14.84
C GLU A 63 1.60 3.67 16.21
N THR A 64 2.30 2.64 16.66
CA THR A 64 2.00 2.04 17.94
C THR A 64 3.22 2.11 18.86
N ASP A 65 3.33 1.12 19.73
CA ASP A 65 4.45 1.07 20.67
C ASP A 65 5.58 0.23 20.06
N LYS A 66 5.27 -1.04 19.84
CA LYS A 66 6.25 -1.96 19.26
C LYS A 66 6.14 -1.92 17.73
N LYS A 67 4.89 -1.89 17.26
CA LYS A 67 4.64 -1.86 15.83
C LYS A 67 5.31 -0.62 15.23
N GLU A 68 5.05 0.52 15.86
CA GLU A 68 5.62 1.77 15.40
C GLU A 68 5.02 2.17 14.06
N ARG A 69 5.29 3.40 13.66
CA ARG A 69 4.78 3.92 12.40
C ARG A 69 4.98 2.87 11.28
N HIS A 70 3.87 2.29 10.86
CA HIS A 70 3.91 1.29 9.81
C HIS A 70 2.77 1.54 8.81
N ILE A 71 3.06 1.25 7.55
CA ILE A 71 2.06 1.44 6.51
C ILE A 71 0.94 0.40 6.68
N VAL A 72 -0.28 0.89 6.55
CA VAL A 72 -1.44 0.02 6.69
C VAL A 72 -2.43 0.31 5.55
N ILE A 73 -2.96 -0.76 4.99
CA ILE A 73 -3.91 -0.63 3.90
C ILE A 73 -5.30 -1.05 4.39
N SER A 74 -6.31 -0.49 3.74
CA SER A 74 -7.69 -0.79 4.09
C SER A 74 -8.51 -1.01 2.83
N LYS A 75 -9.66 -1.66 3.02
CA LYS A 75 -10.55 -1.94 1.90
C LYS A 75 -11.43 -0.71 1.63
N VAL A 76 -11.38 -0.25 0.40
CA VAL A 76 -12.15 0.91 0.00
C VAL A 76 -13.04 0.55 -1.20
N ASP A 77 -14.11 1.32 -1.35
CA ASP A 77 -15.04 1.08 -2.45
C ASP A 77 -15.44 2.42 -3.06
N GLU A 78 -15.74 2.37 -4.36
CA GLU A 78 -16.15 3.57 -5.07
C GLU A 78 -17.35 4.22 -4.38
N GLU A 79 -18.45 3.48 -4.36
CA GLU A 79 -19.66 3.97 -3.74
C GLU A 79 -19.35 4.68 -2.42
N GLU A 80 -18.69 3.95 -1.54
CA GLU A 80 -18.32 4.50 -0.24
C GLU A 80 -17.82 5.94 -0.40
N ARG A 81 -16.66 6.07 -1.02
CA ARG A 81 -16.06 7.38 -1.23
C ARG A 81 -17.07 8.31 -1.90
N SER A 82 -17.33 9.43 -1.23
CA SER A 82 -18.26 10.40 -1.74
C SER A 82 -17.79 10.92 -3.11
N GLY A 83 -16.53 11.31 -3.15
CA GLY A 83 -15.94 11.83 -4.36
C GLY A 83 -14.90 12.92 -4.06
N PRO A 84 -13.87 12.99 -4.96
CA PRO A 84 -12.82 13.97 -4.80
C PRO A 84 -13.31 15.37 -5.19
N SER A 85 -13.95 16.02 -4.23
CA SER A 85 -14.48 17.36 -4.46
C SER A 85 -13.33 18.31 -4.82
N SER A 86 -12.41 18.45 -3.89
CA SER A 86 -11.26 19.32 -4.09
C SER A 86 -10.57 18.97 -5.41
N GLY A 87 -10.17 17.71 -5.50
CA GLY A 87 -9.50 17.23 -6.70
C GLY A 87 -10.49 16.90 -7.80
N GLY A 1 19.89 7.09 -10.87
CA GLY A 1 19.26 6.54 -12.06
C GLY A 1 20.03 5.32 -12.58
N SER A 2 19.30 4.22 -12.71
CA SER A 2 19.89 2.98 -13.19
C SER A 2 18.83 1.88 -13.27
N SER A 3 19.05 0.96 -14.20
CA SER A 3 18.12 -0.14 -14.39
C SER A 3 18.18 -1.09 -13.20
N GLY A 4 19.38 -1.59 -12.94
CA GLY A 4 19.59 -2.50 -11.83
C GLY A 4 18.95 -1.97 -10.55
N SER A 5 19.37 -0.78 -10.15
CA SER A 5 18.84 -0.15 -8.96
C SER A 5 17.32 -0.32 -8.89
N SER A 6 16.66 0.21 -9.91
CA SER A 6 15.21 0.11 -9.99
C SER A 6 14.75 -1.28 -9.58
N GLY A 7 15.17 -2.26 -10.38
CA GLY A 7 14.81 -3.65 -10.11
C GLY A 7 14.89 -3.96 -8.61
N ASP A 8 15.97 -3.51 -8.00
CA ASP A 8 16.18 -3.73 -6.59
C ASP A 8 14.87 -3.48 -5.83
N GLN A 9 14.34 -2.28 -6.01
CA GLN A 9 13.09 -1.90 -5.37
C GLN A 9 11.91 -2.55 -6.09
N LYS A 10 12.03 -2.62 -7.40
CA LYS A 10 10.98 -3.21 -8.22
C LYS A 10 10.59 -4.57 -7.63
N LYS A 11 11.61 -5.32 -7.22
CA LYS A 11 11.39 -6.63 -6.64
C LYS A 11 10.69 -6.48 -5.29
N PHE A 12 11.20 -5.54 -4.50
CA PHE A 12 10.63 -5.29 -3.18
C PHE A 12 9.16 -4.93 -3.27
N ILE A 13 8.88 -3.88 -4.03
CA ILE A 13 7.51 -3.42 -4.21
C ILE A 13 6.65 -4.59 -4.69
N ASP A 14 7.19 -5.35 -5.63
CA ASP A 14 6.48 -6.50 -6.17
C ASP A 14 6.09 -7.43 -5.03
N GLN A 15 7.11 -7.86 -4.29
CA GLN A 15 6.88 -8.76 -3.16
C GLN A 15 5.69 -8.28 -2.33
N VAL A 16 5.59 -6.96 -2.20
CA VAL A 16 4.51 -6.37 -1.43
C VAL A 16 3.18 -6.59 -2.17
N ILE A 17 3.20 -6.27 -3.46
CA ILE A 17 2.01 -6.43 -4.28
C ILE A 17 1.34 -7.76 -3.94
N GLU A 18 2.15 -8.80 -3.87
CA GLU A 18 1.65 -10.13 -3.55
C GLU A 18 0.82 -10.09 -2.28
N LYS A 19 1.38 -9.47 -1.25
CA LYS A 19 0.70 -9.37 0.03
C LYS A 19 -0.65 -8.68 -0.18
N ILE A 20 -0.61 -7.57 -0.91
CA ILE A 20 -1.81 -6.81 -1.18
C ILE A 20 -2.82 -7.70 -1.91
N GLU A 21 -2.43 -8.12 -3.11
CA GLU A 21 -3.28 -8.97 -3.92
C GLU A 21 -3.99 -10.00 -3.04
N ASP A 22 -3.19 -10.74 -2.28
CA ASP A 22 -3.73 -11.76 -1.40
C ASP A 22 -4.75 -11.13 -0.46
N PHE A 23 -4.34 -10.06 0.20
CA PHE A 23 -5.21 -9.36 1.12
C PHE A 23 -6.51 -8.93 0.42
N LEU A 24 -6.37 -8.54 -0.83
CA LEU A 24 -7.52 -8.11 -1.61
C LEU A 24 -8.40 -9.32 -1.93
N GLN A 25 -7.74 -10.46 -2.12
CA GLN A 25 -8.45 -11.69 -2.44
C GLN A 25 -9.33 -12.10 -1.27
N SER A 26 -8.75 -12.07 -0.08
CA SER A 26 -9.48 -12.43 1.12
C SER A 26 -10.72 -11.55 1.27
N GLU A 27 -11.77 -12.15 1.81
CA GLU A 27 -13.02 -11.43 2.01
C GLU A 27 -13.06 -10.83 3.42
N GLU A 28 -12.86 -11.68 4.41
CA GLU A 28 -12.87 -11.23 5.79
C GLU A 28 -11.92 -10.04 5.98
N LYS A 29 -10.71 -10.21 5.50
CA LYS A 29 -9.71 -9.16 5.61
C LYS A 29 -10.37 -7.81 5.32
N ARG A 30 -10.13 -6.87 6.24
CA ARG A 30 -10.69 -5.55 6.10
C ARG A 30 -9.58 -4.51 5.96
N SER A 31 -8.49 -4.76 6.67
CA SER A 31 -7.35 -3.86 6.64
C SER A 31 -6.05 -4.66 6.77
N LEU A 32 -5.17 -4.46 5.80
CA LEU A 32 -3.89 -5.16 5.81
C LEU A 32 -2.84 -4.29 6.52
N GLU A 33 -1.87 -4.96 7.10
CA GLU A 33 -0.81 -4.28 7.81
C GLU A 33 0.56 -4.71 7.28
N LEU A 34 1.29 -3.73 6.77
CA LEU A 34 2.61 -4.00 6.22
C LEU A 34 3.67 -3.74 7.30
N ASP A 35 4.91 -4.07 6.97
CA ASP A 35 6.00 -3.88 7.90
C ASP A 35 6.50 -2.43 7.81
N PRO A 36 7.07 -1.96 8.94
CA PRO A 36 7.58 -0.59 9.01
C PRO A 36 8.90 -0.46 8.24
N CYS A 37 8.87 0.35 7.20
CA CYS A 37 10.04 0.57 6.37
C CYS A 37 10.91 1.63 7.06
N THR A 38 12.08 1.87 6.46
CA THR A 38 13.00 2.84 7.01
C THR A 38 12.61 4.26 6.57
N GLY A 39 12.16 4.36 5.33
CA GLY A 39 11.74 5.64 4.78
C GLY A 39 11.62 5.58 3.26
N PHE A 40 12.74 5.30 2.62
CA PHE A 40 12.77 5.20 1.17
C PHE A 40 11.66 4.28 0.66
N GLN A 41 11.77 3.01 1.03
CA GLN A 41 10.79 2.02 0.62
C GLN A 41 9.37 2.54 0.88
N ARG A 42 9.19 3.14 2.04
CA ARG A 42 7.90 3.68 2.41
C ARG A 42 7.33 4.52 1.28
N LYS A 43 8.18 5.38 0.73
CA LYS A 43 7.78 6.24 -0.36
C LYS A 43 7.54 5.40 -1.61
N LEU A 44 8.24 4.27 -1.68
CA LEU A 44 8.10 3.37 -2.81
C LEU A 44 6.73 2.72 -2.78
N ILE A 45 6.37 2.24 -1.60
CA ILE A 45 5.08 1.59 -1.42
C ILE A 45 3.96 2.56 -1.83
N TYR A 46 4.12 3.80 -1.41
CA TYR A 46 3.14 4.82 -1.72
C TYR A 46 3.13 5.14 -3.21
N GLN A 47 4.29 5.54 -3.71
CA GLN A 47 4.44 5.87 -5.11
C GLN A 47 3.74 4.82 -5.98
N THR A 48 4.11 3.58 -5.74
CA THR A 48 3.55 2.46 -6.49
C THR A 48 2.02 2.47 -6.36
N LEU A 49 1.56 2.12 -5.16
CA LEU A 49 0.13 2.08 -4.90
C LEU A 49 -0.53 3.34 -5.46
N SER A 50 0.27 4.39 -5.56
CA SER A 50 -0.23 5.65 -6.09
C SER A 50 -0.88 5.43 -7.46
N TRP A 51 -0.25 4.59 -8.25
CA TRP A 51 -0.77 4.27 -9.57
C TRP A 51 -1.25 2.83 -9.57
N LYS A 52 -0.58 2.01 -8.77
CA LYS A 52 -0.92 0.61 -8.67
C LYS A 52 -2.36 0.48 -8.16
N TYR A 53 -2.73 1.41 -7.28
CA TYR A 53 -4.06 1.41 -6.70
C TYR A 53 -4.45 2.81 -6.23
N PRO A 54 -4.91 3.64 -7.20
CA PRO A 54 -5.31 5.00 -6.90
C PRO A 54 -6.67 5.03 -6.20
N LYS A 55 -7.56 4.15 -6.65
CA LYS A 55 -8.88 4.07 -6.08
C LYS A 55 -9.26 2.59 -5.89
N GLY A 56 -9.42 2.21 -4.63
CA GLY A 56 -9.77 0.84 -4.30
C GLY A 56 -9.32 0.49 -2.88
N ILE A 57 -8.17 1.01 -2.51
CA ILE A 57 -7.62 0.76 -1.19
C ILE A 57 -7.26 2.09 -0.54
N HIS A 58 -7.08 2.05 0.78
CA HIS A 58 -6.73 3.24 1.54
C HIS A 58 -5.47 2.97 2.36
N VAL A 59 -4.40 3.65 1.97
CA VAL A 59 -3.12 3.48 2.66
C VAL A 59 -3.03 4.51 3.79
N GLU A 60 -2.68 4.02 4.97
CA GLU A 60 -2.56 4.89 6.13
C GLU A 60 -1.36 4.46 6.98
N THR A 61 -0.73 5.45 7.61
CA THR A 61 0.42 5.19 8.45
C THR A 61 0.04 5.31 9.92
N LEU A 62 0.02 4.17 10.59
CA LEU A 62 -0.32 4.14 12.01
C LEU A 62 0.94 3.87 12.83
N GLU A 63 1.00 4.50 13.99
CA GLU A 63 2.14 4.33 14.87
C GLU A 63 1.68 3.86 16.25
N THR A 64 2.31 2.78 16.72
CA THR A 64 1.97 2.22 18.01
C THR A 64 3.20 2.24 18.94
N ASP A 65 3.32 1.18 19.72
CA ASP A 65 4.43 1.07 20.65
C ASP A 65 5.57 0.31 19.98
N LYS A 66 5.29 -0.94 19.64
CA LYS A 66 6.28 -1.79 19.00
C LYS A 66 6.08 -1.74 17.48
N LYS A 67 4.82 -1.69 17.09
CA LYS A 67 4.48 -1.63 15.68
C LYS A 67 4.96 -0.31 15.09
N GLU A 68 5.09 0.68 15.96
CA GLU A 68 5.54 2.00 15.54
C GLU A 68 4.87 2.39 14.23
N ARG A 69 5.43 3.42 13.60
CA ARG A 69 4.89 3.91 12.34
C ARG A 69 5.00 2.83 11.26
N HIS A 70 3.89 2.16 11.02
CA HIS A 70 3.85 1.11 10.02
C HIS A 70 2.73 1.39 9.02
N ILE A 71 2.99 1.04 7.77
CA ILE A 71 2.02 1.25 6.71
C ILE A 71 0.86 0.26 6.89
N VAL A 72 -0.34 0.77 6.72
CA VAL A 72 -1.53 -0.05 6.86
C VAL A 72 -2.48 0.25 5.70
N ILE A 73 -3.05 -0.82 5.15
CA ILE A 73 -3.98 -0.69 4.04
C ILE A 73 -5.39 -1.04 4.51
N SER A 74 -6.36 -0.47 3.82
CA SER A 74 -7.75 -0.70 4.17
C SER A 74 -8.58 -0.93 2.89
N LYS A 75 -9.73 -1.56 3.07
CA LYS A 75 -10.61 -1.84 1.96
C LYS A 75 -11.44 -0.60 1.63
N VAL A 76 -11.33 -0.15 0.39
CA VAL A 76 -12.05 1.03 -0.05
C VAL A 76 -12.95 0.66 -1.24
N ASP A 77 -13.90 1.52 -1.51
CA ASP A 77 -14.83 1.29 -2.62
C ASP A 77 -15.31 2.64 -3.15
N GLU A 78 -15.86 2.60 -4.36
CA GLU A 78 -16.38 3.81 -4.99
C GLU A 78 -17.67 4.25 -4.31
N GLU A 79 -18.57 3.29 -4.13
CA GLU A 79 -19.85 3.57 -3.50
C GLU A 79 -19.63 3.95 -2.03
N GLU A 80 -18.51 3.51 -1.49
CA GLU A 80 -18.18 3.80 -0.11
C GLU A 80 -17.96 5.30 0.09
N ARG A 81 -16.91 5.80 -0.54
CA ARG A 81 -16.58 7.21 -0.43
C ARG A 81 -17.68 8.06 -1.09
N SER A 82 -18.03 9.14 -0.40
CA SER A 82 -19.06 10.04 -0.90
C SER A 82 -18.42 11.23 -1.61
N GLY A 83 -17.45 11.83 -0.93
CA GLY A 83 -16.75 12.98 -1.48
C GLY A 83 -16.45 12.78 -2.97
N PRO A 84 -17.03 13.68 -3.80
CA PRO A 84 -16.83 13.61 -5.24
C PRO A 84 -15.44 14.11 -5.62
N SER A 85 -15.06 13.81 -6.86
CA SER A 85 -13.76 14.22 -7.36
C SER A 85 -13.77 15.72 -7.66
N SER A 86 -14.65 16.11 -8.55
CA SER A 86 -14.77 17.51 -8.93
C SER A 86 -15.00 18.37 -7.69
N GLY A 87 -16.13 18.13 -7.04
CA GLY A 87 -16.47 18.87 -5.84
C GLY A 87 -17.27 20.13 -6.19
N GLY A 1 11.76 -0.30 -17.11
CA GLY A 1 12.46 -1.17 -18.04
C GLY A 1 13.50 -2.04 -17.32
N SER A 2 14.76 -1.76 -17.61
CA SER A 2 15.85 -2.50 -16.99
C SER A 2 16.75 -1.54 -16.22
N SER A 3 16.35 -1.26 -14.99
CA SER A 3 17.11 -0.36 -14.14
C SER A 3 17.45 -1.05 -12.82
N GLY A 4 18.69 -0.85 -12.38
CA GLY A 4 19.15 -1.44 -11.15
C GLY A 4 18.61 -0.68 -9.93
N SER A 5 18.93 0.60 -9.88
CA SER A 5 18.49 1.44 -8.79
C SER A 5 17.00 1.19 -8.49
N SER A 6 16.27 0.86 -9.55
CA SER A 6 14.85 0.60 -9.43
C SER A 6 14.62 -0.91 -9.21
N GLY A 7 15.30 -1.69 -10.03
CA GLY A 7 15.19 -3.14 -9.93
C GLY A 7 15.28 -3.61 -8.48
N ASP A 8 15.96 -2.81 -7.68
CA ASP A 8 16.13 -3.13 -6.27
C ASP A 8 14.78 -3.05 -5.57
N GLN A 9 14.19 -1.87 -5.59
CA GLN A 9 12.90 -1.65 -4.96
C GLN A 9 11.81 -2.39 -5.72
N LYS A 10 12.08 -2.62 -7.00
CA LYS A 10 11.13 -3.32 -7.86
C LYS A 10 10.80 -4.68 -7.24
N LYS A 11 11.83 -5.31 -6.68
CA LYS A 11 11.67 -6.60 -6.05
C LYS A 11 10.91 -6.44 -4.73
N PHE A 12 11.26 -5.37 -4.02
CA PHE A 12 10.63 -5.08 -2.73
C PHE A 12 9.13 -4.81 -2.92
N ILE A 13 8.84 -3.85 -3.79
CA ILE A 13 7.46 -3.47 -4.06
C ILE A 13 6.68 -4.72 -4.49
N ASP A 14 7.24 -5.42 -5.45
CA ASP A 14 6.60 -6.63 -5.97
C ASP A 14 6.21 -7.53 -4.79
N GLN A 15 7.21 -7.86 -3.99
CA GLN A 15 6.98 -8.71 -2.83
C GLN A 15 5.76 -8.24 -2.05
N VAL A 16 5.61 -6.92 -1.96
CA VAL A 16 4.50 -6.34 -1.25
C VAL A 16 3.21 -6.60 -2.03
N ILE A 17 3.28 -6.32 -3.33
CA ILE A 17 2.13 -6.52 -4.20
C ILE A 17 1.43 -7.82 -3.82
N GLU A 18 2.23 -8.88 -3.71
CA GLU A 18 1.69 -10.18 -3.36
C GLU A 18 0.82 -10.08 -2.11
N LYS A 19 1.42 -9.56 -1.05
CA LYS A 19 0.71 -9.40 0.21
C LYS A 19 -0.61 -8.68 -0.04
N ILE A 20 -0.53 -7.61 -0.83
CA ILE A 20 -1.71 -6.82 -1.15
C ILE A 20 -2.74 -7.72 -1.82
N GLU A 21 -2.31 -8.36 -2.91
CA GLU A 21 -3.18 -9.25 -3.65
C GLU A 21 -3.84 -10.26 -2.71
N ASP A 22 -3.01 -11.01 -2.01
CA ASP A 22 -3.49 -12.00 -1.07
C ASP A 22 -4.56 -11.38 -0.17
N PHE A 23 -4.25 -10.19 0.32
CA PHE A 23 -5.16 -9.47 1.19
C PHE A 23 -6.46 -9.12 0.45
N LEU A 24 -6.29 -8.66 -0.78
CA LEU A 24 -7.43 -8.29 -1.60
C LEU A 24 -8.26 -9.53 -1.92
N GLN A 25 -7.57 -10.66 -2.04
CA GLN A 25 -8.23 -11.92 -2.33
C GLN A 25 -9.25 -12.25 -1.23
N SER A 26 -8.76 -12.26 0.00
CA SER A 26 -9.60 -12.57 1.14
C SER A 26 -10.79 -11.60 1.19
N GLU A 27 -11.91 -12.11 1.67
CA GLU A 27 -13.11 -11.30 1.77
C GLU A 27 -13.20 -10.65 3.15
N GLU A 28 -13.35 -11.48 4.16
CA GLU A 28 -13.45 -11.00 5.53
C GLU A 28 -12.44 -9.86 5.76
N LYS A 29 -11.23 -10.08 5.27
CA LYS A 29 -10.18 -9.09 5.42
C LYS A 29 -10.77 -7.69 5.20
N ARG A 30 -10.42 -6.79 6.11
CA ARG A 30 -10.90 -5.43 6.03
C ARG A 30 -9.73 -4.45 5.86
N SER A 31 -8.65 -4.77 6.56
CA SER A 31 -7.45 -3.93 6.50
C SER A 31 -6.21 -4.80 6.62
N LEU A 32 -5.23 -4.48 5.80
CA LEU A 32 -3.97 -5.23 5.79
C LEU A 32 -2.89 -4.39 6.48
N GLU A 33 -1.90 -5.09 7.01
CA GLU A 33 -0.81 -4.43 7.70
C GLU A 33 0.53 -4.80 7.06
N LEU A 34 1.26 -3.77 6.64
CA LEU A 34 2.55 -3.98 6.02
C LEU A 34 3.66 -3.74 7.03
N ASP A 35 4.88 -4.07 6.63
CA ASP A 35 6.03 -3.90 7.49
C ASP A 35 6.44 -2.43 7.51
N PRO A 36 7.06 -2.02 8.66
CA PRO A 36 7.51 -0.65 8.82
C PRO A 36 8.77 -0.37 7.99
N CYS A 37 8.64 0.54 7.05
CA CYS A 37 9.75 0.90 6.20
C CYS A 37 10.63 1.91 6.94
N THR A 38 11.89 1.98 6.52
CA THR A 38 12.83 2.89 7.14
C THR A 38 12.56 4.33 6.69
N GLY A 39 11.93 4.44 5.52
CA GLY A 39 11.62 5.74 4.98
C GLY A 39 11.53 5.69 3.44
N PHE A 40 12.68 5.41 2.84
CA PHE A 40 12.75 5.32 1.38
C PHE A 40 11.69 4.37 0.83
N GLN A 41 11.83 3.11 1.22
CA GLN A 41 10.89 2.08 0.78
C GLN A 41 9.46 2.56 0.98
N ARG A 42 9.22 3.18 2.12
CA ARG A 42 7.90 3.70 2.44
C ARG A 42 7.33 4.50 1.27
N LYS A 43 8.13 5.47 0.83
CA LYS A 43 7.73 6.31 -0.28
C LYS A 43 7.44 5.44 -1.51
N LEU A 44 8.29 4.45 -1.69
CA LEU A 44 8.15 3.54 -2.82
C LEU A 44 6.72 2.97 -2.83
N ILE A 45 6.36 2.37 -1.70
CA ILE A 45 5.02 1.79 -1.57
C ILE A 45 3.98 2.79 -2.05
N TYR A 46 3.96 3.94 -1.39
CA TYR A 46 3.02 4.99 -1.76
C TYR A 46 3.14 5.35 -3.23
N GLN A 47 4.37 5.35 -3.72
CA GLN A 47 4.63 5.68 -5.11
C GLN A 47 3.95 4.67 -6.03
N THR A 48 4.15 3.40 -5.71
CA THR A 48 3.56 2.33 -6.50
C THR A 48 2.04 2.34 -6.36
N LEU A 49 1.59 2.19 -5.12
CA LEU A 49 0.17 2.18 -4.84
C LEU A 49 -0.49 3.41 -5.49
N SER A 50 0.34 4.41 -5.73
CA SER A 50 -0.14 5.64 -6.35
C SER A 50 -0.86 5.33 -7.66
N TRP A 51 -0.26 4.41 -8.42
CA TRP A 51 -0.82 4.02 -9.70
C TRP A 51 -1.33 2.58 -9.56
N LYS A 52 -0.64 1.82 -8.72
CA LYS A 52 -1.01 0.43 -8.50
C LYS A 52 -2.44 0.37 -7.95
N TYR A 53 -2.76 1.34 -7.11
CA TYR A 53 -4.08 1.41 -6.51
C TYR A 53 -4.39 2.82 -6.02
N PRO A 54 -4.79 3.69 -6.99
CA PRO A 54 -5.12 5.07 -6.67
C PRO A 54 -6.48 5.16 -5.97
N LYS A 55 -7.44 4.44 -6.53
CA LYS A 55 -8.79 4.43 -5.98
C LYS A 55 -9.26 2.99 -5.81
N GLY A 56 -9.55 2.64 -4.57
CA GLY A 56 -10.01 1.30 -4.26
C GLY A 56 -9.58 0.87 -2.86
N ILE A 57 -8.42 1.38 -2.46
CA ILE A 57 -7.88 1.06 -1.15
C ILE A 57 -7.42 2.35 -0.46
N HIS A 58 -7.26 2.26 0.85
CA HIS A 58 -6.83 3.42 1.63
C HIS A 58 -5.60 3.04 2.46
N VAL A 59 -4.49 3.68 2.11
CA VAL A 59 -3.24 3.43 2.81
C VAL A 59 -3.07 4.45 3.92
N GLU A 60 -2.87 3.94 5.13
CA GLU A 60 -2.68 4.81 6.28
C GLU A 60 -1.44 4.40 7.07
N THR A 61 -0.85 5.37 7.74
CA THR A 61 0.35 5.13 8.53
C THR A 61 0.03 5.14 10.02
N LEU A 62 0.01 3.94 10.59
CA LEU A 62 -0.29 3.80 12.01
C LEU A 62 1.02 3.65 12.79
N GLU A 63 1.04 4.27 13.96
CA GLU A 63 2.22 4.22 14.81
C GLU A 63 1.86 3.68 16.19
N THR A 64 2.64 2.72 16.64
CA THR A 64 2.42 2.11 17.94
C THR A 64 3.72 2.06 18.75
N ASP A 65 3.91 0.95 19.44
CA ASP A 65 5.10 0.77 20.25
C ASP A 65 6.17 0.06 19.42
N LYS A 66 5.86 -1.17 19.02
CA LYS A 66 6.79 -1.96 18.23
C LYS A 66 6.43 -1.81 16.75
N LYS A 67 5.14 -1.74 16.49
CA LYS A 67 4.66 -1.58 15.12
C LYS A 67 5.14 -0.25 14.56
N GLU A 68 5.22 0.74 15.45
CA GLU A 68 5.66 2.07 15.07
C GLU A 68 4.99 2.47 13.75
N ARG A 69 5.51 3.54 13.17
CA ARG A 69 4.98 4.05 11.92
C ARG A 69 5.03 2.97 10.84
N HIS A 70 3.95 2.20 10.77
CA HIS A 70 3.86 1.13 9.79
C HIS A 70 2.72 1.41 8.83
N ILE A 71 2.91 0.99 7.59
CA ILE A 71 1.90 1.20 6.56
C ILE A 71 0.74 0.21 6.78
N VAL A 72 -0.46 0.71 6.53
CA VAL A 72 -1.65 -0.10 6.70
C VAL A 72 -2.61 0.15 5.54
N ILE A 73 -3.15 -0.93 5.01
CA ILE A 73 -4.09 -0.83 3.90
C ILE A 73 -5.50 -1.16 4.40
N SER A 74 -6.47 -0.52 3.77
CA SER A 74 -7.86 -0.74 4.13
C SER A 74 -8.72 -0.88 2.87
N LYS A 75 -9.86 -1.52 3.03
CA LYS A 75 -10.78 -1.73 1.92
C LYS A 75 -11.60 -0.45 1.70
N VAL A 76 -11.55 0.03 0.47
CA VAL A 76 -12.28 1.23 0.11
C VAL A 76 -13.26 0.91 -1.02
N ASP A 77 -14.30 1.74 -1.12
CA ASP A 77 -15.30 1.56 -2.15
C ASP A 77 -15.99 2.90 -2.42
N GLU A 78 -15.28 3.97 -2.08
CA GLU A 78 -15.81 5.31 -2.29
C GLU A 78 -16.16 5.51 -3.77
N GLU A 79 -15.12 5.62 -4.57
CA GLU A 79 -15.30 5.83 -6.00
C GLU A 79 -16.45 4.97 -6.52
N GLU A 80 -16.45 3.71 -6.11
CA GLU A 80 -17.48 2.78 -6.51
C GLU A 80 -18.84 3.21 -5.94
N ARG A 81 -18.91 3.23 -4.63
CA ARG A 81 -20.14 3.62 -3.95
C ARG A 81 -20.54 5.05 -4.35
N SER A 82 -21.80 5.37 -4.12
CA SER A 82 -22.31 6.69 -4.44
C SER A 82 -21.67 7.74 -3.53
N GLY A 83 -21.70 7.44 -2.24
CA GLY A 83 -21.12 8.35 -1.27
C GLY A 83 -21.84 9.71 -1.27
N PRO A 84 -21.05 10.78 -1.02
CA PRO A 84 -21.59 12.12 -1.00
C PRO A 84 -21.88 12.62 -2.42
N SER A 85 -22.39 13.84 -2.50
CA SER A 85 -22.72 14.44 -3.78
C SER A 85 -21.45 14.50 -4.65
N SER A 86 -20.45 15.21 -4.15
CA SER A 86 -19.21 15.35 -4.88
C SER A 86 -18.77 13.99 -5.43
N GLY A 87 -18.60 13.04 -4.52
CA GLY A 87 -18.19 11.70 -4.91
C GLY A 87 -16.79 11.73 -5.55
N GLY A 1 12.78 -0.78 -20.33
CA GLY A 1 13.06 -0.34 -18.98
C GLY A 1 13.89 -1.39 -18.23
N SER A 2 13.38 -1.78 -17.07
CA SER A 2 14.05 -2.77 -16.24
C SER A 2 15.49 -2.32 -15.96
N SER A 3 15.65 -1.66 -14.83
CA SER A 3 16.96 -1.17 -14.42
C SER A 3 17.39 -1.84 -13.11
N GLY A 4 18.65 -1.63 -12.77
CA GLY A 4 19.20 -2.22 -11.56
C GLY A 4 18.58 -1.58 -10.32
N SER A 5 18.89 -0.30 -10.12
CA SER A 5 18.36 0.43 -8.99
C SER A 5 16.91 0.06 -8.75
N SER A 6 16.08 0.38 -9.73
CA SER A 6 14.66 0.08 -9.64
C SER A 6 14.46 -1.39 -9.28
N GLY A 7 15.01 -2.25 -10.13
CA GLY A 7 14.88 -3.68 -9.91
C GLY A 7 15.06 -4.03 -8.43
N ASP A 8 15.82 -3.19 -7.74
CA ASP A 8 16.07 -3.40 -6.32
C ASP A 8 14.75 -3.25 -5.55
N GLN A 9 14.07 -2.14 -5.81
CA GLN A 9 12.81 -1.87 -5.15
C GLN A 9 11.66 -2.53 -5.91
N LYS A 10 11.95 -2.93 -7.15
CA LYS A 10 10.95 -3.57 -7.98
C LYS A 10 10.59 -4.93 -7.38
N LYS A 11 11.61 -5.62 -6.89
CA LYS A 11 11.41 -6.93 -6.29
C LYS A 11 10.69 -6.76 -4.95
N PHE A 12 11.09 -5.73 -4.22
CA PHE A 12 10.49 -5.44 -2.93
C PHE A 12 9.00 -5.10 -3.08
N ILE A 13 8.74 -4.12 -3.93
CA ILE A 13 7.37 -3.69 -4.17
C ILE A 13 6.54 -4.89 -4.65
N ASP A 14 7.08 -5.59 -5.63
CA ASP A 14 6.41 -6.75 -6.18
C ASP A 14 5.99 -7.68 -5.04
N GLN A 15 6.96 -8.03 -4.22
CA GLN A 15 6.71 -8.91 -3.09
C GLN A 15 5.51 -8.41 -2.29
N VAL A 16 5.43 -7.10 -2.16
CA VAL A 16 4.33 -6.48 -1.42
C VAL A 16 3.03 -6.70 -2.19
N ILE A 17 3.07 -6.38 -3.47
CA ILE A 17 1.89 -6.53 -4.32
C ILE A 17 1.18 -7.84 -3.96
N GLU A 18 1.95 -8.91 -3.95
CA GLU A 18 1.41 -10.22 -3.63
C GLU A 18 0.59 -10.16 -2.34
N LYS A 19 1.19 -9.55 -1.33
CA LYS A 19 0.52 -9.42 -0.04
C LYS A 19 -0.81 -8.69 -0.24
N ILE A 20 -0.75 -7.60 -0.97
CA ILE A 20 -1.94 -6.80 -1.24
C ILE A 20 -2.95 -7.66 -2.01
N GLU A 21 -2.58 -7.99 -3.24
CA GLU A 21 -3.44 -8.80 -4.08
C GLU A 21 -4.14 -9.89 -3.25
N ASP A 22 -3.32 -10.62 -2.50
CA ASP A 22 -3.84 -11.68 -1.66
C ASP A 22 -4.88 -11.12 -0.70
N PHE A 23 -4.49 -10.05 -0.03
CA PHE A 23 -5.38 -9.39 0.92
C PHE A 23 -6.66 -8.92 0.25
N LEU A 24 -6.51 -8.49 -1.00
CA LEU A 24 -7.65 -8.02 -1.77
C LEU A 24 -8.48 -9.22 -2.24
N GLN A 25 -7.82 -10.35 -2.35
CA GLN A 25 -8.47 -11.57 -2.78
C GLN A 25 -9.44 -12.07 -1.70
N SER A 26 -8.94 -12.06 -0.47
CA SER A 26 -9.75 -12.50 0.66
C SER A 26 -10.99 -11.62 0.80
N GLU A 27 -12.09 -12.25 1.20
CA GLU A 27 -13.33 -11.53 1.38
C GLU A 27 -13.46 -11.01 2.82
N GLU A 28 -13.01 -11.83 3.75
CA GLU A 28 -13.06 -11.47 5.15
C GLU A 28 -12.11 -10.31 5.43
N LYS A 29 -10.86 -10.49 5.04
CA LYS A 29 -9.86 -9.46 5.25
C LYS A 29 -10.46 -8.09 4.94
N ARG A 30 -10.29 -7.18 5.89
CA ARG A 30 -10.82 -5.84 5.73
C ARG A 30 -9.68 -4.83 5.60
N SER A 31 -8.59 -5.12 6.31
CA SER A 31 -7.42 -4.25 6.27
C SER A 31 -6.15 -5.10 6.38
N LEU A 32 -5.11 -4.64 5.68
CA LEU A 32 -3.84 -5.34 5.69
C LEU A 32 -2.78 -4.45 6.35
N GLU A 33 -1.78 -5.11 6.91
CA GLU A 33 -0.71 -4.40 7.58
C GLU A 33 0.65 -4.81 7.00
N LEU A 34 1.32 -3.83 6.40
CA LEU A 34 2.62 -4.08 5.80
C LEU A 34 3.71 -3.95 6.88
N ASP A 35 4.93 -4.24 6.48
CA ASP A 35 6.06 -4.16 7.38
C ASP A 35 6.47 -2.69 7.54
N PRO A 36 7.15 -2.41 8.68
CA PRO A 36 7.61 -1.06 8.97
C PRO A 36 8.82 -0.70 8.11
N CYS A 37 8.64 0.31 7.27
CA CYS A 37 9.71 0.77 6.40
C CYS A 37 10.60 1.72 7.19
N THR A 38 11.74 2.05 6.59
CA THR A 38 12.69 2.95 7.23
C THR A 38 12.45 4.39 6.78
N GLY A 39 12.01 4.52 5.53
CA GLY A 39 11.73 5.82 4.97
C GLY A 39 11.63 5.75 3.44
N PHE A 40 12.75 5.41 2.82
CA PHE A 40 12.80 5.29 1.37
C PHE A 40 11.71 4.35 0.85
N GLN A 41 11.81 3.09 1.26
CA GLN A 41 10.84 2.09 0.85
C GLN A 41 9.42 2.63 0.99
N ARG A 42 9.14 3.14 2.19
CA ARG A 42 7.82 3.69 2.47
C ARG A 42 7.34 4.53 1.28
N LYS A 43 8.16 5.48 0.89
CA LYS A 43 7.83 6.35 -0.23
C LYS A 43 7.52 5.50 -1.46
N LEU A 44 8.28 4.43 -1.61
CA LEU A 44 8.10 3.53 -2.74
C LEU A 44 6.68 2.94 -2.69
N ILE A 45 6.41 2.24 -1.60
CA ILE A 45 5.10 1.62 -1.42
C ILE A 45 4.01 2.61 -1.85
N TYR A 46 4.01 3.77 -1.20
CA TYR A 46 3.03 4.79 -1.50
C TYR A 46 3.08 5.18 -2.99
N GLN A 47 4.30 5.26 -3.50
CA GLN A 47 4.50 5.61 -4.89
C GLN A 47 3.82 4.58 -5.80
N THR A 48 4.17 3.32 -5.59
CA THR A 48 3.60 2.24 -6.37
C THR A 48 2.08 2.23 -6.24
N LEU A 49 1.63 2.08 -5.00
CA LEU A 49 0.21 2.04 -4.72
C LEU A 49 -0.46 3.29 -5.31
N SER A 50 0.36 4.29 -5.56
CA SER A 50 -0.13 5.54 -6.12
C SER A 50 -0.82 5.27 -7.46
N TRP A 51 -0.22 4.37 -8.23
CA TRP A 51 -0.77 4.03 -9.52
C TRP A 51 -1.28 2.58 -9.45
N LYS A 52 -0.60 1.79 -8.64
CA LYS A 52 -0.97 0.39 -8.47
C LYS A 52 -2.40 0.31 -7.92
N TYR A 53 -2.75 1.32 -7.14
CA TYR A 53 -4.08 1.38 -6.55
C TYR A 53 -4.44 2.82 -6.16
N PRO A 54 -4.92 3.58 -7.18
CA PRO A 54 -5.31 4.96 -6.96
C PRO A 54 -6.65 5.04 -6.23
N LYS A 55 -7.59 4.25 -6.71
CA LYS A 55 -8.92 4.23 -6.10
C LYS A 55 -9.33 2.78 -5.86
N GLY A 56 -9.53 2.46 -4.59
CA GLY A 56 -9.92 1.12 -4.21
C GLY A 56 -9.50 0.80 -2.78
N ILE A 57 -8.30 1.27 -2.43
CA ILE A 57 -7.77 1.05 -1.09
C ILE A 57 -7.31 2.39 -0.51
N HIS A 58 -7.02 2.37 0.78
CA HIS A 58 -6.58 3.57 1.48
C HIS A 58 -5.37 3.23 2.35
N VAL A 59 -4.22 3.72 1.94
CA VAL A 59 -2.98 3.48 2.68
C VAL A 59 -2.89 4.48 3.83
N GLU A 60 -2.72 3.93 5.03
CA GLU A 60 -2.61 4.76 6.22
C GLU A 60 -1.48 4.26 7.12
N THR A 61 -0.83 5.20 7.78
CA THR A 61 0.26 4.86 8.67
C THR A 61 -0.20 4.88 10.13
N LEU A 62 -0.39 3.69 10.68
CA LEU A 62 -0.83 3.55 12.06
C LEU A 62 0.39 3.53 12.98
N GLU A 63 0.16 3.96 14.21
CA GLU A 63 1.23 4.00 15.20
C GLU A 63 1.22 2.72 16.03
N THR A 64 2.41 2.30 16.42
CA THR A 64 2.55 1.09 17.22
C THR A 64 3.16 1.42 18.58
N ASP A 65 3.68 0.39 19.23
CA ASP A 65 4.30 0.56 20.53
C ASP A 65 5.79 0.88 20.35
N LYS A 66 6.51 -0.09 19.80
CA LYS A 66 7.93 0.07 19.57
C LYS A 66 8.16 0.55 18.14
N LYS A 67 7.36 0.01 17.23
CA LYS A 67 7.46 0.38 15.83
C LYS A 67 7.39 1.90 15.69
N GLU A 68 6.40 2.47 16.37
CA GLU A 68 6.21 3.91 16.34
C GLU A 68 5.39 4.31 15.12
N ARG A 69 5.31 3.39 14.16
CA ARG A 69 4.56 3.63 12.94
C ARG A 69 4.68 2.44 12.00
N HIS A 70 3.68 2.30 11.13
CA HIS A 70 3.66 1.20 10.18
C HIS A 70 2.58 1.48 9.12
N ILE A 71 2.89 1.04 7.91
CA ILE A 71 1.97 1.23 6.80
C ILE A 71 0.81 0.23 6.93
N VAL A 72 -0.38 0.71 6.58
CA VAL A 72 -1.56 -0.13 6.65
C VAL A 72 -2.44 0.13 5.42
N ILE A 73 -3.10 -0.94 4.98
CA ILE A 73 -3.97 -0.84 3.82
C ILE A 73 -5.40 -1.18 4.23
N SER A 74 -6.30 -0.24 3.98
CA SER A 74 -7.70 -0.42 4.31
C SER A 74 -8.52 -0.61 3.03
N LYS A 75 -9.64 -1.30 3.18
CA LYS A 75 -10.52 -1.55 2.05
C LYS A 75 -11.35 -0.30 1.77
N VAL A 76 -11.32 0.11 0.51
CA VAL A 76 -12.06 1.29 0.10
C VAL A 76 -12.93 0.94 -1.12
N ASP A 77 -13.90 1.80 -1.38
CA ASP A 77 -14.81 1.60 -2.49
C ASP A 77 -15.09 2.94 -3.17
N GLU A 78 -15.47 2.86 -4.43
CA GLU A 78 -15.76 4.05 -5.21
C GLU A 78 -16.95 4.80 -4.59
N GLU A 79 -18.08 4.10 -4.52
CA GLU A 79 -19.28 4.69 -3.96
C GLU A 79 -18.96 5.43 -2.66
N GLU A 80 -18.39 4.69 -1.72
CA GLU A 80 -18.02 5.27 -0.44
C GLU A 80 -17.10 6.48 -0.65
N ARG A 81 -15.91 6.19 -1.14
CA ARG A 81 -14.93 7.25 -1.38
C ARG A 81 -14.89 7.59 -2.87
N SER A 82 -15.29 8.82 -3.18
CA SER A 82 -15.30 9.29 -4.55
C SER A 82 -13.90 9.75 -4.95
N GLY A 83 -13.31 10.56 -4.09
CA GLY A 83 -11.98 11.08 -4.35
C GLY A 83 -11.82 12.48 -3.76
N PRO A 84 -10.68 13.13 -4.13
CA PRO A 84 -10.40 14.48 -3.64
C PRO A 84 -11.26 15.51 -4.36
N SER A 85 -12.33 15.91 -3.68
CA SER A 85 -13.24 16.89 -4.22
C SER A 85 -12.46 17.98 -4.95
N SER A 86 -11.38 18.40 -4.33
CA SER A 86 -10.53 19.44 -4.89
C SER A 86 -9.84 18.92 -6.15
N GLY A 87 -9.02 17.90 -5.96
CA GLY A 87 -8.29 17.29 -7.06
C GLY A 87 -6.81 17.10 -6.70
N GLY A 1 21.21 -5.54 -14.88
CA GLY A 1 20.63 -5.57 -16.21
C GLY A 1 19.19 -5.03 -16.19
N SER A 2 19.02 -3.86 -16.79
CA SER A 2 17.70 -3.24 -16.85
C SER A 2 17.23 -2.90 -15.44
N SER A 3 16.96 -1.61 -15.24
CA SER A 3 16.49 -1.13 -13.96
C SER A 3 17.41 -1.66 -12.84
N GLY A 4 18.44 -0.88 -12.54
CA GLY A 4 19.38 -1.27 -11.52
C GLY A 4 18.96 -0.70 -10.15
N SER A 5 18.91 0.62 -10.09
CA SER A 5 18.52 1.30 -8.85
C SER A 5 17.06 1.01 -8.54
N SER A 6 16.25 1.00 -9.58
CA SER A 6 14.83 0.75 -9.43
C SER A 6 14.58 -0.75 -9.23
N GLY A 7 15.18 -1.55 -10.11
CA GLY A 7 15.04 -2.99 -10.05
C GLY A 7 15.09 -3.47 -8.60
N ASP A 8 15.86 -2.75 -7.79
CA ASP A 8 16.01 -3.10 -6.39
C ASP A 8 14.64 -3.03 -5.71
N GLN A 9 14.10 -1.82 -5.66
CA GLN A 9 12.81 -1.60 -5.04
C GLN A 9 11.71 -2.31 -5.84
N LYS A 10 11.96 -2.41 -7.14
CA LYS A 10 11.00 -3.05 -8.04
C LYS A 10 10.67 -4.44 -7.50
N LYS A 11 11.68 -5.08 -6.94
CA LYS A 11 11.52 -6.41 -6.39
C LYS A 11 10.78 -6.32 -5.05
N PHE A 12 11.15 -5.30 -4.28
CA PHE A 12 10.54 -5.10 -2.99
C PHE A 12 9.03 -4.81 -3.12
N ILE A 13 8.72 -3.83 -3.94
CA ILE A 13 7.33 -3.46 -4.17
C ILE A 13 6.55 -4.68 -4.61
N ASP A 14 7.06 -5.33 -5.65
CA ASP A 14 6.42 -6.53 -6.18
C ASP A 14 6.10 -7.48 -5.03
N GLN A 15 7.14 -7.80 -4.27
CA GLN A 15 6.98 -8.70 -3.14
C GLN A 15 5.79 -8.29 -2.28
N VAL A 16 5.61 -6.98 -2.17
CA VAL A 16 4.52 -6.44 -1.38
C VAL A 16 3.20 -6.66 -2.13
N ILE A 17 3.21 -6.30 -3.41
CA ILE A 17 2.03 -6.46 -4.23
C ILE A 17 1.35 -7.79 -3.90
N GLU A 18 2.16 -8.83 -3.82
CA GLU A 18 1.66 -10.16 -3.51
C GLU A 18 0.80 -10.12 -2.24
N LYS A 19 1.35 -9.48 -1.22
CA LYS A 19 0.65 -9.37 0.05
C LYS A 19 -0.70 -8.69 -0.18
N ILE A 20 -0.66 -7.62 -0.97
CA ILE A 20 -1.87 -6.88 -1.28
C ILE A 20 -2.85 -7.79 -2.02
N GLU A 21 -2.44 -8.22 -3.20
CA GLU A 21 -3.26 -9.09 -4.01
C GLU A 21 -4.00 -10.11 -3.12
N ASP A 22 -3.20 -10.85 -2.36
CA ASP A 22 -3.77 -11.86 -1.47
C ASP A 22 -4.80 -11.21 -0.56
N PHE A 23 -4.38 -10.15 0.11
CA PHE A 23 -5.26 -9.44 1.01
C PHE A 23 -6.56 -9.02 0.30
N LEU A 24 -6.41 -8.66 -0.97
CA LEU A 24 -7.55 -8.26 -1.77
C LEU A 24 -8.42 -9.47 -2.09
N GLN A 25 -7.75 -10.57 -2.38
CA GLN A 25 -8.44 -11.81 -2.71
C GLN A 25 -9.37 -12.20 -1.56
N SER A 26 -8.81 -12.23 -0.37
CA SER A 26 -9.59 -12.59 0.81
C SER A 26 -10.82 -11.69 0.93
N GLU A 27 -11.89 -12.27 1.45
CA GLU A 27 -13.13 -11.53 1.61
C GLU A 27 -13.20 -10.91 3.01
N GLU A 28 -13.07 -11.76 4.02
CA GLU A 28 -13.11 -11.30 5.39
C GLU A 28 -12.17 -10.12 5.58
N LYS A 29 -10.93 -10.32 5.14
CA LYS A 29 -9.92 -9.28 5.27
C LYS A 29 -10.55 -7.92 4.95
N ARG A 30 -10.38 -6.99 5.89
CA ARG A 30 -10.92 -5.66 5.72
C ARG A 30 -9.79 -4.63 5.65
N SER A 31 -8.73 -4.92 6.39
CA SER A 31 -7.58 -4.03 6.42
C SER A 31 -6.30 -4.85 6.57
N LEU A 32 -5.35 -4.56 5.69
CA LEU A 32 -4.07 -5.25 5.71
C LEU A 32 -3.05 -4.40 6.47
N GLU A 33 -2.09 -5.09 7.07
CA GLU A 33 -1.04 -4.42 7.82
C GLU A 33 0.34 -4.88 7.36
N LEU A 34 1.13 -3.92 6.89
CA LEU A 34 2.46 -4.22 6.42
C LEU A 34 3.46 -4.05 7.57
N ASP A 35 4.71 -4.38 7.28
CA ASP A 35 5.76 -4.28 8.27
C ASP A 35 6.33 -2.86 8.27
N PRO A 36 6.86 -2.46 9.45
CA PRO A 36 7.43 -1.12 9.59
C PRO A 36 8.81 -1.05 8.91
N CYS A 37 8.84 -0.29 7.81
CA CYS A 37 10.08 -0.13 7.07
C CYS A 37 10.86 1.04 7.68
N THR A 38 11.89 1.45 6.96
CA THR A 38 12.72 2.56 7.42
C THR A 38 12.10 3.90 7.01
N GLY A 39 12.00 4.09 5.71
CA GLY A 39 11.43 5.32 5.18
C GLY A 39 11.38 5.28 3.65
N PHE A 40 12.56 5.21 3.05
CA PHE A 40 12.66 5.17 1.60
C PHE A 40 11.59 4.26 1.00
N GLN A 41 11.66 2.99 1.37
CA GLN A 41 10.69 2.03 0.88
C GLN A 41 9.27 2.55 1.05
N ARG A 42 8.99 3.06 2.23
CA ARG A 42 7.68 3.60 2.54
C ARG A 42 7.18 4.46 1.39
N LYS A 43 8.04 5.37 0.95
CA LYS A 43 7.70 6.26 -0.14
C LYS A 43 7.41 5.44 -1.40
N LEU A 44 8.22 4.41 -1.58
CA LEU A 44 8.06 3.53 -2.73
C LEU A 44 6.67 2.90 -2.71
N ILE A 45 6.31 2.39 -1.55
CA ILE A 45 5.01 1.76 -1.38
C ILE A 45 3.92 2.73 -1.83
N TYR A 46 3.91 3.89 -1.20
CA TYR A 46 2.93 4.92 -1.52
C TYR A 46 3.00 5.30 -3.00
N GLN A 47 4.23 5.45 -3.48
CA GLN A 47 4.45 5.81 -4.87
C GLN A 47 3.79 4.79 -5.79
N THR A 48 4.11 3.52 -5.56
CA THR A 48 3.55 2.45 -6.37
C THR A 48 2.02 2.44 -6.26
N LEU A 49 1.55 2.21 -5.05
CA LEU A 49 0.11 2.17 -4.80
C LEU A 49 -0.53 3.41 -5.41
N SER A 50 0.28 4.45 -5.58
CA SER A 50 -0.20 5.70 -6.14
C SER A 50 -0.87 5.44 -7.50
N TRP A 51 -0.24 4.57 -8.28
CA TRP A 51 -0.76 4.22 -9.59
C TRP A 51 -1.25 2.77 -9.53
N LYS A 52 -0.57 1.98 -8.72
CA LYS A 52 -0.92 0.58 -8.57
C LYS A 52 -2.36 0.47 -8.08
N TYR A 53 -2.73 1.40 -7.21
CA TYR A 53 -4.08 1.42 -6.66
C TYR A 53 -4.45 2.82 -6.19
N PRO A 54 -4.84 3.68 -7.16
CA PRO A 54 -5.23 5.05 -6.85
C PRO A 54 -6.61 5.10 -6.21
N LYS A 55 -7.48 4.24 -6.72
CA LYS A 55 -8.86 4.17 -6.21
C LYS A 55 -9.26 2.71 -6.06
N GLY A 56 -9.54 2.34 -4.82
CA GLY A 56 -9.94 0.98 -4.52
C GLY A 56 -9.56 0.58 -3.09
N ILE A 57 -8.40 1.07 -2.68
CA ILE A 57 -7.90 0.78 -1.34
C ILE A 57 -7.50 2.09 -0.66
N HIS A 58 -7.32 2.01 0.65
CA HIS A 58 -6.94 3.17 1.43
C HIS A 58 -5.68 2.85 2.24
N VAL A 59 -4.62 3.59 1.97
CA VAL A 59 -3.36 3.39 2.66
C VAL A 59 -3.26 4.42 3.80
N GLU A 60 -2.86 3.92 4.96
CA GLU A 60 -2.72 4.77 6.14
C GLU A 60 -1.50 4.33 6.96
N THR A 61 -0.78 5.33 7.45
CA THR A 61 0.40 5.07 8.25
C THR A 61 0.16 5.46 9.70
N LEU A 62 0.40 4.51 10.60
CA LEU A 62 0.21 4.75 12.02
C LEU A 62 1.48 4.37 12.77
N GLU A 63 1.73 5.09 13.86
CA GLU A 63 2.90 4.84 14.67
C GLU A 63 2.50 4.37 16.08
N THR A 64 3.09 3.26 16.48
CA THR A 64 2.79 2.70 17.79
C THR A 64 4.03 2.79 18.70
N ASP A 65 4.19 1.76 19.51
CA ASP A 65 5.32 1.70 20.43
C ASP A 65 6.47 0.96 19.76
N LYS A 66 6.24 -0.31 19.50
CA LYS A 66 7.25 -1.16 18.87
C LYS A 66 6.97 -1.23 17.37
N LYS A 67 5.70 -1.26 17.03
CA LYS A 67 5.29 -1.33 15.64
C LYS A 67 5.78 -0.08 14.90
N GLU A 68 5.84 1.02 15.64
CA GLU A 68 6.29 2.27 15.08
C GLU A 68 5.52 2.59 13.79
N ARG A 69 5.96 3.63 13.11
CA ARG A 69 5.33 4.04 11.86
C ARG A 69 5.22 2.86 10.90
N HIS A 70 4.04 2.26 10.88
CA HIS A 70 3.80 1.12 10.01
C HIS A 70 2.68 1.46 9.01
N ILE A 71 2.80 0.88 7.83
CA ILE A 71 1.82 1.11 6.79
C ILE A 71 0.66 0.14 6.96
N VAL A 72 -0.54 0.64 6.71
CA VAL A 72 -1.74 -0.17 6.83
C VAL A 72 -2.67 0.13 5.66
N ILE A 73 -3.24 -0.93 5.10
CA ILE A 73 -4.15 -0.80 3.98
C ILE A 73 -5.58 -1.13 4.44
N SER A 74 -6.54 -0.57 3.72
CA SER A 74 -7.94 -0.80 4.04
C SER A 74 -8.73 -1.05 2.77
N LYS A 75 -9.93 -1.61 2.95
CA LYS A 75 -10.79 -1.90 1.82
C LYS A 75 -11.63 -0.67 1.49
N VAL A 76 -11.50 -0.21 0.26
CA VAL A 76 -12.24 0.95 -0.20
C VAL A 76 -13.07 0.58 -1.42
N ASP A 77 -14.01 1.46 -1.75
CA ASP A 77 -14.87 1.24 -2.89
C ASP A 77 -15.27 2.59 -3.50
N GLU A 78 -15.68 2.54 -4.75
CA GLU A 78 -16.10 3.74 -5.46
C GLU A 78 -17.22 4.44 -4.70
N GLU A 79 -18.39 3.80 -4.72
CA GLU A 79 -19.55 4.35 -4.04
C GLU A 79 -19.17 4.84 -2.64
N GLU A 80 -18.55 3.94 -1.89
CA GLU A 80 -18.12 4.26 -0.53
C GLU A 80 -17.60 5.69 -0.47
N ARG A 81 -16.59 5.96 -1.29
CA ARG A 81 -15.99 7.28 -1.34
C ARG A 81 -17.01 8.31 -1.83
N SER A 82 -17.10 9.41 -1.09
CA SER A 82 -18.02 10.47 -1.45
C SER A 82 -17.31 11.52 -2.30
N GLY A 83 -16.16 11.96 -1.80
CA GLY A 83 -15.38 12.96 -2.49
C GLY A 83 -15.14 12.56 -3.96
N PRO A 84 -14.86 13.59 -4.80
CA PRO A 84 -14.63 13.36 -6.21
C PRO A 84 -13.24 12.74 -6.45
N SER A 85 -12.96 12.44 -7.70
CA SER A 85 -11.69 11.85 -8.07
C SER A 85 -10.71 12.95 -8.49
N SER A 86 -11.11 13.70 -9.49
CA SER A 86 -10.29 14.78 -9.99
C SER A 86 -10.38 15.99 -9.06
N GLY A 87 -11.61 16.47 -8.89
CA GLY A 87 -11.85 17.62 -8.03
C GLY A 87 -12.27 18.84 -8.85
N GLY A 1 15.04 -4.80 -20.34
CA GLY A 1 14.53 -4.39 -19.04
C GLY A 1 15.19 -3.08 -18.58
N SER A 2 16.48 -3.19 -18.27
CA SER A 2 17.22 -2.03 -17.81
C SER A 2 16.61 -1.47 -16.53
N SER A 3 17.10 -1.99 -15.40
CA SER A 3 16.61 -1.56 -14.11
C SER A 3 17.65 -1.85 -13.03
N GLY A 4 18.53 -0.88 -12.83
CA GLY A 4 19.58 -1.02 -11.83
C GLY A 4 19.07 -0.65 -10.44
N SER A 5 18.78 0.63 -10.26
CA SER A 5 18.29 1.11 -8.99
C SER A 5 16.83 0.67 -8.79
N SER A 6 15.98 1.16 -9.66
CA SER A 6 14.57 0.82 -9.59
C SER A 6 14.40 -0.69 -9.40
N GLY A 7 15.11 -1.45 -10.24
CA GLY A 7 15.05 -2.89 -10.17
C GLY A 7 15.14 -3.38 -8.72
N ASP A 8 15.78 -2.56 -7.90
CA ASP A 8 15.95 -2.90 -6.49
C ASP A 8 14.60 -2.82 -5.79
N GLN A 9 13.98 -1.65 -5.92
CA GLN A 9 12.68 -1.43 -5.29
C GLN A 9 11.58 -2.16 -6.07
N LYS A 10 11.94 -2.57 -7.28
CA LYS A 10 11.00 -3.27 -8.14
C LYS A 10 10.72 -4.66 -7.54
N LYS A 11 11.78 -5.29 -7.08
CA LYS A 11 11.67 -6.61 -6.50
C LYS A 11 10.98 -6.50 -5.13
N PHE A 12 11.29 -5.42 -4.43
CA PHE A 12 10.70 -5.18 -3.13
C PHE A 12 9.19 -4.91 -3.24
N ILE A 13 8.86 -3.91 -4.05
CA ILE A 13 7.47 -3.55 -4.24
C ILE A 13 6.68 -4.79 -4.68
N ASP A 14 7.18 -5.44 -5.71
CA ASP A 14 6.53 -6.63 -6.23
C ASP A 14 6.21 -7.58 -5.07
N GLN A 15 7.24 -7.93 -4.33
CA GLN A 15 7.07 -8.83 -3.19
C GLN A 15 5.87 -8.39 -2.35
N VAL A 16 5.74 -7.09 -2.20
CA VAL A 16 4.63 -6.53 -1.42
C VAL A 16 3.32 -6.72 -2.19
N ILE A 17 3.38 -6.39 -3.47
CA ILE A 17 2.22 -6.52 -4.34
C ILE A 17 1.50 -7.84 -4.02
N GLU A 18 2.30 -8.86 -3.78
CA GLU A 18 1.75 -10.18 -3.46
C GLU A 18 0.91 -10.11 -2.19
N LYS A 19 1.48 -9.45 -1.17
CA LYS A 19 0.79 -9.31 0.10
C LYS A 19 -0.55 -8.62 -0.13
N ILE A 20 -0.49 -7.52 -0.87
CA ILE A 20 -1.70 -6.76 -1.17
C ILE A 20 -2.68 -7.64 -1.95
N GLU A 21 -2.24 -8.07 -3.12
CA GLU A 21 -3.07 -8.91 -3.97
C GLU A 21 -3.87 -9.90 -3.12
N ASP A 22 -3.15 -10.76 -2.43
CA ASP A 22 -3.78 -11.75 -1.57
C ASP A 22 -4.82 -11.07 -0.68
N PHE A 23 -4.35 -10.07 0.05
CA PHE A 23 -5.23 -9.33 0.95
C PHE A 23 -6.47 -8.83 0.21
N LEU A 24 -6.26 -8.44 -1.04
CA LEU A 24 -7.35 -7.94 -1.87
C LEU A 24 -8.25 -9.11 -2.27
N GLN A 25 -7.61 -10.25 -2.52
CA GLN A 25 -8.35 -11.44 -2.93
C GLN A 25 -9.28 -11.89 -1.80
N SER A 26 -8.73 -11.91 -0.60
CA SER A 26 -9.50 -12.32 0.57
C SER A 26 -10.72 -11.41 0.74
N GLU A 27 -11.80 -12.00 1.22
CA GLU A 27 -13.03 -11.26 1.43
C GLU A 27 -13.09 -10.72 2.86
N GLU A 28 -12.93 -11.64 3.81
CA GLU A 28 -12.95 -11.27 5.21
C GLU A 28 -12.00 -10.11 5.48
N LYS A 29 -10.78 -10.27 5.00
CA LYS A 29 -9.76 -9.24 5.17
C LYS A 29 -10.40 -7.87 4.97
N ARG A 30 -10.10 -6.98 5.91
CA ARG A 30 -10.63 -5.62 5.84
C ARG A 30 -9.49 -4.61 5.72
N SER A 31 -8.43 -4.87 6.47
CA SER A 31 -7.27 -4.00 6.47
C SER A 31 -6.00 -4.82 6.63
N LEU A 32 -5.08 -4.64 5.69
CA LEU A 32 -3.82 -5.35 5.71
C LEU A 32 -2.75 -4.47 6.35
N GLU A 33 -2.05 -5.04 7.32
CA GLU A 33 -1.00 -4.32 8.01
C GLU A 33 0.38 -4.78 7.51
N LEU A 34 1.13 -3.81 6.99
CA LEU A 34 2.45 -4.10 6.48
C LEU A 34 3.48 -3.88 7.60
N ASP A 35 4.71 -4.30 7.32
CA ASP A 35 5.79 -4.16 8.28
C ASP A 35 6.37 -2.74 8.18
N PRO A 36 6.86 -2.25 9.35
CA PRO A 36 7.45 -0.92 9.41
C PRO A 36 8.84 -0.91 8.79
N CYS A 37 8.96 -0.19 7.69
CA CYS A 37 10.23 -0.08 6.98
C CYS A 37 11.00 1.11 7.55
N THR A 38 11.95 1.60 6.75
CA THR A 38 12.75 2.74 7.16
C THR A 38 12.04 4.04 6.82
N GLY A 39 11.81 4.24 5.52
CA GLY A 39 11.16 5.43 5.05
C GLY A 39 11.10 5.47 3.52
N PHE A 40 12.25 5.23 2.92
CA PHE A 40 12.36 5.23 1.47
C PHE A 40 11.34 4.27 0.84
N GLN A 41 11.47 3.01 1.23
CA GLN A 41 10.57 1.98 0.72
C GLN A 41 9.12 2.43 0.86
N ARG A 42 8.78 2.84 2.08
CA ARG A 42 7.42 3.30 2.36
C ARG A 42 6.91 4.18 1.21
N LYS A 43 7.72 5.16 0.86
CA LYS A 43 7.37 6.08 -0.21
C LYS A 43 7.12 5.29 -1.50
N LEU A 44 7.95 4.26 -1.70
CA LEU A 44 7.85 3.42 -2.87
C LEU A 44 6.46 2.77 -2.90
N ILE A 45 6.10 2.17 -1.77
CA ILE A 45 4.81 1.51 -1.66
C ILE A 45 3.71 2.48 -2.06
N TYR A 46 3.66 3.60 -1.35
CA TYR A 46 2.66 4.62 -1.63
C TYR A 46 2.69 5.04 -3.11
N GLN A 47 3.91 5.24 -3.60
CA GLN A 47 4.09 5.64 -4.98
C GLN A 47 3.46 4.62 -5.93
N THR A 48 3.86 3.36 -5.73
CA THR A 48 3.34 2.28 -6.55
C THR A 48 1.81 2.21 -6.45
N LEU A 49 1.35 2.01 -5.23
CA LEU A 49 -0.09 1.92 -4.99
C LEU A 49 -0.77 3.17 -5.54
N SER A 50 0.03 4.22 -5.73
CA SER A 50 -0.48 5.48 -6.24
C SER A 50 -1.13 5.25 -7.61
N TRP A 51 -0.50 4.38 -8.39
CA TRP A 51 -1.01 4.06 -9.72
C TRP A 51 -1.51 2.61 -9.70
N LYS A 52 -0.85 1.80 -8.89
CA LYS A 52 -1.22 0.40 -8.78
C LYS A 52 -2.65 0.29 -8.24
N TYR A 53 -3.01 1.27 -7.42
CA TYR A 53 -4.35 1.29 -6.84
C TYR A 53 -4.69 2.70 -6.33
N PRO A 54 -5.18 3.54 -7.27
CA PRO A 54 -5.55 4.90 -6.93
C PRO A 54 -6.87 4.93 -6.16
N LYS A 55 -7.76 4.03 -6.54
CA LYS A 55 -9.07 3.95 -5.90
C LYS A 55 -9.39 2.48 -5.62
N GLY A 56 -9.27 2.12 -4.35
CA GLY A 56 -9.55 0.75 -3.94
C GLY A 56 -9.22 0.55 -2.45
N ILE A 57 -8.05 1.05 -2.06
CA ILE A 57 -7.61 0.93 -0.69
C ILE A 57 -7.13 2.30 -0.19
N HIS A 58 -6.66 2.31 1.05
CA HIS A 58 -6.18 3.53 1.65
C HIS A 58 -4.95 3.22 2.52
N VAL A 59 -3.80 3.69 2.04
CA VAL A 59 -2.56 3.48 2.77
C VAL A 59 -2.41 4.54 3.84
N GLU A 60 -2.16 4.08 5.06
CA GLU A 60 -1.99 4.99 6.18
C GLU A 60 -0.86 4.50 7.09
N THR A 61 -0.09 5.46 7.59
CA THR A 61 1.02 5.15 8.46
C THR A 61 0.60 5.29 9.93
N LEU A 62 0.41 4.14 10.57
CA LEU A 62 0.00 4.12 11.96
C LEU A 62 1.25 3.92 12.84
N GLU A 63 1.32 4.72 13.89
CA GLU A 63 2.45 4.63 14.81
C GLU A 63 1.97 4.17 16.19
N THR A 64 2.63 3.14 16.69
CA THR A 64 2.29 2.59 17.99
C THR A 64 3.51 2.60 18.92
N ASP A 65 3.57 1.61 19.78
CA ASP A 65 4.66 1.49 20.73
C ASP A 65 5.80 0.69 20.08
N LYS A 66 5.50 -0.56 19.78
CA LYS A 66 6.49 -1.43 19.17
C LYS A 66 6.30 -1.42 17.65
N LYS A 67 5.04 -1.41 17.24
CA LYS A 67 4.71 -1.38 15.83
C LYS A 67 5.34 -0.15 15.18
N GLU A 68 5.13 0.99 15.82
CA GLU A 68 5.67 2.23 15.31
C GLU A 68 5.12 2.53 13.91
N ARG A 69 5.38 3.74 13.45
CA ARG A 69 4.92 4.16 12.13
C ARG A 69 5.03 2.99 11.15
N HIS A 70 3.87 2.45 10.79
CA HIS A 70 3.82 1.33 9.86
C HIS A 70 2.69 1.56 8.85
N ILE A 71 2.95 1.15 7.62
CA ILE A 71 1.97 1.30 6.56
C ILE A 71 0.80 0.36 6.82
N VAL A 72 -0.40 0.86 6.58
CA VAL A 72 -1.61 0.08 6.78
C VAL A 72 -2.52 0.25 5.57
N ILE A 73 -3.00 -0.89 5.07
CA ILE A 73 -3.88 -0.89 3.91
C ILE A 73 -5.32 -1.15 4.37
N SER A 74 -6.14 -0.14 4.25
CA SER A 74 -7.54 -0.25 4.65
C SER A 74 -8.44 -0.26 3.41
N LYS A 75 -9.31 -1.26 3.37
CA LYS A 75 -10.23 -1.40 2.25
C LYS A 75 -10.99 -0.08 2.05
N VAL A 76 -11.04 0.36 0.80
CA VAL A 76 -11.72 1.59 0.47
C VAL A 76 -12.69 1.33 -0.68
N ASP A 77 -13.59 2.29 -0.88
CA ASP A 77 -14.57 2.18 -1.95
C ASP A 77 -14.92 3.58 -2.47
N GLU A 78 -15.60 3.61 -3.61
CA GLU A 78 -15.99 4.86 -4.22
C GLU A 78 -17.07 5.54 -3.39
N GLU A 79 -18.19 4.84 -3.24
CA GLU A 79 -19.31 5.36 -2.49
C GLU A 79 -18.81 6.04 -1.20
N GLU A 80 -17.79 5.44 -0.62
CA GLU A 80 -17.21 5.97 0.61
C GLU A 80 -16.93 7.47 0.46
N ARG A 81 -16.10 7.79 -0.51
CA ARG A 81 -15.75 9.18 -0.77
C ARG A 81 -16.86 9.87 -1.54
N SER A 82 -17.09 11.13 -1.18
CA SER A 82 -18.13 11.91 -1.83
C SER A 82 -17.82 12.07 -3.32
N GLY A 83 -16.59 12.47 -3.60
CA GLY A 83 -16.16 12.67 -4.97
C GLY A 83 -15.52 14.04 -5.15
N PRO A 84 -14.19 14.03 -5.39
CA PRO A 84 -13.45 15.26 -5.59
C PRO A 84 -13.73 15.85 -6.98
N SER A 85 -14.61 16.83 -7.01
CA SER A 85 -14.97 17.48 -8.25
C SER A 85 -13.70 17.81 -9.05
N SER A 86 -12.84 18.61 -8.44
CA SER A 86 -11.60 19.01 -9.08
C SER A 86 -10.64 17.81 -9.15
N GLY A 87 -10.31 17.30 -7.98
CA GLY A 87 -9.41 16.16 -7.89
C GLY A 87 -8.69 16.13 -6.54
N GLY A 1 19.87 1.52 -19.11
CA GLY A 1 19.00 0.36 -19.25
C GLY A 1 18.93 -0.42 -17.93
N SER A 2 17.81 -0.28 -17.24
CA SER A 2 17.61 -0.97 -15.98
C SER A 2 18.57 -0.41 -14.93
N SER A 3 17.99 0.06 -13.83
CA SER A 3 18.78 0.62 -12.74
C SER A 3 18.82 -0.37 -11.57
N GLY A 4 19.85 -0.21 -10.75
CA GLY A 4 20.01 -1.07 -9.59
C GLY A 4 18.89 -0.84 -8.58
N SER A 5 18.93 0.33 -7.96
CA SER A 5 17.92 0.69 -6.97
C SER A 5 16.53 0.31 -7.48
N SER A 6 16.14 0.96 -8.56
CA SER A 6 14.84 0.72 -9.16
C SER A 6 14.52 -0.77 -9.12
N GLY A 7 15.42 -1.55 -9.73
CA GLY A 7 15.25 -3.00 -9.77
C GLY A 7 15.14 -3.58 -8.36
N ASP A 8 16.06 -3.15 -7.51
CA ASP A 8 16.08 -3.62 -6.13
C ASP A 8 14.71 -3.38 -5.50
N GLN A 9 14.29 -2.13 -5.55
CA GLN A 9 13.01 -1.74 -4.97
C GLN A 9 11.86 -2.43 -5.74
N LYS A 10 12.18 -2.85 -6.95
CA LYS A 10 11.20 -3.52 -7.78
C LYS A 10 10.84 -4.87 -7.17
N LYS A 11 11.84 -5.50 -6.57
CA LYS A 11 11.65 -6.79 -5.94
C LYS A 11 10.92 -6.60 -4.61
N PHE A 12 11.28 -5.53 -3.92
CA PHE A 12 10.67 -5.21 -2.65
C PHE A 12 9.18 -4.92 -2.80
N ILE A 13 8.89 -4.00 -3.71
CA ILE A 13 7.50 -3.62 -3.98
C ILE A 13 6.71 -4.86 -4.38
N ASP A 14 7.22 -5.54 -5.39
CA ASP A 14 6.56 -6.74 -5.90
C ASP A 14 6.16 -7.62 -4.71
N GLN A 15 7.14 -7.93 -3.88
CA GLN A 15 6.90 -8.77 -2.71
C GLN A 15 5.67 -8.26 -1.95
N VAL A 16 5.61 -6.95 -1.79
CA VAL A 16 4.50 -6.33 -1.08
C VAL A 16 3.20 -6.62 -1.83
N ILE A 17 3.23 -6.34 -3.12
CA ILE A 17 2.06 -6.57 -3.95
C ILE A 17 1.39 -7.89 -3.55
N GLU A 18 2.18 -8.94 -3.59
CA GLU A 18 1.68 -10.25 -3.23
C GLU A 18 0.77 -10.17 -2.00
N LYS A 19 1.29 -9.50 -0.97
CA LYS A 19 0.54 -9.33 0.26
C LYS A 19 -0.76 -8.57 -0.04
N ILE A 20 -0.61 -7.51 -0.81
CA ILE A 20 -1.75 -6.69 -1.18
C ILE A 20 -2.78 -7.55 -1.93
N GLU A 21 -2.38 -8.00 -3.11
CA GLU A 21 -3.25 -8.83 -3.92
C GLU A 21 -4.04 -9.80 -3.05
N ASP A 22 -3.28 -10.60 -2.30
CA ASP A 22 -3.89 -11.58 -1.42
C ASP A 22 -4.93 -10.89 -0.52
N PHE A 23 -4.45 -9.86 0.18
CA PHE A 23 -5.31 -9.11 1.07
C PHE A 23 -6.56 -8.62 0.34
N LEU A 24 -6.38 -8.25 -0.91
CA LEU A 24 -7.48 -7.76 -1.73
C LEU A 24 -8.40 -8.93 -2.08
N GLN A 25 -7.79 -10.10 -2.22
CA GLN A 25 -8.54 -11.30 -2.55
C GLN A 25 -9.44 -11.71 -1.39
N SER A 26 -8.81 -11.95 -0.25
CA SER A 26 -9.53 -12.35 0.95
C SER A 26 -10.75 -11.45 1.14
N GLU A 27 -11.80 -12.03 1.70
CA GLU A 27 -13.03 -11.29 1.93
C GLU A 27 -13.02 -10.70 3.35
N GLU A 28 -12.92 -11.59 4.33
CA GLU A 28 -12.90 -11.17 5.72
C GLU A 28 -11.93 -10.00 5.91
N LYS A 29 -10.74 -10.16 5.35
CA LYS A 29 -9.72 -9.12 5.44
C LYS A 29 -10.37 -7.76 5.22
N ARG A 30 -10.12 -6.85 6.16
CA ARG A 30 -10.66 -5.52 6.08
C ARG A 30 -9.54 -4.48 5.97
N SER A 31 -8.45 -4.77 6.67
CA SER A 31 -7.31 -3.88 6.66
C SER A 31 -6.01 -4.70 6.76
N LEU A 32 -5.10 -4.40 5.85
CA LEU A 32 -3.82 -5.10 5.82
C LEU A 32 -2.77 -4.27 6.57
N GLU A 33 -1.73 -4.95 7.02
CA GLU A 33 -0.66 -4.29 7.75
C GLU A 33 0.70 -4.69 7.18
N LEU A 34 1.50 -3.68 6.86
CA LEU A 34 2.82 -3.92 6.31
C LEU A 34 3.87 -3.66 7.39
N ASP A 35 5.08 -4.11 7.10
CA ASP A 35 6.19 -3.94 8.03
C ASP A 35 6.59 -2.46 8.08
N PRO A 36 7.21 -2.07 9.22
CA PRO A 36 7.65 -0.69 9.41
C PRO A 36 8.91 -0.41 8.59
N CYS A 37 8.76 0.51 7.64
CA CYS A 37 9.87 0.88 6.79
C CYS A 37 10.62 2.04 7.46
N THR A 38 11.73 2.43 6.82
CA THR A 38 12.54 3.51 7.34
C THR A 38 12.07 4.86 6.78
N GLY A 39 11.40 4.78 5.63
CA GLY A 39 10.89 5.96 4.98
C GLY A 39 10.85 5.79 3.46
N PHE A 40 12.03 5.84 2.86
CA PHE A 40 12.15 5.69 1.43
C PHE A 40 11.15 4.64 0.90
N GLN A 41 11.34 3.41 1.37
CA GLN A 41 10.47 2.33 0.96
C GLN A 41 9.01 2.79 0.93
N ARG A 42 8.58 3.38 2.05
CA ARG A 42 7.22 3.87 2.15
C ARG A 42 6.84 4.66 0.90
N LYS A 43 7.70 5.59 0.54
CA LYS A 43 7.47 6.41 -0.63
C LYS A 43 7.34 5.52 -1.87
N LEU A 44 8.02 4.39 -1.82
CA LEU A 44 7.99 3.44 -2.91
C LEU A 44 6.61 2.76 -2.96
N ILE A 45 6.17 2.30 -1.80
CA ILE A 45 4.88 1.64 -1.70
C ILE A 45 3.79 2.60 -2.18
N TYR A 46 3.84 3.81 -1.65
CA TYR A 46 2.86 4.83 -2.02
C TYR A 46 2.95 5.17 -3.51
N GLN A 47 4.18 5.17 -4.00
CA GLN A 47 4.42 5.48 -5.40
C GLN A 47 3.72 4.44 -6.29
N THR A 48 4.01 3.18 -6.02
CA THR A 48 3.42 2.10 -6.79
C THR A 48 1.90 2.17 -6.73
N LEU A 49 1.38 2.00 -5.52
CA LEU A 49 -0.06 2.04 -5.32
C LEU A 49 -0.64 3.29 -5.99
N SER A 50 0.22 4.28 -6.15
CA SER A 50 -0.18 5.52 -6.78
C SER A 50 -0.81 5.24 -8.15
N TRP A 51 -0.21 4.30 -8.86
CA TRP A 51 -0.70 3.92 -10.18
C TRP A 51 -1.26 2.51 -10.09
N LYS A 52 -0.66 1.72 -9.22
CA LYS A 52 -1.09 0.34 -9.02
C LYS A 52 -2.52 0.32 -8.50
N TYR A 53 -2.78 1.20 -7.53
CA TYR A 53 -4.10 1.29 -6.94
C TYR A 53 -4.34 2.69 -6.35
N PRO A 54 -4.69 3.64 -7.25
CA PRO A 54 -4.95 5.01 -6.83
C PRO A 54 -6.30 5.12 -6.12
N LYS A 55 -7.25 4.34 -6.62
CA LYS A 55 -8.59 4.34 -6.04
C LYS A 55 -9.08 2.90 -5.90
N GLY A 56 -9.13 2.45 -4.66
CA GLY A 56 -9.57 1.09 -4.37
C GLY A 56 -9.38 0.75 -2.90
N ILE A 57 -8.26 1.21 -2.36
CA ILE A 57 -7.93 0.96 -0.96
C ILE A 57 -7.56 2.28 -0.28
N HIS A 58 -7.19 2.18 0.98
CA HIS A 58 -6.81 3.35 1.75
C HIS A 58 -5.56 3.04 2.57
N VAL A 59 -4.48 3.73 2.24
CA VAL A 59 -3.22 3.55 2.93
C VAL A 59 -3.11 4.57 4.07
N GLU A 60 -2.67 4.07 5.23
CA GLU A 60 -2.52 4.92 6.39
C GLU A 60 -1.29 4.50 7.20
N THR A 61 -0.62 5.50 7.76
CA THR A 61 0.57 5.24 8.56
C THR A 61 0.21 5.19 10.05
N LEU A 62 0.19 3.98 10.57
CA LEU A 62 -0.13 3.77 11.97
C LEU A 62 1.16 3.58 12.77
N GLU A 63 1.18 4.15 13.97
CA GLU A 63 2.34 4.06 14.83
C GLU A 63 1.94 3.47 16.19
N THR A 64 2.69 2.45 16.59
CA THR A 64 2.42 1.79 17.86
C THR A 64 3.69 1.78 18.73
N ASP A 65 3.81 0.74 19.53
CA ASP A 65 4.96 0.60 20.41
C ASP A 65 6.05 -0.20 19.69
N LYS A 66 5.72 -1.45 19.39
CA LYS A 66 6.65 -2.33 18.71
C LYS A 66 6.45 -2.22 17.20
N LYS A 67 5.19 -2.15 16.81
CA LYS A 67 4.85 -2.03 15.39
C LYS A 67 5.50 -0.77 14.82
N GLU A 68 5.33 0.33 15.54
CA GLU A 68 5.90 1.59 15.11
C GLU A 68 5.28 2.02 13.77
N ARG A 69 5.61 3.25 13.37
CA ARG A 69 5.10 3.78 12.12
C ARG A 69 5.20 2.73 11.01
N HIS A 70 4.06 2.14 10.70
CA HIS A 70 4.00 1.13 9.66
C HIS A 70 2.85 1.42 8.71
N ILE A 71 3.09 1.14 7.43
CA ILE A 71 2.09 1.37 6.41
C ILE A 71 0.95 0.35 6.58
N VAL A 72 -0.27 0.87 6.57
CA VAL A 72 -1.45 0.03 6.71
C VAL A 72 -2.41 0.31 5.57
N ILE A 73 -3.02 -0.76 5.07
CA ILE A 73 -3.96 -0.64 3.97
C ILE A 73 -5.35 -1.02 4.47
N SER A 74 -6.35 -0.46 3.80
CA SER A 74 -7.74 -0.73 4.16
C SER A 74 -8.57 -0.96 2.90
N LYS A 75 -9.73 -1.58 3.10
CA LYS A 75 -10.63 -1.86 1.99
C LYS A 75 -11.48 -0.62 1.70
N VAL A 76 -11.41 -0.17 0.45
CA VAL A 76 -12.16 0.99 0.03
C VAL A 76 -12.98 0.64 -1.22
N ASP A 77 -14.07 1.37 -1.39
CA ASP A 77 -14.96 1.15 -2.51
C ASP A 77 -15.73 2.44 -2.82
N GLU A 78 -15.16 3.54 -2.37
CA GLU A 78 -15.78 4.85 -2.59
C GLU A 78 -15.16 5.54 -3.81
N GLU A 79 -13.92 5.96 -3.64
CA GLU A 79 -13.21 6.63 -4.70
C GLU A 79 -13.17 5.75 -5.96
N GLU A 80 -13.43 4.47 -5.74
CA GLU A 80 -13.42 3.50 -6.83
C GLU A 80 -14.68 3.65 -7.67
N ARG A 81 -15.82 3.64 -6.98
CA ARG A 81 -17.10 3.77 -7.65
C ARG A 81 -17.46 5.25 -7.82
N SER A 82 -18.19 5.52 -8.89
CA SER A 82 -18.61 6.89 -9.19
C SER A 82 -19.49 7.42 -8.05
N GLY A 83 -20.44 6.59 -7.64
CA GLY A 83 -21.35 6.96 -6.57
C GLY A 83 -22.52 7.80 -7.11
N PRO A 84 -23.07 8.65 -6.20
CA PRO A 84 -24.18 9.51 -6.58
C PRO A 84 -23.71 10.67 -7.44
N SER A 85 -24.54 11.00 -8.43
CA SER A 85 -24.22 12.09 -9.34
C SER A 85 -24.84 13.40 -8.83
N SER A 86 -26.16 13.37 -8.67
CA SER A 86 -26.88 14.53 -8.19
C SER A 86 -26.72 14.66 -6.68
N GLY A 87 -27.15 13.62 -5.98
CA GLY A 87 -27.06 13.61 -4.53
C GLY A 87 -28.16 14.44 -3.90
N GLY A 1 15.70 -10.06 -14.26
CA GLY A 1 16.49 -8.86 -14.07
C GLY A 1 15.69 -7.61 -14.49
N SER A 2 16.11 -7.04 -15.61
CA SER A 2 15.45 -5.86 -16.14
C SER A 2 15.53 -4.71 -15.11
N SER A 3 16.22 -3.66 -15.50
CA SER A 3 16.37 -2.50 -14.63
C SER A 3 17.13 -2.90 -13.36
N GLY A 4 18.20 -2.17 -13.09
CA GLY A 4 19.02 -2.44 -11.92
C GLY A 4 18.56 -1.58 -10.73
N SER A 5 18.69 -0.28 -10.90
CA SER A 5 18.30 0.65 -9.86
C SER A 5 16.88 0.33 -9.37
N SER A 6 15.92 0.53 -10.27
CA SER A 6 14.53 0.26 -9.95
C SER A 6 14.35 -1.21 -9.59
N GLY A 7 14.92 -2.06 -10.42
CA GLY A 7 14.83 -3.50 -10.21
C GLY A 7 15.01 -3.84 -8.73
N ASP A 8 15.76 -3.00 -8.04
CA ASP A 8 16.01 -3.21 -6.62
C ASP A 8 14.68 -3.14 -5.87
N GLN A 9 14.02 -1.99 -5.98
CA GLN A 9 12.75 -1.80 -5.31
C GLN A 9 11.64 -2.54 -6.05
N LYS A 10 11.83 -2.70 -7.35
CA LYS A 10 10.86 -3.38 -8.18
C LYS A 10 10.55 -4.75 -7.57
N LYS A 11 11.60 -5.37 -7.03
CA LYS A 11 11.45 -6.68 -6.42
C LYS A 11 10.73 -6.53 -5.07
N PHE A 12 11.24 -5.60 -4.27
CA PHE A 12 10.67 -5.35 -2.96
C PHE A 12 9.18 -5.00 -3.08
N ILE A 13 8.89 -4.01 -3.90
CA ILE A 13 7.53 -3.58 -4.11
C ILE A 13 6.67 -4.77 -4.53
N ASP A 14 7.17 -5.50 -5.53
CA ASP A 14 6.47 -6.66 -6.03
C ASP A 14 6.11 -7.58 -4.87
N GLN A 15 7.13 -7.96 -4.12
CA GLN A 15 6.94 -8.84 -2.97
C GLN A 15 5.76 -8.37 -2.14
N VAL A 16 5.65 -7.05 -2.02
CA VAL A 16 4.57 -6.45 -1.25
C VAL A 16 3.25 -6.66 -2.00
N ILE A 17 3.26 -6.33 -3.28
CA ILE A 17 2.08 -6.48 -4.11
C ILE A 17 1.37 -7.79 -3.74
N GLU A 18 2.15 -8.85 -3.67
CA GLU A 18 1.61 -10.15 -3.33
C GLU A 18 0.76 -10.07 -2.06
N LYS A 19 1.40 -9.61 -0.99
CA LYS A 19 0.73 -9.48 0.29
C LYS A 19 -0.56 -8.68 0.09
N ILE A 20 -0.48 -7.67 -0.76
CA ILE A 20 -1.63 -6.82 -1.03
C ILE A 20 -2.70 -7.65 -1.74
N GLU A 21 -2.26 -8.40 -2.74
CA GLU A 21 -3.18 -9.23 -3.50
C GLU A 21 -3.92 -10.19 -2.56
N ASP A 22 -3.15 -10.92 -1.77
CA ASP A 22 -3.72 -11.86 -0.82
C ASP A 22 -4.72 -11.14 0.08
N PHE A 23 -4.43 -9.86 0.32
CA PHE A 23 -5.29 -9.05 1.17
C PHE A 23 -6.54 -8.61 0.41
N LEU A 24 -6.43 -8.60 -0.90
CA LEU A 24 -7.54 -8.20 -1.75
C LEU A 24 -8.32 -9.44 -2.17
N GLN A 25 -7.59 -10.53 -2.35
CA GLN A 25 -8.20 -11.78 -2.75
C GLN A 25 -9.11 -12.32 -1.63
N SER A 26 -8.65 -12.12 -0.41
CA SER A 26 -9.41 -12.58 0.75
C SER A 26 -10.66 -11.72 0.92
N GLU A 27 -11.66 -12.33 1.53
CA GLU A 27 -12.93 -11.64 1.75
C GLU A 27 -12.92 -10.97 3.14
N GLU A 28 -12.91 -11.81 4.16
CA GLU A 28 -12.90 -11.31 5.52
C GLU A 28 -11.94 -10.13 5.66
N LYS A 29 -10.72 -10.34 5.17
CA LYS A 29 -9.70 -9.31 5.22
C LYS A 29 -10.33 -7.96 4.92
N ARG A 30 -10.12 -7.02 5.83
CA ARG A 30 -10.66 -5.67 5.68
C ARG A 30 -9.52 -4.65 5.58
N SER A 31 -8.48 -4.91 6.35
CA SER A 31 -7.33 -4.02 6.36
C SER A 31 -6.04 -4.82 6.57
N LEU A 32 -5.07 -4.57 5.70
CA LEU A 32 -3.80 -5.26 5.78
C LEU A 32 -2.79 -4.40 6.54
N GLU A 33 -1.79 -5.06 7.09
CA GLU A 33 -0.76 -4.36 7.85
C GLU A 33 0.63 -4.75 7.34
N LEU A 34 1.33 -3.77 6.79
CA LEU A 34 2.66 -4.00 6.27
C LEU A 34 3.69 -3.65 7.34
N ASP A 35 4.95 -3.88 7.00
CA ASP A 35 6.04 -3.60 7.93
C ASP A 35 6.48 -2.14 7.76
N PRO A 36 7.02 -1.57 8.87
CA PRO A 36 7.49 -0.19 8.86
C PRO A 36 8.81 -0.07 8.11
N CYS A 37 8.76 0.66 7.00
CA CYS A 37 9.95 0.87 6.20
C CYS A 37 10.81 1.93 6.87
N THR A 38 12.09 1.93 6.51
CA THR A 38 13.03 2.88 7.07
C THR A 38 12.69 4.30 6.60
N GLY A 39 11.98 4.36 5.49
CA GLY A 39 11.59 5.65 4.93
C GLY A 39 11.55 5.59 3.40
N PHE A 40 12.70 5.29 2.82
CA PHE A 40 12.81 5.20 1.38
C PHE A 40 11.73 4.28 0.80
N GLN A 41 11.80 3.02 1.22
CA GLN A 41 10.84 2.03 0.77
C GLN A 41 9.42 2.57 0.89
N ARG A 42 9.11 3.07 2.07
CA ARG A 42 7.79 3.62 2.34
C ARG A 42 7.31 4.45 1.15
N LYS A 43 8.16 5.39 0.75
CA LYS A 43 7.84 6.26 -0.37
C LYS A 43 7.55 5.40 -1.61
N LEU A 44 8.36 4.37 -1.77
CA LEU A 44 8.21 3.47 -2.90
C LEU A 44 6.81 2.86 -2.88
N ILE A 45 6.46 2.29 -1.74
CA ILE A 45 5.16 1.67 -1.58
C ILE A 45 4.08 2.66 -2.00
N TYR A 46 4.05 3.79 -1.33
CA TYR A 46 3.08 4.83 -1.63
C TYR A 46 3.11 5.20 -3.11
N GLN A 47 4.33 5.31 -3.63
CA GLN A 47 4.50 5.66 -5.03
C GLN A 47 3.79 4.65 -5.93
N THR A 48 4.12 3.38 -5.73
CA THR A 48 3.51 2.32 -6.51
C THR A 48 2.00 2.31 -6.32
N LEU A 49 1.59 2.12 -5.08
CA LEU A 49 0.17 2.09 -4.75
C LEU A 49 -0.51 3.33 -5.34
N SER A 50 0.30 4.35 -5.56
CA SER A 50 -0.20 5.59 -6.12
C SER A 50 -0.96 5.32 -7.43
N TRP A 51 -0.38 4.44 -8.22
CA TRP A 51 -0.98 4.08 -9.50
C TRP A 51 -1.49 2.63 -9.39
N LYS A 52 -0.77 1.85 -8.60
CA LYS A 52 -1.12 0.45 -8.40
C LYS A 52 -2.54 0.37 -7.82
N TYR A 53 -2.85 1.34 -6.98
CA TYR A 53 -4.15 1.39 -6.34
C TYR A 53 -4.49 2.81 -5.89
N PRO A 54 -4.99 3.62 -6.86
CA PRO A 54 -5.35 5.00 -6.58
C PRO A 54 -6.67 5.07 -5.82
N LYS A 55 -7.66 4.37 -6.35
CA LYS A 55 -8.97 4.34 -5.72
C LYS A 55 -9.39 2.90 -5.46
N GLY A 56 -9.63 2.60 -4.20
CA GLY A 56 -10.04 1.26 -3.81
C GLY A 56 -9.51 0.91 -2.41
N ILE A 57 -8.31 1.40 -2.13
CA ILE A 57 -7.69 1.16 -0.84
C ILE A 57 -7.15 2.48 -0.28
N HIS A 58 -6.91 2.48 1.03
CA HIS A 58 -6.41 3.67 1.70
C HIS A 58 -5.17 3.30 2.51
N VAL A 59 -4.02 3.66 1.98
CA VAL A 59 -2.75 3.36 2.65
C VAL A 59 -2.54 4.37 3.79
N GLU A 60 -2.76 3.89 5.00
CA GLU A 60 -2.61 4.72 6.18
C GLU A 60 -1.37 4.29 6.97
N THR A 61 -0.88 5.22 7.79
CA THR A 61 0.28 4.94 8.61
C THR A 61 -0.09 4.97 10.10
N LEU A 62 -0.18 3.77 10.67
CA LEU A 62 -0.53 3.63 12.07
C LEU A 62 0.74 3.69 12.91
N GLU A 63 0.67 4.46 13.98
CA GLU A 63 1.82 4.60 14.88
C GLU A 63 1.58 3.81 16.16
N THR A 64 2.67 3.34 16.74
CA THR A 64 2.61 2.56 17.97
C THR A 64 4.00 2.03 18.35
N ASP A 65 4.05 1.39 19.50
CA ASP A 65 5.30 0.84 19.99
C ASP A 65 5.44 -0.60 19.49
N LYS A 66 4.35 -1.12 18.95
CA LYS A 66 4.33 -2.48 18.43
C LYS A 66 4.60 -2.45 16.93
N LYS A 67 4.07 -1.42 16.28
CA LYS A 67 4.26 -1.27 14.84
C LYS A 67 5.32 -0.20 14.58
N GLU A 68 5.00 1.02 15.01
CA GLU A 68 5.92 2.13 14.84
C GLU A 68 5.87 2.63 13.39
N ARG A 69 5.07 3.67 13.18
CA ARG A 69 4.92 4.26 11.86
C ARG A 69 4.97 3.16 10.80
N HIS A 70 3.94 2.33 10.80
CA HIS A 70 3.85 1.24 9.84
C HIS A 70 2.72 1.51 8.85
N ILE A 71 2.90 1.05 7.64
CA ILE A 71 1.91 1.24 6.59
C ILE A 71 0.77 0.24 6.79
N VAL A 72 -0.43 0.71 6.51
CA VAL A 72 -1.61 -0.13 6.65
C VAL A 72 -2.55 0.10 5.46
N ILE A 73 -3.00 -1.00 4.89
CA ILE A 73 -3.90 -0.93 3.75
C ILE A 73 -5.34 -1.20 4.21
N SER A 74 -6.15 -0.17 4.14
CA SER A 74 -7.54 -0.27 4.56
C SER A 74 -8.46 -0.23 3.33
N LYS A 75 -9.32 -1.23 3.24
CA LYS A 75 -10.25 -1.32 2.13
C LYS A 75 -11.04 -0.01 2.02
N VAL A 76 -11.23 0.43 0.79
CA VAL A 76 -11.97 1.66 0.54
C VAL A 76 -13.04 1.40 -0.50
N ASP A 77 -13.98 2.33 -0.60
CA ASP A 77 -15.08 2.22 -1.55
C ASP A 77 -15.33 3.59 -2.19
N GLU A 78 -15.82 3.53 -3.42
CA GLU A 78 -16.11 4.75 -4.16
C GLU A 78 -17.47 5.32 -3.73
N GLU A 79 -18.50 4.52 -3.93
CA GLU A 79 -19.84 4.93 -3.58
C GLU A 79 -19.84 5.63 -2.22
N GLU A 80 -19.25 4.97 -1.24
CA GLU A 80 -19.17 5.52 0.11
C GLU A 80 -18.45 6.87 0.08
N ARG A 81 -17.20 6.83 -0.36
CA ARG A 81 -16.39 8.03 -0.43
C ARG A 81 -17.07 9.07 -1.33
N SER A 82 -17.52 10.14 -0.70
CA SER A 82 -18.18 11.22 -1.42
C SER A 82 -17.20 11.88 -2.40
N GLY A 83 -16.04 12.22 -1.88
CA GLY A 83 -15.00 12.85 -2.68
C GLY A 83 -14.82 14.31 -2.28
N PRO A 84 -13.65 14.59 -1.64
CA PRO A 84 -13.34 15.94 -1.20
C PRO A 84 -12.95 16.82 -2.38
N SER A 85 -12.03 16.31 -3.19
CA SER A 85 -11.55 17.03 -4.35
C SER A 85 -12.60 16.98 -5.46
N SER A 86 -12.93 15.75 -5.85
CA SER A 86 -13.91 15.55 -6.90
C SER A 86 -15.18 16.33 -6.60
N GLY A 87 -15.74 16.07 -5.42
CA GLY A 87 -16.95 16.75 -5.01
C GLY A 87 -16.79 18.27 -5.09
N GLY A 1 17.84 2.49 -21.11
CA GLY A 1 18.87 1.72 -20.42
C GLY A 1 18.25 0.79 -19.38
N SER A 2 19.02 -0.22 -19.02
CA SER A 2 18.56 -1.20 -18.03
C SER A 2 18.08 -0.49 -16.78
N SER A 3 17.07 -1.07 -16.15
CA SER A 3 16.50 -0.50 -14.94
C SER A 3 17.02 -1.26 -13.72
N GLY A 4 18.15 -0.79 -13.21
CA GLY A 4 18.75 -1.42 -12.04
C GLY A 4 18.28 -0.74 -10.76
N SER A 5 18.64 0.53 -10.63
CA SER A 5 18.26 1.30 -9.46
C SER A 5 16.80 1.05 -9.12
N SER A 6 15.99 0.93 -10.17
CA SER A 6 14.56 0.70 -10.00
C SER A 6 14.31 -0.80 -9.79
N GLY A 7 14.95 -1.59 -10.62
CA GLY A 7 14.80 -3.05 -10.55
C GLY A 7 15.00 -3.53 -9.12
N ASP A 8 15.74 -2.75 -8.35
CA ASP A 8 16.01 -3.10 -6.96
C ASP A 8 14.72 -3.01 -6.15
N GLN A 9 14.10 -1.84 -6.22
CA GLN A 9 12.86 -1.60 -5.50
C GLN A 9 11.70 -2.30 -6.22
N LYS A 10 11.94 -2.66 -7.46
CA LYS A 10 10.93 -3.33 -8.26
C LYS A 10 10.59 -4.68 -7.63
N LYS A 11 11.63 -5.32 -7.09
CA LYS A 11 11.47 -6.62 -6.46
C LYS A 11 10.75 -6.44 -5.12
N PHE A 12 11.23 -5.46 -4.36
CA PHE A 12 10.64 -5.18 -3.06
C PHE A 12 9.15 -4.85 -3.18
N ILE A 13 8.87 -3.89 -4.05
CA ILE A 13 7.49 -3.47 -4.27
C ILE A 13 6.67 -4.68 -4.69
N ASP A 14 7.19 -5.40 -5.67
CA ASP A 14 6.50 -6.58 -6.18
C ASP A 14 6.14 -7.50 -5.01
N GLN A 15 7.14 -7.82 -4.21
CA GLN A 15 6.95 -8.68 -3.07
C GLN A 15 5.75 -8.19 -2.24
N VAL A 16 5.63 -6.88 -2.15
CA VAL A 16 4.54 -6.28 -1.40
C VAL A 16 3.22 -6.53 -2.14
N ILE A 17 3.23 -6.22 -3.42
CA ILE A 17 2.04 -6.41 -4.25
C ILE A 17 1.37 -7.72 -3.86
N GLU A 18 2.15 -8.78 -3.85
CA GLU A 18 1.64 -10.10 -3.50
C GLU A 18 0.82 -10.02 -2.21
N LYS A 19 1.44 -9.42 -1.19
CA LYS A 19 0.78 -9.29 0.10
C LYS A 19 -0.58 -8.62 -0.10
N ILE A 20 -0.57 -7.52 -0.84
CA ILE A 20 -1.79 -6.78 -1.11
C ILE A 20 -2.80 -7.71 -1.80
N GLU A 21 -2.42 -8.18 -2.97
CA GLU A 21 -3.27 -9.08 -3.73
C GLU A 21 -3.96 -10.08 -2.80
N ASP A 22 -3.14 -10.73 -1.97
CA ASP A 22 -3.64 -11.70 -1.03
C ASP A 22 -4.68 -11.06 -0.12
N PHE A 23 -4.30 -9.91 0.43
CA PHE A 23 -5.19 -9.18 1.32
C PHE A 23 -6.50 -8.82 0.62
N LEU A 24 -6.37 -8.51 -0.67
CA LEU A 24 -7.53 -8.15 -1.47
C LEU A 24 -8.35 -9.40 -1.76
N GLN A 25 -7.65 -10.49 -2.05
CA GLN A 25 -8.30 -11.75 -2.34
C GLN A 25 -9.22 -12.16 -1.19
N SER A 26 -8.72 -11.99 0.02
CA SER A 26 -9.48 -12.32 1.20
C SER A 26 -10.67 -11.37 1.35
N GLU A 27 -11.76 -11.92 1.87
CA GLU A 27 -12.97 -11.12 2.07
C GLU A 27 -12.99 -10.53 3.48
N GLU A 28 -13.05 -11.42 4.46
CA GLU A 28 -13.08 -11.00 5.85
C GLU A 28 -12.08 -9.86 6.08
N LYS A 29 -10.90 -10.03 5.50
CA LYS A 29 -9.84 -9.04 5.64
C LYS A 29 -10.44 -7.65 5.46
N ARG A 30 -10.04 -6.75 6.35
CA ARG A 30 -10.53 -5.38 6.31
C ARG A 30 -9.37 -4.40 6.07
N SER A 31 -8.23 -4.74 6.67
CA SER A 31 -7.05 -3.91 6.53
C SER A 31 -5.79 -4.79 6.52
N LEU A 32 -4.78 -4.31 5.82
CA LEU A 32 -3.52 -5.03 5.72
C LEU A 32 -2.42 -4.25 6.44
N GLU A 33 -1.48 -4.99 7.01
CA GLU A 33 -0.37 -4.38 7.72
C GLU A 33 0.96 -4.80 7.11
N LEU A 34 1.74 -3.80 6.71
CA LEU A 34 3.04 -4.05 6.11
C LEU A 34 4.12 -3.86 7.16
N ASP A 35 5.36 -4.17 6.76
CA ASP A 35 6.49 -4.04 7.65
C ASP A 35 6.97 -2.59 7.65
N PRO A 36 7.58 -2.18 8.80
CA PRO A 36 8.09 -0.83 8.94
C PRO A 36 9.38 -0.65 8.15
N CYS A 37 9.35 0.29 7.20
CA CYS A 37 10.50 0.57 6.38
C CYS A 37 11.33 1.65 7.06
N THR A 38 12.32 2.14 6.34
CA THR A 38 13.19 3.17 6.87
C THR A 38 12.70 4.56 6.45
N GLY A 39 12.04 4.59 5.30
CA GLY A 39 11.51 5.84 4.77
C GLY A 39 11.38 5.79 3.26
N PHE A 40 12.48 5.43 2.61
CA PHE A 40 12.51 5.33 1.17
C PHE A 40 11.46 4.33 0.66
N GLN A 41 11.67 3.07 1.01
CA GLN A 41 10.76 2.03 0.60
C GLN A 41 9.31 2.51 0.70
N ARG A 42 9.03 3.21 1.78
CA ARG A 42 7.69 3.74 2.01
C ARG A 42 7.25 4.59 0.82
N LYS A 43 8.09 5.55 0.48
CA LYS A 43 7.80 6.44 -0.64
C LYS A 43 7.58 5.61 -1.91
N LEU A 44 8.21 4.44 -1.92
CA LEU A 44 8.09 3.55 -3.06
C LEU A 44 6.69 2.92 -3.07
N ILE A 45 6.32 2.37 -1.93
CA ILE A 45 5.01 1.74 -1.79
C ILE A 45 3.92 2.74 -2.19
N TYR A 46 4.00 3.91 -1.58
CA TYR A 46 3.03 4.96 -1.85
C TYR A 46 3.07 5.37 -3.34
N GLN A 47 4.27 5.43 -3.87
CA GLN A 47 4.45 5.80 -5.26
C GLN A 47 3.84 4.73 -6.18
N THR A 48 4.07 3.48 -5.81
CA THR A 48 3.55 2.37 -6.59
C THR A 48 2.03 2.27 -6.44
N LEU A 49 1.59 2.10 -5.20
CA LEU A 49 0.17 2.00 -4.90
C LEU A 49 -0.54 3.22 -5.48
N SER A 50 0.23 4.27 -5.71
CA SER A 50 -0.32 5.50 -6.25
C SER A 50 -1.01 5.22 -7.59
N TRP A 51 -0.40 4.33 -8.36
CA TRP A 51 -0.95 3.97 -9.66
C TRP A 51 -1.41 2.51 -9.58
N LYS A 52 -0.71 1.73 -8.77
CA LYS A 52 -1.04 0.33 -8.60
C LYS A 52 -2.45 0.22 -8.00
N TYR A 53 -2.79 1.19 -7.17
CA TYR A 53 -4.09 1.22 -6.53
C TYR A 53 -4.46 2.63 -6.07
N PRO A 54 -4.99 3.42 -7.04
CA PRO A 54 -5.38 4.79 -6.75
C PRO A 54 -6.69 4.83 -5.96
N LYS A 55 -7.64 4.04 -6.42
CA LYS A 55 -8.94 3.97 -5.76
C LYS A 55 -9.31 2.51 -5.52
N GLY A 56 -9.62 2.21 -4.27
CA GLY A 56 -9.99 0.86 -3.88
C GLY A 56 -9.44 0.51 -2.49
N ILE A 57 -8.26 1.06 -2.21
CA ILE A 57 -7.62 0.81 -0.94
C ILE A 57 -7.17 2.14 -0.32
N HIS A 58 -6.89 2.10 0.97
CA HIS A 58 -6.45 3.29 1.67
C HIS A 58 -5.18 2.98 2.47
N VAL A 59 -4.09 3.58 2.02
CA VAL A 59 -2.81 3.37 2.68
C VAL A 59 -2.51 4.57 3.59
N GLU A 60 -2.23 4.26 4.85
CA GLU A 60 -1.92 5.29 5.82
C GLU A 60 -0.81 4.83 6.76
N THR A 61 -0.25 5.78 7.49
CA THR A 61 0.82 5.48 8.42
C THR A 61 0.28 5.40 9.85
N LEU A 62 0.14 4.17 10.31
CA LEU A 62 -0.37 3.93 11.66
C LEU A 62 0.80 3.67 12.60
N GLU A 63 0.73 4.29 13.76
CA GLU A 63 1.79 4.12 14.76
C GLU A 63 1.18 3.65 16.09
N THR A 64 1.76 2.57 16.60
CA THR A 64 1.29 2.01 17.86
C THR A 64 2.46 1.85 18.84
N ASP A 65 2.41 0.78 19.61
CA ASP A 65 3.44 0.49 20.59
C ASP A 65 4.51 -0.41 19.96
N LYS A 66 4.07 -1.61 19.60
CA LYS A 66 4.97 -2.57 18.98
C LYS A 66 4.95 -2.39 17.47
N LYS A 67 3.76 -2.16 16.95
CA LYS A 67 3.58 -1.97 15.51
C LYS A 67 4.30 -0.70 15.08
N GLU A 68 4.22 0.31 15.94
CA GLU A 68 4.85 1.58 15.67
C GLU A 68 4.47 2.08 14.27
N ARG A 69 5.03 3.22 13.90
CA ARG A 69 4.76 3.80 12.61
C ARG A 69 5.09 2.81 11.49
N HIS A 70 4.04 2.40 10.78
CA HIS A 70 4.20 1.45 9.70
C HIS A 70 3.05 1.63 8.69
N ILE A 71 3.39 1.41 7.43
CA ILE A 71 2.41 1.55 6.36
C ILE A 71 1.30 0.50 6.56
N VAL A 72 0.07 0.97 6.52
CA VAL A 72 -1.07 0.10 6.69
C VAL A 72 -2.08 0.37 5.58
N ILE A 73 -2.78 -0.70 5.19
CA ILE A 73 -3.77 -0.59 4.14
C ILE A 73 -5.16 -0.92 4.71
N SER A 74 -6.17 -0.32 4.10
CA SER A 74 -7.54 -0.54 4.54
C SER A 74 -8.45 -0.74 3.33
N LYS A 75 -9.60 -1.37 3.59
CA LYS A 75 -10.56 -1.62 2.53
C LYS A 75 -11.35 -0.34 2.23
N VAL A 76 -11.34 0.04 0.97
CA VAL A 76 -12.05 1.24 0.55
C VAL A 76 -13.03 0.88 -0.57
N ASP A 77 -13.97 1.80 -0.80
CA ASP A 77 -14.98 1.58 -1.83
C ASP A 77 -15.19 2.88 -2.61
N GLU A 78 -15.64 2.74 -3.84
CA GLU A 78 -15.88 3.89 -4.69
C GLU A 78 -16.99 4.76 -4.10
N GLU A 79 -18.18 4.18 -4.04
CA GLU A 79 -19.33 4.89 -3.51
C GLU A 79 -18.94 5.65 -2.24
N GLU A 80 -18.49 4.89 -1.25
CA GLU A 80 -18.08 5.47 0.02
C GLU A 80 -17.26 6.74 -0.22
N ARG A 81 -16.08 6.54 -0.80
CA ARG A 81 -15.20 7.65 -1.10
C ARG A 81 -15.90 8.68 -1.98
N SER A 82 -15.42 9.91 -1.91
CA SER A 82 -15.99 10.99 -2.70
C SER A 82 -15.30 11.06 -4.05
N GLY A 83 -13.97 11.04 -4.02
CA GLY A 83 -13.19 11.11 -5.24
C GLY A 83 -12.41 12.43 -5.33
N PRO A 84 -11.32 12.40 -6.13
CA PRO A 84 -10.49 13.58 -6.31
C PRO A 84 -11.17 14.60 -7.21
N SER A 85 -10.81 15.86 -7.01
CA SER A 85 -11.38 16.94 -7.81
C SER A 85 -10.75 16.96 -9.19
N SER A 86 -9.42 17.04 -9.21
CA SER A 86 -8.69 17.07 -10.45
C SER A 86 -8.65 15.67 -11.07
N GLY A 87 -8.16 14.73 -10.28
CA GLY A 87 -8.06 13.34 -10.74
C GLY A 87 -6.62 13.01 -11.15
N GLY A 1 11.77 0.55 -18.65
CA GLY A 1 12.26 1.01 -17.37
C GLY A 1 12.64 -0.17 -16.48
N SER A 2 13.91 -0.52 -16.51
CA SER A 2 14.42 -1.63 -15.71
C SER A 2 15.90 -1.43 -15.42
N SER A 3 16.21 -1.29 -14.13
CA SER A 3 17.58 -1.10 -13.71
C SER A 3 17.78 -1.69 -12.31
N GLY A 4 18.98 -1.50 -11.79
CA GLY A 4 19.31 -2.00 -10.47
C GLY A 4 18.66 -1.17 -9.37
N SER A 5 19.02 0.11 -9.35
CA SER A 5 18.47 1.02 -8.37
C SER A 5 16.97 0.78 -8.19
N SER A 6 16.29 0.62 -9.32
CA SER A 6 14.87 0.36 -9.31
C SER A 6 14.59 -1.10 -9.00
N GLY A 7 15.22 -1.97 -9.78
CA GLY A 7 15.05 -3.40 -9.60
C GLY A 7 15.15 -3.78 -8.12
N ASP A 8 15.86 -2.96 -7.38
CA ASP A 8 16.04 -3.20 -5.95
C ASP A 8 14.70 -3.05 -5.25
N GLN A 9 14.09 -1.88 -5.42
CA GLN A 9 12.80 -1.60 -4.81
C GLN A 9 11.69 -2.31 -5.56
N LYS A 10 11.98 -2.66 -6.81
CA LYS A 10 11.01 -3.35 -7.65
C LYS A 10 10.70 -4.72 -7.04
N LYS A 11 11.72 -5.34 -6.48
CA LYS A 11 11.57 -6.64 -5.86
C LYS A 11 10.81 -6.48 -4.55
N PHE A 12 11.19 -5.47 -3.79
CA PHE A 12 10.55 -5.20 -2.51
C PHE A 12 9.06 -4.90 -2.70
N ILE A 13 8.79 -3.93 -3.57
CA ILE A 13 7.42 -3.54 -3.85
C ILE A 13 6.63 -4.75 -4.33
N ASP A 14 7.16 -5.38 -5.37
CA ASP A 14 6.52 -6.56 -5.94
C ASP A 14 6.09 -7.50 -4.81
N GLN A 15 7.05 -7.82 -3.95
CA GLN A 15 6.79 -8.70 -2.83
C GLN A 15 5.55 -8.23 -2.07
N VAL A 16 5.45 -6.92 -1.90
CA VAL A 16 4.33 -6.33 -1.20
C VAL A 16 3.05 -6.56 -1.99
N ILE A 17 3.10 -6.16 -3.26
CA ILE A 17 1.96 -6.31 -4.14
C ILE A 17 1.29 -7.66 -3.88
N GLU A 18 2.13 -8.67 -3.69
CA GLU A 18 1.64 -10.01 -3.43
C GLU A 18 0.78 -10.02 -2.16
N LYS A 19 1.36 -9.52 -1.09
CA LYS A 19 0.66 -9.47 0.18
C LYS A 19 -0.69 -8.79 -0.02
N ILE A 20 -0.67 -7.72 -0.79
CA ILE A 20 -1.89 -6.96 -1.06
C ILE A 20 -2.86 -7.84 -1.83
N GLU A 21 -2.43 -8.26 -3.01
CA GLU A 21 -3.25 -9.11 -3.86
C GLU A 21 -3.99 -10.15 -3.01
N ASP A 22 -3.21 -10.91 -2.26
CA ASP A 22 -3.78 -11.94 -1.39
C ASP A 22 -4.83 -11.31 -0.49
N PHE A 23 -4.43 -10.25 0.20
CA PHE A 23 -5.33 -9.55 1.10
C PHE A 23 -6.61 -9.11 0.37
N LEU A 24 -6.44 -8.74 -0.88
CA LEU A 24 -7.56 -8.30 -1.70
C LEU A 24 -8.41 -9.51 -2.09
N GLN A 25 -7.72 -10.62 -2.30
CA GLN A 25 -8.40 -11.86 -2.68
C GLN A 25 -9.40 -12.27 -1.59
N SER A 26 -8.95 -12.19 -0.35
CA SER A 26 -9.80 -12.54 0.78
C SER A 26 -10.99 -11.59 0.85
N GLU A 27 -12.11 -12.14 1.31
CA GLU A 27 -13.33 -11.35 1.43
C GLU A 27 -13.43 -10.77 2.84
N GLU A 28 -13.29 -11.64 3.83
CA GLU A 28 -13.37 -11.23 5.22
C GLU A 28 -12.39 -10.08 5.48
N LYS A 29 -11.16 -10.27 5.05
CA LYS A 29 -10.12 -9.28 5.23
C LYS A 29 -10.69 -7.89 4.90
N ARG A 30 -10.47 -6.97 5.81
CA ARG A 30 -10.96 -5.60 5.62
C ARG A 30 -9.78 -4.64 5.48
N SER A 31 -8.71 -4.94 6.20
CA SER A 31 -7.53 -4.11 6.16
C SER A 31 -6.27 -4.98 6.31
N LEU A 32 -5.21 -4.56 5.64
CA LEU A 32 -3.95 -5.29 5.70
C LEU A 32 -2.92 -4.46 6.45
N GLU A 33 -1.95 -5.15 7.03
CA GLU A 33 -0.89 -4.49 7.78
C GLU A 33 0.48 -4.93 7.26
N LEU A 34 1.24 -3.95 6.80
CA LEU A 34 2.58 -4.22 6.28
C LEU A 34 3.61 -4.00 7.39
N ASP A 35 4.86 -4.26 7.05
CA ASP A 35 5.95 -4.09 8.01
C ASP A 35 6.38 -2.62 8.02
N PRO A 36 6.92 -2.19 9.20
CA PRO A 36 7.38 -0.82 9.36
C PRO A 36 8.71 -0.61 8.63
N CYS A 37 8.67 0.23 7.61
CA CYS A 37 9.86 0.52 6.84
C CYS A 37 10.57 1.71 7.48
N THR A 38 11.79 1.95 7.03
CA THR A 38 12.58 3.06 7.56
C THR A 38 12.02 4.39 7.07
N GLY A 39 11.71 4.44 5.79
CA GLY A 39 11.17 5.64 5.18
C GLY A 39 11.16 5.54 3.65
N PHE A 40 12.36 5.54 3.09
CA PHE A 40 12.50 5.44 1.64
C PHE A 40 11.46 4.49 1.05
N GLN A 41 11.52 3.25 1.50
CA GLN A 41 10.59 2.23 1.02
C GLN A 41 9.14 2.74 1.13
N ARG A 42 8.88 3.41 2.24
CA ARG A 42 7.55 3.94 2.49
C ARG A 42 7.07 4.74 1.26
N LYS A 43 7.88 5.70 0.87
CA LYS A 43 7.56 6.54 -0.28
C LYS A 43 7.28 5.65 -1.49
N LEU A 44 8.11 4.61 -1.62
CA LEU A 44 7.97 3.69 -2.73
C LEU A 44 6.54 3.12 -2.73
N ILE A 45 6.22 2.39 -1.68
CA ILE A 45 4.90 1.79 -1.55
C ILE A 45 3.84 2.79 -2.04
N TYR A 46 3.78 3.92 -1.35
CA TYR A 46 2.82 4.96 -1.70
C TYR A 46 2.97 5.36 -3.17
N GLN A 47 4.21 5.33 -3.65
CA GLN A 47 4.50 5.69 -5.03
C GLN A 47 3.87 4.67 -5.98
N THR A 48 4.06 3.40 -5.64
CA THR A 48 3.52 2.33 -6.46
C THR A 48 1.99 2.33 -6.40
N LEU A 49 1.47 2.15 -5.20
CA LEU A 49 0.04 2.12 -5.00
C LEU A 49 -0.58 3.37 -5.64
N SER A 50 0.24 4.40 -5.76
CA SER A 50 -0.21 5.65 -6.36
C SER A 50 -0.89 5.38 -7.70
N TRP A 51 -0.28 4.49 -8.47
CA TRP A 51 -0.82 4.13 -9.76
C TRP A 51 -1.32 2.68 -9.70
N LYS A 52 -0.63 1.90 -8.87
CA LYS A 52 -0.98 0.50 -8.70
C LYS A 52 -2.41 0.42 -8.14
N TYR A 53 -2.67 1.24 -7.14
CA TYR A 53 -3.98 1.26 -6.51
C TYR A 53 -4.35 2.67 -6.06
N PRO A 54 -4.77 3.50 -7.05
CA PRO A 54 -5.15 4.87 -6.77
C PRO A 54 -6.52 4.93 -6.10
N LYS A 55 -7.47 4.23 -6.71
CA LYS A 55 -8.83 4.20 -6.19
C LYS A 55 -9.25 2.74 -5.98
N GLY A 56 -9.62 2.44 -4.74
CA GLY A 56 -10.05 1.09 -4.39
C GLY A 56 -9.60 0.73 -2.97
N ILE A 57 -8.44 1.23 -2.61
CA ILE A 57 -7.89 0.97 -1.28
C ILE A 57 -7.45 2.29 -0.65
N HIS A 58 -7.22 2.22 0.65
CA HIS A 58 -6.80 3.40 1.40
C HIS A 58 -5.57 3.06 2.24
N VAL A 59 -4.44 3.63 1.84
CA VAL A 59 -3.19 3.39 2.57
C VAL A 59 -3.07 4.41 3.70
N GLU A 60 -2.70 3.90 4.87
CA GLU A 60 -2.53 4.75 6.04
C GLU A 60 -1.34 4.28 6.87
N THR A 61 -0.59 5.25 7.36
CA THR A 61 0.58 4.95 8.18
C THR A 61 0.34 5.33 9.64
N LEU A 62 0.54 4.36 10.51
CA LEU A 62 0.34 4.58 11.94
C LEU A 62 1.60 4.17 12.70
N GLU A 63 1.83 4.85 13.81
CA GLU A 63 2.99 4.57 14.64
C GLU A 63 2.57 3.96 15.97
N THR A 64 3.23 2.87 16.33
CA THR A 64 2.94 2.19 17.58
C THR A 64 4.12 2.30 18.54
N ASP A 65 4.28 1.27 19.36
CA ASP A 65 5.36 1.24 20.33
C ASP A 65 6.57 0.54 19.72
N LYS A 66 6.38 -0.74 19.42
CA LYS A 66 7.45 -1.53 18.83
C LYS A 66 7.29 -1.56 17.32
N LYS A 67 6.02 -1.61 16.89
CA LYS A 67 5.72 -1.65 15.48
C LYS A 67 6.02 -0.29 14.85
N GLU A 68 5.99 0.73 15.69
CA GLU A 68 6.27 2.09 15.24
C GLU A 68 5.52 2.37 13.93
N ARG A 69 5.96 3.43 13.26
CA ARG A 69 5.36 3.82 11.99
C ARG A 69 5.30 2.62 11.04
N HIS A 70 4.09 2.23 10.69
CA HIS A 70 3.89 1.10 9.79
C HIS A 70 2.76 1.43 8.81
N ILE A 71 2.91 0.93 7.60
CA ILE A 71 1.90 1.15 6.57
C ILE A 71 0.75 0.17 6.77
N VAL A 72 -0.45 0.65 6.49
CA VAL A 72 -1.64 -0.16 6.64
C VAL A 72 -2.58 0.09 5.45
N ILE A 73 -3.19 -0.98 4.97
CA ILE A 73 -4.10 -0.89 3.84
C ILE A 73 -5.52 -1.20 4.32
N SER A 74 -6.47 -0.45 3.77
CA SER A 74 -7.86 -0.62 4.14
C SER A 74 -8.71 -0.83 2.87
N LYS A 75 -9.85 -1.46 3.07
CA LYS A 75 -10.76 -1.73 1.96
C LYS A 75 -11.58 -0.47 1.67
N VAL A 76 -11.54 -0.05 0.42
CA VAL A 76 -12.27 1.14 -0.01
C VAL A 76 -13.16 0.78 -1.20
N ASP A 77 -14.14 1.65 -1.45
CA ASP A 77 -15.05 1.43 -2.55
C ASP A 77 -15.55 2.78 -3.07
N GLU A 78 -15.98 2.79 -4.32
CA GLU A 78 -16.47 4.00 -4.95
C GLU A 78 -17.81 4.41 -4.32
N GLU A 79 -18.75 3.49 -4.38
CA GLU A 79 -20.07 3.74 -3.83
C GLU A 79 -19.97 4.13 -2.35
N GLU A 80 -19.40 3.22 -1.58
CA GLU A 80 -19.23 3.47 -0.14
C GLU A 80 -18.74 4.89 0.10
N ARG A 81 -17.52 5.14 -0.34
CA ARG A 81 -16.91 6.46 -0.18
C ARG A 81 -17.83 7.53 -0.77
N SER A 82 -17.79 8.70 -0.14
CA SER A 82 -18.62 9.82 -0.59
C SER A 82 -17.78 10.76 -1.45
N GLY A 83 -16.61 11.11 -0.92
CA GLY A 83 -15.70 12.00 -1.64
C GLY A 83 -15.62 11.64 -3.12
N PRO A 84 -16.17 12.54 -3.96
CA PRO A 84 -16.17 12.33 -5.40
C PRO A 84 -14.78 12.58 -5.99
N SER A 85 -14.07 11.48 -6.23
CA SER A 85 -12.73 11.57 -6.78
C SER A 85 -12.79 12.09 -8.21
N SER A 86 -13.83 11.66 -8.92
CA SER A 86 -14.02 12.08 -10.30
C SER A 86 -13.96 13.60 -10.40
N GLY A 87 -14.90 14.24 -9.70
CA GLY A 87 -14.97 15.69 -9.71
C GLY A 87 -16.29 16.17 -10.32
N GLY A 1 23.85 1.47 -10.50
CA GLY A 1 23.54 2.21 -11.72
C GLY A 1 22.03 2.21 -12.00
N SER A 2 21.69 1.95 -13.25
CA SER A 2 20.30 1.91 -13.65
C SER A 2 19.83 0.46 -13.80
N SER A 3 18.52 0.30 -13.87
CA SER A 3 17.93 -1.02 -14.00
C SER A 3 18.03 -1.78 -12.67
N GLY A 4 19.25 -2.09 -12.29
CA GLY A 4 19.49 -2.80 -11.04
C GLY A 4 18.85 -2.08 -9.86
N SER A 5 19.27 -0.83 -9.68
CA SER A 5 18.75 -0.02 -8.59
C SER A 5 17.23 -0.19 -8.49
N SER A 6 16.56 0.20 -9.57
CA SER A 6 15.11 0.09 -9.61
C SER A 6 14.67 -1.33 -9.23
N GLY A 7 15.28 -2.29 -9.92
CA GLY A 7 14.96 -3.70 -9.66
C GLY A 7 14.82 -3.96 -8.16
N ASP A 8 15.83 -3.53 -7.42
CA ASP A 8 15.83 -3.71 -5.98
C ASP A 8 14.47 -3.30 -5.41
N GLN A 9 14.05 -2.10 -5.78
CA GLN A 9 12.78 -1.57 -5.32
C GLN A 9 11.63 -2.28 -6.03
N LYS A 10 11.91 -2.73 -7.24
CA LYS A 10 10.90 -3.42 -8.03
C LYS A 10 10.57 -4.76 -7.38
N LYS A 11 11.62 -5.43 -6.90
CA LYS A 11 11.46 -6.71 -6.24
C LYS A 11 10.71 -6.52 -4.93
N PHE A 12 11.19 -5.57 -4.15
CA PHE A 12 10.58 -5.27 -2.86
C PHE A 12 9.09 -4.96 -3.02
N ILE A 13 8.81 -3.96 -3.85
CA ILE A 13 7.44 -3.56 -4.10
C ILE A 13 6.62 -4.77 -4.55
N ASP A 14 7.23 -5.54 -5.45
CA ASP A 14 6.58 -6.73 -5.97
C ASP A 14 6.17 -7.64 -4.81
N GLN A 15 7.16 -7.98 -4.00
CA GLN A 15 6.91 -8.84 -2.85
C GLN A 15 5.68 -8.37 -2.09
N VAL A 16 5.53 -7.06 -2.00
CA VAL A 16 4.41 -6.47 -1.30
C VAL A 16 3.12 -6.75 -2.09
N ILE A 17 3.20 -6.50 -3.39
CA ILE A 17 2.04 -6.73 -4.26
C ILE A 17 1.38 -8.06 -3.88
N GLU A 18 2.21 -9.09 -3.78
CA GLU A 18 1.72 -10.42 -3.42
C GLU A 18 0.84 -10.34 -2.18
N LYS A 19 1.37 -9.70 -1.15
CA LYS A 19 0.65 -9.55 0.10
C LYS A 19 -0.67 -8.82 -0.16
N ILE A 20 -0.57 -7.74 -0.94
CA ILE A 20 -1.74 -6.94 -1.27
C ILE A 20 -2.77 -7.84 -1.96
N GLU A 21 -2.40 -8.33 -3.14
CA GLU A 21 -3.28 -9.19 -3.90
C GLU A 21 -4.06 -10.11 -2.97
N ASP A 22 -3.32 -10.91 -2.21
CA ASP A 22 -3.93 -11.83 -1.28
C ASP A 22 -4.95 -11.09 -0.42
N PHE A 23 -4.47 -10.04 0.25
CA PHE A 23 -5.32 -9.24 1.10
C PHE A 23 -6.58 -8.77 0.35
N LEU A 24 -6.37 -8.43 -0.91
CA LEU A 24 -7.48 -7.98 -1.74
C LEU A 24 -8.38 -9.16 -2.08
N GLN A 25 -7.76 -10.32 -2.22
CA GLN A 25 -8.49 -11.53 -2.54
C GLN A 25 -9.46 -11.88 -1.42
N SER A 26 -8.93 -11.92 -0.21
CA SER A 26 -9.74 -12.24 0.96
C SER A 26 -10.95 -11.29 1.04
N GLU A 27 -12.07 -11.85 1.45
CA GLU A 27 -13.29 -11.07 1.57
C GLU A 27 -13.43 -10.51 2.98
N GLU A 28 -13.05 -11.34 3.95
CA GLU A 28 -13.12 -10.95 5.34
C GLU A 28 -12.15 -9.80 5.63
N LYS A 29 -10.93 -9.97 5.15
CA LYS A 29 -9.90 -8.96 5.34
C LYS A 29 -10.51 -7.58 5.18
N ARG A 30 -10.18 -6.71 6.13
CA ARG A 30 -10.70 -5.34 6.10
C ARG A 30 -9.55 -4.34 5.98
N SER A 31 -8.46 -4.67 6.66
CA SER A 31 -7.29 -3.81 6.65
C SER A 31 -6.02 -4.66 6.71
N LEU A 32 -5.12 -4.39 5.77
CA LEU A 32 -3.86 -5.12 5.70
C LEU A 32 -2.76 -4.31 6.40
N GLU A 33 -1.82 -5.02 6.97
CA GLU A 33 -0.71 -4.38 7.67
C GLU A 33 0.62 -4.80 7.05
N LEU A 34 1.40 -3.80 6.68
CA LEU A 34 2.70 -4.05 6.08
C LEU A 34 3.80 -3.81 7.12
N ASP A 35 5.03 -4.07 6.70
CA ASP A 35 6.17 -3.88 7.58
C ASP A 35 6.48 -2.39 7.71
N PRO A 36 7.15 -2.04 8.84
CA PRO A 36 7.50 -0.66 9.10
C PRO A 36 8.68 -0.22 8.21
N CYS A 37 8.39 0.70 7.30
CA CYS A 37 9.41 1.20 6.39
C CYS A 37 10.31 2.17 7.17
N THR A 38 11.47 2.44 6.60
CA THR A 38 12.42 3.34 7.23
C THR A 38 12.24 4.75 6.69
N GLY A 39 11.71 4.83 5.47
CA GLY A 39 11.48 6.12 4.84
C GLY A 39 11.31 5.97 3.33
N PHE A 40 12.44 5.89 2.64
CA PHE A 40 12.41 5.74 1.19
C PHE A 40 11.39 4.68 0.77
N GLN A 41 11.57 3.48 1.29
CA GLN A 41 10.68 2.39 0.97
C GLN A 41 9.21 2.85 1.05
N ARG A 42 8.87 3.40 2.21
CA ARG A 42 7.51 3.88 2.43
C ARG A 42 7.03 4.66 1.20
N LYS A 43 7.90 5.55 0.73
CA LYS A 43 7.56 6.36 -0.43
C LYS A 43 7.34 5.45 -1.65
N LEU A 44 8.14 4.40 -1.72
CA LEU A 44 8.03 3.46 -2.81
C LEU A 44 6.63 2.86 -2.83
N ILE A 45 6.26 2.23 -1.72
CA ILE A 45 4.96 1.61 -1.58
C ILE A 45 3.90 2.58 -2.11
N TYR A 46 3.82 3.74 -1.46
CA TYR A 46 2.86 4.74 -1.85
C TYR A 46 2.94 5.05 -3.34
N GLN A 47 4.16 5.35 -3.79
CA GLN A 47 4.38 5.65 -5.19
C GLN A 47 3.70 4.61 -6.08
N THR A 48 4.04 3.35 -5.83
CA THR A 48 3.47 2.26 -6.59
C THR A 48 1.95 2.28 -6.50
N LEU A 49 1.46 2.00 -5.30
CA LEU A 49 0.03 1.98 -5.07
C LEU A 49 -0.61 3.22 -5.71
N SER A 50 0.21 4.26 -5.84
CA SER A 50 -0.26 5.51 -6.43
C SER A 50 -0.87 5.23 -7.81
N TRP A 51 -0.23 4.35 -8.55
CA TRP A 51 -0.69 4.00 -9.88
C TRP A 51 -1.20 2.56 -9.83
N LYS A 52 -0.56 1.76 -8.98
CA LYS A 52 -0.93 0.37 -8.83
C LYS A 52 -2.38 0.28 -8.35
N TYR A 53 -2.76 1.26 -7.54
CA TYR A 53 -4.11 1.31 -7.00
C TYR A 53 -4.46 2.71 -6.50
N PRO A 54 -4.89 3.58 -7.45
CA PRO A 54 -5.25 4.94 -7.10
C PRO A 54 -6.60 4.99 -6.39
N LYS A 55 -7.49 4.12 -6.82
CA LYS A 55 -8.82 4.05 -6.23
C LYS A 55 -9.22 2.59 -6.03
N GLY A 56 -9.23 2.18 -4.78
CA GLY A 56 -9.59 0.81 -4.44
C GLY A 56 -9.38 0.54 -2.95
N ILE A 57 -8.24 0.99 -2.45
CA ILE A 57 -7.91 0.80 -1.05
C ILE A 57 -7.53 2.15 -0.44
N HIS A 58 -7.14 2.10 0.83
CA HIS A 58 -6.75 3.31 1.55
C HIS A 58 -5.48 3.04 2.36
N VAL A 59 -4.42 3.73 2.00
CA VAL A 59 -3.15 3.58 2.68
C VAL A 59 -3.07 4.58 3.82
N GLU A 60 -2.64 4.08 4.98
CA GLU A 60 -2.52 4.93 6.16
C GLU A 60 -1.25 4.56 6.94
N THR A 61 -0.75 5.54 7.67
CA THR A 61 0.45 5.34 8.47
C THR A 61 0.11 5.36 9.96
N LEU A 62 0.09 4.17 10.54
CA LEU A 62 -0.22 4.04 11.96
C LEU A 62 1.06 3.72 12.73
N GLU A 63 1.03 4.04 14.02
CA GLU A 63 2.19 3.79 14.87
C GLU A 63 1.78 2.94 16.07
N THR A 64 2.65 2.02 16.44
CA THR A 64 2.39 1.14 17.57
C THR A 64 3.59 1.13 18.52
N ASP A 65 3.28 1.06 19.81
CA ASP A 65 4.31 1.05 20.83
C ASP A 65 5.25 -0.13 20.58
N LYS A 66 4.68 -1.21 20.07
CA LYS A 66 5.44 -2.41 19.78
C LYS A 66 6.73 -2.02 19.05
N LYS A 67 6.58 -1.66 17.78
CA LYS A 67 7.71 -1.28 16.97
C LYS A 67 7.67 0.24 16.73
N GLU A 68 6.69 0.66 15.94
CA GLU A 68 6.52 2.06 15.63
C GLU A 68 5.72 2.23 14.34
N ARG A 69 5.77 3.44 13.80
CA ARG A 69 5.05 3.74 12.57
C ARG A 69 5.11 2.56 11.62
N HIS A 70 4.07 2.42 10.82
CA HIS A 70 3.99 1.34 9.85
C HIS A 70 2.85 1.60 8.87
N ILE A 71 3.07 1.18 7.63
CA ILE A 71 2.07 1.37 6.59
C ILE A 71 0.93 0.38 6.81
N VAL A 72 -0.28 0.86 6.55
CA VAL A 72 -1.46 0.03 6.72
C VAL A 72 -2.43 0.30 5.56
N ILE A 73 -2.98 -0.77 5.03
CA ILE A 73 -3.93 -0.68 3.92
C ILE A 73 -5.33 -1.01 4.42
N SER A 74 -6.32 -0.44 3.74
CA SER A 74 -7.70 -0.66 4.11
C SER A 74 -8.54 -0.89 2.85
N LYS A 75 -9.69 -1.51 3.04
CA LYS A 75 -10.59 -1.80 1.94
C LYS A 75 -11.40 -0.54 1.62
N VAL A 76 -11.36 -0.16 0.34
CA VAL A 76 -12.09 1.02 -0.11
C VAL A 76 -12.96 0.65 -1.31
N ASP A 77 -13.91 1.51 -1.60
CA ASP A 77 -14.81 1.28 -2.72
C ASP A 77 -15.43 2.62 -3.14
N GLU A 78 -15.81 2.69 -4.41
CA GLU A 78 -16.42 3.89 -4.95
C GLU A 78 -17.84 4.04 -4.42
N GLU A 79 -18.68 3.08 -4.77
CA GLU A 79 -20.06 3.09 -4.34
C GLU A 79 -20.16 3.56 -2.89
N GLU A 80 -19.50 2.82 -2.02
CA GLU A 80 -19.51 3.14 -0.60
C GLU A 80 -19.23 4.63 -0.40
N ARG A 81 -18.09 5.07 -0.89
CA ARG A 81 -17.69 6.46 -0.77
C ARG A 81 -18.82 7.37 -1.27
N SER A 82 -19.38 8.14 -0.34
CA SER A 82 -20.45 9.04 -0.67
C SER A 82 -19.98 10.06 -1.72
N GLY A 83 -18.72 10.41 -1.62
CA GLY A 83 -18.13 11.36 -2.56
C GLY A 83 -17.42 12.50 -1.80
N PRO A 84 -17.51 13.72 -2.39
CA PRO A 84 -16.88 14.88 -1.81
C PRO A 84 -17.68 15.37 -0.59
N SER A 85 -17.03 16.22 0.20
CA SER A 85 -17.67 16.77 1.39
C SER A 85 -18.99 17.41 1.02
N SER A 86 -18.90 18.46 0.21
CA SER A 86 -20.08 19.18 -0.22
C SER A 86 -21.23 18.19 -0.51
N GLY A 87 -20.97 17.33 -1.49
CA GLY A 87 -21.96 16.34 -1.88
C GLY A 87 -23.29 16.99 -2.27
N GLY A 1 13.47 4.87 -17.30
CA GLY A 1 13.17 3.62 -16.63
C GLY A 1 14.16 2.53 -17.05
N SER A 2 13.91 1.33 -16.53
CA SER A 2 14.77 0.20 -16.83
C SER A 2 16.16 0.42 -16.25
N SER A 3 16.40 -0.25 -15.13
CA SER A 3 17.70 -0.14 -14.45
C SER A 3 17.76 -1.12 -13.29
N GLY A 4 18.98 -1.54 -12.98
CA GLY A 4 19.20 -2.49 -11.90
C GLY A 4 18.61 -1.95 -10.59
N SER A 5 19.01 -0.74 -10.25
CA SER A 5 18.54 -0.11 -9.03
C SER A 5 17.03 -0.33 -8.87
N SER A 6 16.30 0.19 -9.84
CA SER A 6 14.85 0.05 -9.83
C SER A 6 14.45 -1.35 -9.36
N GLY A 7 14.97 -2.34 -10.07
CA GLY A 7 14.68 -3.73 -9.74
C GLY A 7 14.77 -3.96 -8.23
N ASP A 8 15.73 -3.30 -7.61
CA ASP A 8 15.93 -3.42 -6.18
C ASP A 8 14.61 -3.14 -5.47
N GLN A 9 13.94 -2.09 -5.92
CA GLN A 9 12.66 -1.72 -5.33
C GLN A 9 11.52 -2.40 -6.07
N LYS A 10 11.77 -2.73 -7.32
CA LYS A 10 10.76 -3.39 -8.14
C LYS A 10 10.42 -4.74 -7.52
N LYS A 11 11.43 -5.38 -6.95
CA LYS A 11 11.26 -6.67 -6.32
C LYS A 11 10.60 -6.48 -4.96
N PHE A 12 11.05 -5.45 -4.25
CA PHE A 12 10.52 -5.15 -2.93
C PHE A 12 9.05 -4.76 -3.02
N ILE A 13 8.73 -3.99 -4.04
CA ILE A 13 7.36 -3.53 -4.24
C ILE A 13 6.50 -4.72 -4.69
N ASP A 14 7.00 -5.43 -5.67
CA ASP A 14 6.28 -6.60 -6.19
C ASP A 14 5.96 -7.55 -5.04
N GLN A 15 6.95 -7.75 -4.19
CA GLN A 15 6.79 -8.63 -3.04
C GLN A 15 5.68 -8.11 -2.12
N VAL A 16 5.63 -6.79 -2.00
CA VAL A 16 4.63 -6.15 -1.16
C VAL A 16 3.25 -6.35 -1.78
N ILE A 17 3.16 -6.00 -3.07
CA ILE A 17 1.91 -6.14 -3.78
C ILE A 17 1.31 -7.52 -3.52
N GLU A 18 2.14 -8.53 -3.69
CA GLU A 18 1.70 -9.90 -3.47
C GLU A 18 0.91 -10.01 -2.16
N LYS A 19 1.47 -9.41 -1.12
CA LYS A 19 0.83 -9.43 0.18
C LYS A 19 -0.53 -8.71 0.08
N ILE A 20 -0.56 -7.69 -0.76
CA ILE A 20 -1.78 -6.93 -0.95
C ILE A 20 -2.80 -7.77 -1.71
N GLU A 21 -2.42 -8.16 -2.92
CA GLU A 21 -3.28 -8.97 -3.76
C GLU A 21 -4.04 -10.00 -2.90
N ASP A 22 -3.28 -10.72 -2.10
CA ASP A 22 -3.86 -11.74 -1.23
C ASP A 22 -4.89 -11.09 -0.31
N PHE A 23 -4.46 -10.00 0.33
CA PHE A 23 -5.34 -9.28 1.23
C PHE A 23 -6.60 -8.80 0.52
N LEU A 24 -6.44 -8.52 -0.77
CA LEU A 24 -7.55 -8.06 -1.58
C LEU A 24 -8.45 -9.24 -1.94
N GLN A 25 -7.82 -10.39 -2.14
CA GLN A 25 -8.54 -11.60 -2.48
C GLN A 25 -9.53 -11.96 -1.37
N SER A 26 -9.00 -12.03 -0.15
CA SER A 26 -9.83 -12.36 0.99
C SER A 26 -10.98 -11.36 1.12
N GLU A 27 -12.10 -11.86 1.63
CA GLU A 27 -13.28 -11.04 1.80
C GLU A 27 -13.30 -10.43 3.20
N GLU A 28 -13.39 -11.30 4.19
CA GLU A 28 -13.42 -10.87 5.58
C GLU A 28 -12.39 -9.75 5.81
N LYS A 29 -11.19 -9.99 5.28
CA LYS A 29 -10.11 -9.02 5.42
C LYS A 29 -10.67 -7.61 5.21
N ARG A 30 -10.26 -6.71 6.10
CA ARG A 30 -10.70 -5.34 6.01
C ARG A 30 -9.50 -4.40 5.79
N SER A 31 -8.40 -4.75 6.43
CA SER A 31 -7.19 -3.95 6.31
C SER A 31 -5.96 -4.87 6.38
N LEU A 32 -4.88 -4.39 5.79
CA LEU A 32 -3.64 -5.14 5.78
C LEU A 32 -2.55 -4.35 6.50
N GLU A 33 -1.56 -5.07 7.00
CA GLU A 33 -0.46 -4.45 7.72
C GLU A 33 0.87 -4.83 7.07
N LEU A 34 1.62 -3.81 6.70
CA LEU A 34 2.92 -4.02 6.07
C LEU A 34 4.02 -3.76 7.09
N ASP A 35 5.23 -4.18 6.73
CA ASP A 35 6.37 -3.99 7.60
C ASP A 35 6.69 -2.50 7.74
N PRO A 36 7.26 -2.13 8.91
CA PRO A 36 7.60 -0.74 9.17
C PRO A 36 8.85 -0.33 8.40
N CYS A 37 8.62 0.38 7.30
CA CYS A 37 9.72 0.83 6.46
C CYS A 37 10.47 1.93 7.21
N THR A 38 11.52 2.43 6.57
CA THR A 38 12.32 3.49 7.16
C THR A 38 11.82 4.86 6.71
N GLY A 39 11.76 5.04 5.40
CA GLY A 39 11.30 6.29 4.82
C GLY A 39 11.28 6.21 3.29
N PHE A 40 12.39 5.78 2.73
CA PHE A 40 12.51 5.65 1.29
C PHE A 40 11.56 4.58 0.75
N GLN A 41 11.82 3.35 1.17
CA GLN A 41 11.00 2.23 0.74
C GLN A 41 9.52 2.52 0.98
N ARG A 42 9.28 3.39 1.96
CA ARG A 42 7.91 3.76 2.31
C ARG A 42 7.29 4.57 1.17
N LYS A 43 8.03 5.55 0.70
CA LYS A 43 7.56 6.40 -0.38
C LYS A 43 7.34 5.55 -1.64
N LEU A 44 8.12 4.49 -1.74
CA LEU A 44 8.03 3.59 -2.87
C LEU A 44 6.64 2.94 -2.88
N ILE A 45 6.29 2.35 -1.75
CA ILE A 45 5.00 1.69 -1.62
C ILE A 45 3.89 2.68 -2.02
N TYR A 46 3.94 3.85 -1.43
CA TYR A 46 2.96 4.88 -1.71
C TYR A 46 3.04 5.33 -3.17
N GLN A 47 4.25 5.33 -3.69
CA GLN A 47 4.48 5.72 -5.07
C GLN A 47 3.86 4.70 -6.03
N THR A 48 4.06 3.44 -5.70
CA THR A 48 3.53 2.35 -6.51
C THR A 48 2.00 2.33 -6.43
N LEU A 49 1.51 1.92 -5.26
CA LEU A 49 0.07 1.84 -5.04
C LEU A 49 -0.59 3.08 -5.62
N SER A 50 0.14 4.18 -5.59
CA SER A 50 -0.38 5.44 -6.11
C SER A 50 -0.97 5.22 -7.50
N TRP A 51 -0.27 4.43 -8.29
CA TRP A 51 -0.72 4.13 -9.64
C TRP A 51 -1.15 2.67 -9.69
N LYS A 52 -0.48 1.86 -8.89
CA LYS A 52 -0.77 0.44 -8.84
C LYS A 52 -2.22 0.25 -8.36
N TYR A 53 -2.59 1.03 -7.35
CA TYR A 53 -3.92 0.95 -6.80
C TYR A 53 -4.32 2.29 -6.16
N PRO A 54 -4.75 3.24 -7.04
CA PRO A 54 -5.17 4.55 -6.57
C PRO A 54 -6.54 4.48 -5.91
N LYS A 55 -7.52 4.00 -6.68
CA LYS A 55 -8.88 3.88 -6.18
C LYS A 55 -9.21 2.41 -5.94
N GLY A 56 -9.17 2.03 -4.67
CA GLY A 56 -9.47 0.66 -4.28
C GLY A 56 -9.22 0.45 -2.79
N ILE A 57 -8.04 0.86 -2.35
CA ILE A 57 -7.67 0.72 -0.95
C ILE A 57 -7.21 2.07 -0.41
N HIS A 58 -6.78 2.06 0.85
CA HIS A 58 -6.31 3.28 1.48
C HIS A 58 -5.08 2.96 2.35
N VAL A 59 -4.00 3.64 2.02
CA VAL A 59 -2.74 3.44 2.74
C VAL A 59 -2.65 4.47 3.88
N GLU A 60 -2.29 3.98 5.05
CA GLU A 60 -2.17 4.84 6.22
C GLU A 60 -1.01 4.35 7.10
N THR A 61 -0.30 5.31 7.67
CA THR A 61 0.83 5.01 8.54
C THR A 61 0.37 4.97 9.99
N LEU A 62 0.26 3.76 10.51
CA LEU A 62 -0.15 3.57 11.89
C LEU A 62 1.08 3.42 12.78
N GLU A 63 1.02 4.09 13.92
CA GLU A 63 2.13 4.05 14.87
C GLU A 63 1.64 3.57 16.24
N THR A 64 2.33 2.56 16.76
CA THR A 64 1.97 2.00 18.05
C THR A 64 3.19 2.02 18.99
N ASP A 65 3.31 0.95 19.76
CA ASP A 65 4.42 0.83 20.70
C ASP A 65 5.58 0.12 20.02
N LYS A 66 5.34 -1.14 19.66
CA LYS A 66 6.36 -1.94 19.00
C LYS A 66 6.15 -1.87 17.48
N LYS A 67 4.89 -1.85 17.09
CA LYS A 67 4.55 -1.78 15.67
C LYS A 67 5.20 -0.54 15.05
N GLU A 68 5.03 0.58 15.75
CA GLU A 68 5.59 1.84 15.28
C GLU A 68 4.98 2.22 13.93
N ARG A 69 5.32 3.42 13.48
CA ARG A 69 4.81 3.92 12.21
C ARG A 69 5.04 2.87 11.11
N HIS A 70 3.98 2.15 10.80
CA HIS A 70 4.04 1.12 9.78
C HIS A 70 2.91 1.33 8.77
N ILE A 71 3.25 1.11 7.50
CA ILE A 71 2.28 1.28 6.42
C ILE A 71 1.14 0.27 6.61
N VAL A 72 -0.08 0.77 6.47
CA VAL A 72 -1.26 -0.08 6.62
C VAL A 72 -2.22 0.19 5.46
N ILE A 73 -2.86 -0.88 5.01
CA ILE A 73 -3.80 -0.79 3.92
C ILE A 73 -5.22 -1.08 4.44
N SER A 74 -6.19 -0.47 3.77
CA SER A 74 -7.58 -0.65 4.16
C SER A 74 -8.44 -0.87 2.91
N LYS A 75 -9.58 -1.49 3.12
CA LYS A 75 -10.51 -1.76 2.02
C LYS A 75 -11.28 -0.48 1.69
N VAL A 76 -11.17 -0.08 0.42
CA VAL A 76 -11.85 1.11 -0.03
C VAL A 76 -12.70 0.77 -1.26
N ASP A 77 -13.60 1.69 -1.59
CA ASP A 77 -14.48 1.50 -2.73
C ASP A 77 -14.80 2.86 -3.35
N GLU A 78 -15.32 2.80 -4.57
CA GLU A 78 -15.67 4.02 -5.29
C GLU A 78 -16.78 4.77 -4.54
N GLU A 79 -17.86 4.06 -4.28
CA GLU A 79 -19.00 4.64 -3.58
C GLU A 79 -18.53 5.28 -2.27
N GLU A 80 -18.01 4.44 -1.39
CA GLU A 80 -17.53 4.90 -0.10
C GLU A 80 -16.82 6.25 -0.25
N ARG A 81 -15.68 6.22 -0.91
CA ARG A 81 -14.90 7.42 -1.14
C ARG A 81 -15.70 8.41 -1.99
N SER A 82 -15.80 9.63 -1.47
CA SER A 82 -16.53 10.68 -2.16
C SER A 82 -15.72 11.16 -3.37
N GLY A 83 -14.44 11.39 -3.14
CA GLY A 83 -13.55 11.85 -4.20
C GLY A 83 -13.54 13.38 -4.27
N PRO A 84 -12.41 13.92 -4.80
CA PRO A 84 -12.26 15.35 -4.93
C PRO A 84 -13.09 15.89 -6.09
N SER A 85 -13.40 17.17 -6.03
CA SER A 85 -14.18 17.82 -7.06
C SER A 85 -13.25 18.47 -8.09
N SER A 86 -12.41 19.35 -7.60
CA SER A 86 -11.47 20.06 -8.46
C SER A 86 -10.55 19.05 -9.16
N GLY A 87 -9.90 18.22 -8.36
CA GLY A 87 -9.00 17.21 -8.88
C GLY A 87 -7.88 17.85 -9.70
N GLY A 1 12.16 3.12 -16.94
CA GLY A 1 12.33 1.68 -16.95
C GLY A 1 13.78 1.29 -17.21
N SER A 2 14.02 -0.01 -17.24
CA SER A 2 15.36 -0.53 -17.49
C SER A 2 16.36 0.20 -16.59
N SER A 3 16.38 -0.22 -15.33
CA SER A 3 17.29 0.39 -14.37
C SER A 3 17.41 -0.52 -13.14
N GLY A 4 18.65 -0.97 -12.89
CA GLY A 4 18.91 -1.85 -11.77
C GLY A 4 18.35 -1.24 -10.47
N SER A 5 18.76 -0.01 -10.21
CA SER A 5 18.32 0.69 -9.01
C SER A 5 16.81 0.49 -8.83
N SER A 6 16.09 0.64 -9.92
CA SER A 6 14.64 0.48 -9.90
C SER A 6 14.28 -0.98 -9.65
N GLY A 7 14.80 -1.84 -10.52
CA GLY A 7 14.54 -3.27 -10.40
C GLY A 7 14.62 -3.72 -8.95
N ASP A 8 15.61 -3.20 -8.25
CA ASP A 8 15.81 -3.55 -6.85
C ASP A 8 14.50 -3.36 -6.09
N GLN A 9 14.03 -2.12 -6.09
CA GLN A 9 12.79 -1.78 -5.41
C GLN A 9 11.60 -2.39 -6.14
N LYS A 10 11.77 -2.55 -7.46
CA LYS A 10 10.72 -3.11 -8.29
C LYS A 10 10.35 -4.50 -7.75
N LYS A 11 11.33 -5.16 -7.15
CA LYS A 11 11.13 -6.48 -6.60
C LYS A 11 10.48 -6.37 -5.22
N PHE A 12 11.03 -5.46 -4.41
CA PHE A 12 10.53 -5.24 -3.08
C PHE A 12 9.05 -4.82 -3.12
N ILE A 13 8.73 -4.00 -4.11
CA ILE A 13 7.37 -3.52 -4.26
C ILE A 13 6.47 -4.66 -4.74
N ASP A 14 6.95 -5.34 -5.78
CA ASP A 14 6.20 -6.46 -6.34
C ASP A 14 5.87 -7.46 -5.23
N GLN A 15 6.87 -7.70 -4.39
CA GLN A 15 6.69 -8.62 -3.28
C GLN A 15 5.63 -8.12 -2.31
N VAL A 16 5.61 -6.81 -2.15
CA VAL A 16 4.64 -6.18 -1.26
C VAL A 16 3.24 -6.30 -1.87
N ILE A 17 3.15 -5.89 -3.13
CA ILE A 17 1.88 -5.95 -3.84
C ILE A 17 1.23 -7.31 -3.60
N GLU A 18 2.04 -8.36 -3.77
CA GLU A 18 1.56 -9.71 -3.59
C GLU A 18 0.78 -9.82 -2.27
N LYS A 19 1.38 -9.31 -1.21
CA LYS A 19 0.76 -9.34 0.10
C LYS A 19 -0.61 -8.66 0.03
N ILE A 20 -0.65 -7.58 -0.74
CA ILE A 20 -1.88 -6.82 -0.89
C ILE A 20 -2.89 -7.65 -1.69
N GLU A 21 -2.39 -8.24 -2.77
CA GLU A 21 -3.23 -9.07 -3.62
C GLU A 21 -3.98 -10.10 -2.77
N ASP A 22 -3.21 -10.95 -2.12
CA ASP A 22 -3.79 -11.99 -1.28
C ASP A 22 -4.85 -11.37 -0.37
N PHE A 23 -4.48 -10.25 0.24
CA PHE A 23 -5.39 -9.56 1.13
C PHE A 23 -6.67 -9.14 0.41
N LEU A 24 -6.48 -8.65 -0.81
CA LEU A 24 -7.60 -8.20 -1.62
C LEU A 24 -8.47 -9.41 -1.97
N GLN A 25 -7.81 -10.53 -2.25
CA GLN A 25 -8.51 -11.75 -2.59
C GLN A 25 -9.45 -12.18 -1.45
N SER A 26 -8.94 -12.06 -0.24
CA SER A 26 -9.72 -12.42 0.93
C SER A 26 -10.95 -11.51 1.05
N GLU A 27 -12.02 -12.09 1.55
CA GLU A 27 -13.26 -11.34 1.72
C GLU A 27 -13.33 -10.74 3.13
N GLU A 28 -13.23 -11.62 4.11
CA GLU A 28 -13.27 -11.18 5.50
C GLU A 28 -12.31 -10.01 5.73
N LYS A 29 -11.07 -10.22 5.30
CA LYS A 29 -10.05 -9.20 5.45
C LYS A 29 -10.66 -7.83 5.15
N ARG A 30 -10.37 -6.88 6.04
CA ARG A 30 -10.88 -5.53 5.87
C ARG A 30 -9.72 -4.54 5.70
N SER A 31 -8.64 -4.82 6.41
CA SER A 31 -7.46 -3.97 6.34
C SER A 31 -6.19 -4.82 6.48
N LEU A 32 -5.21 -4.49 5.66
CA LEU A 32 -3.94 -5.21 5.68
C LEU A 32 -2.90 -4.36 6.39
N GLU A 33 -1.87 -5.03 6.90
CA GLU A 33 -0.80 -4.36 7.60
C GLU A 33 0.55 -4.75 7.00
N LEU A 34 1.31 -3.73 6.63
CA LEU A 34 2.62 -3.94 6.04
C LEU A 34 3.70 -3.70 7.10
N ASP A 35 4.90 -4.18 6.80
CA ASP A 35 6.02 -4.03 7.71
C ASP A 35 6.48 -2.57 7.71
N PRO A 36 7.07 -2.15 8.85
CA PRO A 36 7.57 -0.79 8.99
C PRO A 36 8.87 -0.60 8.20
N CYS A 37 8.81 0.33 7.26
CA CYS A 37 9.98 0.63 6.43
C CYS A 37 10.79 1.72 7.12
N THR A 38 12.04 1.85 6.69
CA THR A 38 12.93 2.84 7.26
C THR A 38 12.51 4.25 6.83
N GLY A 39 12.04 4.33 5.59
CA GLY A 39 11.60 5.61 5.04
C GLY A 39 11.48 5.55 3.52
N PHE A 40 12.65 5.56 2.88
CA PHE A 40 12.70 5.51 1.43
C PHE A 40 11.69 4.49 0.88
N GLN A 41 11.79 3.28 1.40
CA GLN A 41 10.90 2.21 0.97
C GLN A 41 9.44 2.63 1.16
N ARG A 42 9.12 3.04 2.38
CA ARG A 42 7.77 3.46 2.70
C ARG A 42 7.18 4.26 1.54
N LYS A 43 7.97 5.18 1.02
CA LYS A 43 7.54 6.01 -0.09
C LYS A 43 7.29 5.12 -1.31
N LEU A 44 8.25 4.25 -1.58
CA LEU A 44 8.14 3.34 -2.72
C LEU A 44 6.75 2.70 -2.72
N ILE A 45 6.35 2.22 -1.56
CA ILE A 45 5.06 1.59 -1.42
C ILE A 45 3.96 2.56 -1.87
N TYR A 46 3.93 3.71 -1.21
CA TYR A 46 2.95 4.73 -1.54
C TYR A 46 3.00 5.08 -3.02
N GLN A 47 4.15 5.62 -3.43
CA GLN A 47 4.33 6.01 -4.81
C GLN A 47 3.74 4.95 -5.75
N THR A 48 4.15 3.71 -5.54
CA THR A 48 3.68 2.60 -6.35
C THR A 48 2.15 2.51 -6.28
N LEU A 49 1.67 2.14 -5.11
CA LEU A 49 0.23 2.01 -4.90
C LEU A 49 -0.48 3.25 -5.46
N SER A 50 0.27 4.34 -5.52
CA SER A 50 -0.27 5.60 -6.03
C SER A 50 -0.85 5.39 -7.42
N TRP A 51 -0.14 4.59 -8.22
CA TRP A 51 -0.58 4.30 -9.57
C TRP A 51 -1.00 2.83 -9.62
N LYS A 52 -0.35 2.03 -8.79
CA LYS A 52 -0.65 0.62 -8.73
C LYS A 52 -2.09 0.42 -8.23
N TYR A 53 -2.46 1.24 -7.26
CA TYR A 53 -3.80 1.17 -6.70
C TYR A 53 -4.24 2.54 -6.17
N PRO A 54 -4.68 3.40 -7.12
CA PRO A 54 -5.14 4.74 -6.76
C PRO A 54 -6.52 4.69 -6.11
N LYS A 55 -7.44 4.03 -6.79
CA LYS A 55 -8.80 3.89 -6.28
C LYS A 55 -9.14 2.41 -6.12
N GLY A 56 -9.34 2.02 -4.87
CA GLY A 56 -9.67 0.64 -4.57
C GLY A 56 -9.24 0.27 -3.15
N ILE A 57 -8.14 0.88 -2.72
CA ILE A 57 -7.61 0.63 -1.39
C ILE A 57 -7.26 1.96 -0.73
N HIS A 58 -7.06 1.90 0.59
CA HIS A 58 -6.72 3.08 1.35
C HIS A 58 -5.48 2.81 2.21
N VAL A 59 -4.38 3.42 1.81
CA VAL A 59 -3.13 3.25 2.54
C VAL A 59 -2.99 4.36 3.57
N GLU A 60 -2.67 3.96 4.80
CA GLU A 60 -2.50 4.91 5.88
C GLU A 60 -1.28 4.53 6.73
N THR A 61 -0.86 5.49 7.54
CA THR A 61 0.29 5.28 8.41
C THR A 61 -0.13 5.38 9.88
N LEU A 62 0.23 4.36 10.64
CA LEU A 62 -0.10 4.32 12.05
C LEU A 62 1.17 4.01 12.85
N GLU A 63 1.26 4.65 14.01
CA GLU A 63 2.41 4.46 14.88
C GLU A 63 1.97 3.89 16.22
N THR A 64 2.70 2.87 16.67
CA THR A 64 2.39 2.23 17.93
C THR A 64 3.56 2.39 18.90
N ASP A 65 3.74 1.36 19.72
CA ASP A 65 4.82 1.36 20.70
C ASP A 65 6.06 0.70 20.09
N LYS A 66 5.92 -0.58 19.79
CA LYS A 66 7.02 -1.34 19.21
C LYS A 66 6.85 -1.38 17.68
N LYS A 67 5.60 -1.48 17.26
CA LYS A 67 5.29 -1.53 15.85
C LYS A 67 5.63 -0.18 15.20
N GLU A 68 5.63 0.86 16.05
CA GLU A 68 5.94 2.20 15.57
C GLU A 68 5.16 2.50 14.29
N ARG A 69 5.67 3.46 13.54
CA ARG A 69 5.04 3.85 12.29
C ARG A 69 5.09 2.71 11.29
N HIS A 70 3.92 2.15 11.01
CA HIS A 70 3.82 1.05 10.07
C HIS A 70 2.74 1.36 9.02
N ILE A 71 2.96 0.86 7.82
CA ILE A 71 2.02 1.08 6.73
C ILE A 71 0.87 0.08 6.86
N VAL A 72 -0.33 0.59 6.66
CA VAL A 72 -1.53 -0.24 6.75
C VAL A 72 -2.47 0.11 5.60
N ILE A 73 -3.10 -0.93 5.05
CA ILE A 73 -4.03 -0.73 3.95
C ILE A 73 -5.44 -1.08 4.42
N SER A 74 -6.42 -0.52 3.71
CA SER A 74 -7.81 -0.77 4.05
C SER A 74 -8.62 -1.02 2.77
N LYS A 75 -9.78 -1.62 2.96
CA LYS A 75 -10.66 -1.91 1.83
C LYS A 75 -11.48 -0.67 1.48
N VAL A 76 -11.37 -0.27 0.22
CA VAL A 76 -12.08 0.89 -0.26
C VAL A 76 -12.95 0.50 -1.46
N ASP A 77 -13.84 1.41 -1.82
CA ASP A 77 -14.73 1.17 -2.94
C ASP A 77 -15.00 2.49 -3.67
N GLU A 78 -15.31 2.37 -4.96
CA GLU A 78 -15.59 3.55 -5.77
C GLU A 78 -16.81 4.28 -5.22
N GLU A 79 -17.95 3.60 -5.29
CA GLU A 79 -19.19 4.18 -4.81
C GLU A 79 -18.95 4.99 -3.54
N GLU A 80 -18.50 4.30 -2.50
CA GLU A 80 -18.23 4.94 -1.23
C GLU A 80 -17.59 6.31 -1.46
N ARG A 81 -16.37 6.29 -1.94
CA ARG A 81 -15.63 7.51 -2.20
C ARG A 81 -16.46 8.44 -3.11
N SER A 82 -16.51 9.70 -2.71
CA SER A 82 -17.26 10.69 -3.47
C SER A 82 -16.50 11.06 -4.74
N GLY A 83 -15.22 11.37 -4.56
CA GLY A 83 -14.37 11.74 -5.69
C GLY A 83 -14.91 12.99 -6.39
N PRO A 84 -14.36 13.24 -7.61
CA PRO A 84 -14.78 14.38 -8.39
C PRO A 84 -16.14 14.15 -9.03
N SER A 85 -16.62 15.16 -9.74
CA SER A 85 -17.91 15.07 -10.40
C SER A 85 -17.75 14.43 -11.78
N SER A 86 -16.94 15.05 -12.60
CA SER A 86 -16.69 14.56 -13.95
C SER A 86 -16.43 13.05 -13.89
N GLY A 87 -15.40 12.68 -13.15
CA GLY A 87 -15.04 11.29 -13.00
C GLY A 87 -14.97 10.59 -14.37
#